data_9XIM
#
_entry.id   9XIM
#
_cell.length_a   143.450
_cell.length_b   143.450
_cell.length_c   231.500
_cell.angle_alpha   90.00
_cell.angle_beta   90.00
_cell.angle_gamma   120.00
#
_symmetry.space_group_name_H-M   'P 32 2 1'
#
loop_
_entity.id
_entity.type
_entity.pdbx_description
1 polymer 'D-XYLOSE ISOMERASE'
2 non-polymer D-xylose
3 non-polymer 'MANGANESE (II) ION'
4 water water
#
_entity_poly.entity_id   1
_entity_poly.type   'polypeptide(L)'
_entity_poly.pdbx_seq_one_letter_code
;SVQATREDKFSFGLWTVGWQARDAFGDATRTALDPVEAVHKLAEIGAYGITFHDDDLVPFGSDAQTRDGIIAGFKKALDE
TGLIVPMVTTNLFTHPVFKDGGFTSNDRSVRRYAIRKVLRQMDLGAELGAKTLVLWGGREGAEYDSAKDVSAALDRYREA
LNLLAQYSEDRGYGLRFAIEPKPNQPRGDILLPTAGHAIAFVQELERPELFGINPETGHEQMSNLNFTQGIAQALWHKKL
FHIDLNGQHGPKFDQDLVFGHGDLLNAFSLVDLLENGPDGAPAYDGPRHFDYKPSRTEDYDGVWESAKANIRMYLLLKER
AKAFRADPEVQEALAASKVAELKTPTLNPGEGYAELLADRSAFEDYDADAVGAKGFGFVKLNQLAIEHLLGAR
;
_entity_poly.pdbx_strand_id   A,B,C,D
#
loop_
_chem_comp.id
_chem_comp.type
_chem_comp.name
_chem_comp.formula
MN non-polymer 'MANGANESE (II) ION' 'Mn 2'
XLS D-saccharide D-xylose 'C5 H10 O5'
#
# COMPACT_ATOMS: atom_id res chain seq x y z
N VAL A 2 4.96 -17.18 32.29
CA VAL A 2 5.27 -18.07 31.15
C VAL A 2 4.00 -18.87 30.78
N GLN A 3 3.22 -19.13 31.82
CA GLN A 3 1.99 -19.92 31.60
C GLN A 3 0.73 -19.07 31.66
N ALA A 4 -0.19 -19.49 30.80
CA ALA A 4 -1.51 -18.87 30.66
C ALA A 4 -2.46 -19.30 31.78
N THR A 5 -3.31 -18.40 32.17
CA THR A 5 -4.34 -18.67 33.19
C THR A 5 -5.65 -18.25 32.53
N ARG A 6 -6.70 -18.78 33.09
CA ARG A 6 -8.08 -18.51 32.66
C ARG A 6 -8.30 -17.01 32.84
N GLU A 7 -7.56 -16.38 33.71
CA GLU A 7 -7.64 -14.94 33.97
C GLU A 7 -7.07 -14.14 32.80
N ASP A 8 -6.33 -14.81 31.92
CA ASP A 8 -5.73 -14.17 30.75
C ASP A 8 -6.75 -13.99 29.64
N LYS A 9 -7.77 -14.81 29.70
CA LYS A 9 -8.88 -14.82 28.76
C LYS A 9 -8.50 -15.01 27.31
N PHE A 10 -7.70 -16.00 27.04
CA PHE A 10 -7.29 -16.34 25.65
C PHE A 10 -8.39 -17.20 25.02
N SER A 11 -8.91 -16.83 23.87
CA SER A 11 -9.96 -17.61 23.18
C SER A 11 -9.46 -17.80 21.73
N PHE A 12 -9.99 -18.81 21.07
CA PHE A 12 -9.63 -19.14 19.72
C PHE A 12 -10.92 -19.53 18.98
N GLY A 13 -11.01 -19.21 17.71
CA GLY A 13 -12.21 -19.54 16.94
C GLY A 13 -11.96 -20.99 16.49
N LEU A 14 -13.02 -21.76 16.45
CA LEU A 14 -12.88 -23.16 16.00
C LEU A 14 -12.34 -23.14 14.58
N TRP A 15 -12.67 -22.10 13.82
CA TRP A 15 -12.25 -21.99 12.42
C TRP A 15 -10.77 -21.65 12.28
N THR A 16 -10.11 -21.35 13.37
CA THR A 16 -8.66 -20.99 13.33
C THR A 16 -7.82 -22.24 13.25
N VAL A 17 -7.65 -22.96 14.35
CA VAL A 17 -6.91 -24.24 14.42
C VAL A 17 -7.55 -25.23 13.47
N GLY A 18 -8.80 -25.05 13.12
CA GLY A 18 -9.55 -25.95 12.24
C GLY A 18 -9.40 -25.66 10.76
N TRP A 19 -8.69 -24.59 10.43
CA TRP A 19 -8.46 -24.20 9.03
C TRP A 19 -7.69 -25.29 8.28
N GLN A 20 -8.32 -25.82 7.24
CA GLN A 20 -7.74 -26.90 6.45
C GLN A 20 -6.72 -26.49 5.41
N ALA A 21 -6.47 -25.22 5.27
CA ALA A 21 -5.45 -24.64 4.39
C ALA A 21 -5.71 -24.74 2.90
N ARG A 22 -6.96 -24.62 2.53
CA ARG A 22 -7.43 -24.58 1.15
C ARG A 22 -7.45 -23.05 0.89
N ASP A 23 -6.51 -22.52 0.16
CA ASP A 23 -6.42 -21.09 -0.11
C ASP A 23 -6.97 -20.87 -1.52
N ALA A 24 -6.77 -19.65 -1.99
CA ALA A 24 -7.26 -19.27 -3.33
C ALA A 24 -6.53 -20.00 -4.46
N PHE A 25 -5.33 -20.49 -4.19
CA PHE A 25 -4.57 -21.17 -5.25
C PHE A 25 -4.31 -22.65 -5.02
N GLY A 26 -4.85 -23.27 -3.98
CA GLY A 26 -4.59 -24.71 -3.80
C GLY A 26 -5.61 -25.36 -2.91
N ASP A 27 -5.49 -26.67 -2.90
CA ASP A 27 -6.36 -27.58 -2.12
C ASP A 27 -5.89 -27.63 -0.67
N ALA A 28 -6.76 -28.15 0.14
CA ALA A 28 -6.51 -28.31 1.58
C ALA A 28 -5.27 -29.15 1.80
N THR A 29 -4.45 -28.83 2.79
CA THR A 29 -3.24 -29.62 3.08
C THR A 29 -3.42 -30.35 4.39
N ARG A 30 -4.52 -30.12 5.09
CA ARG A 30 -4.83 -30.75 6.38
C ARG A 30 -6.27 -31.28 6.34
N THR A 31 -6.48 -32.28 7.18
CA THR A 31 -7.81 -32.90 7.32
C THR A 31 -8.61 -32.04 8.31
N ALA A 32 -9.91 -32.35 8.32
CA ALA A 32 -10.88 -31.66 9.18
C ALA A 32 -10.64 -31.98 10.64
N LEU A 33 -10.81 -30.99 11.50
CA LEU A 33 -10.65 -31.12 12.94
C LEU A 33 -12.04 -31.25 13.57
N ASP A 34 -12.15 -32.22 14.46
CA ASP A 34 -13.38 -32.56 15.19
C ASP A 34 -13.54 -31.51 16.28
N PRO A 35 -14.71 -30.92 16.33
CA PRO A 35 -15.01 -29.87 17.30
C PRO A 35 -14.67 -30.29 18.71
N VAL A 36 -15.02 -31.53 19.01
CA VAL A 36 -14.77 -32.07 20.36
C VAL A 36 -13.28 -32.12 20.69
N GLU A 37 -12.50 -32.58 19.73
CA GLU A 37 -11.05 -32.64 19.87
C GLU A 37 -10.44 -31.25 20.02
N ALA A 38 -10.94 -30.31 19.22
CA ALA A 38 -10.48 -28.92 19.29
C ALA A 38 -10.68 -28.43 20.72
N VAL A 39 -11.85 -28.67 21.31
CA VAL A 39 -12.16 -28.27 22.69
C VAL A 39 -11.10 -28.79 23.68
N HIS A 40 -10.75 -30.06 23.55
CA HIS A 40 -9.75 -30.67 24.45
C HIS A 40 -8.35 -30.11 24.24
N LYS A 41 -7.91 -29.97 23.00
CA LYS A 41 -6.55 -29.41 22.75
C LYS A 41 -6.43 -27.96 23.17
N LEU A 42 -7.48 -27.19 22.98
CA LEU A 42 -7.38 -25.78 23.38
C LEU A 42 -7.37 -25.71 24.89
N ALA A 43 -8.18 -26.55 25.53
CA ALA A 43 -8.28 -26.51 26.98
C ALA A 43 -6.85 -26.75 27.50
N GLU A 44 -6.29 -27.71 26.80
CA GLU A 44 -4.95 -28.20 27.11
C GLU A 44 -3.89 -27.13 26.91
N ILE A 45 -3.96 -26.33 25.84
CA ILE A 45 -2.88 -25.33 25.71
C ILE A 45 -3.10 -24.11 26.57
N GLY A 46 -4.17 -23.98 27.33
CA GLY A 46 -4.42 -22.85 28.21
C GLY A 46 -5.51 -21.84 27.89
N ALA A 47 -6.26 -22.15 26.85
CA ALA A 47 -7.35 -21.28 26.40
C ALA A 47 -8.47 -21.37 27.44
N TYR A 48 -9.19 -20.30 27.61
CA TYR A 48 -10.31 -20.21 28.54
C TYR A 48 -11.64 -20.32 27.79
N GLY A 49 -11.65 -20.09 26.48
CA GLY A 49 -12.90 -20.13 25.74
C GLY A 49 -12.74 -20.42 24.28
N ILE A 50 -13.82 -20.81 23.64
CA ILE A 50 -13.82 -21.11 22.20
C ILE A 50 -14.99 -20.38 21.56
N THR A 51 -14.80 -20.04 20.28
CA THR A 51 -15.85 -19.32 19.55
C THR A 51 -16.10 -20.09 18.26
N PHE A 52 -17.20 -19.81 17.57
CA PHE A 52 -17.44 -20.55 16.31
C PHE A 52 -18.51 -19.83 15.50
N HIS A 53 -18.52 -20.16 14.22
CA HIS A 53 -19.53 -19.69 13.27
C HIS A 53 -20.57 -20.83 13.29
N ASP A 54 -21.85 -20.56 13.19
CA ASP A 54 -22.84 -21.63 13.16
C ASP A 54 -22.35 -22.79 12.28
N ASP A 55 -21.97 -22.51 11.05
CA ASP A 55 -21.55 -23.49 10.05
C ASP A 55 -20.21 -24.15 10.33
N ASP A 56 -19.46 -23.70 11.32
CA ASP A 56 -18.19 -24.32 11.70
C ASP A 56 -18.58 -25.55 12.56
N LEU A 57 -19.57 -25.43 13.43
CA LEU A 57 -20.02 -26.51 14.31
C LEU A 57 -21.05 -27.46 13.65
N VAL A 58 -22.06 -26.85 13.01
CA VAL A 58 -23.07 -27.66 12.35
C VAL A 58 -23.02 -27.40 10.85
N PRO A 59 -22.66 -28.42 10.13
CA PRO A 59 -22.58 -28.36 8.67
C PRO A 59 -23.85 -27.73 8.12
N PHE A 60 -23.65 -26.74 7.29
CA PHE A 60 -24.76 -26.03 6.63
C PHE A 60 -25.75 -27.10 6.19
N GLY A 61 -27.02 -26.98 6.46
CA GLY A 61 -28.01 -27.96 6.03
C GLY A 61 -28.19 -29.24 6.80
N SER A 62 -27.75 -29.35 8.02
CA SER A 62 -27.92 -30.56 8.83
C SER A 62 -29.39 -30.56 9.29
N ASP A 63 -29.95 -31.73 9.46
CA ASP A 63 -31.35 -31.80 9.95
C ASP A 63 -31.25 -31.48 11.45
N ALA A 64 -32.42 -31.31 12.05
CA ALA A 64 -32.41 -30.98 13.49
C ALA A 64 -31.85 -32.14 14.30
N GLN A 65 -32.08 -33.35 13.82
CA GLN A 65 -31.60 -34.53 14.56
C GLN A 65 -30.08 -34.43 14.65
N THR A 66 -29.43 -34.25 13.49
CA THR A 66 -27.98 -34.11 13.42
C THR A 66 -27.49 -32.89 14.19
N ARG A 67 -28.11 -31.77 13.90
CA ARG A 67 -27.79 -30.49 14.52
C ARG A 67 -27.77 -30.65 16.04
N ASP A 68 -28.84 -31.21 16.54
CA ASP A 68 -29.00 -31.42 17.99
C ASP A 68 -27.97 -32.34 18.63
N GLY A 69 -27.61 -33.36 17.87
CA GLY A 69 -26.64 -34.35 18.34
C GLY A 69 -25.29 -33.69 18.58
N ILE A 70 -24.89 -32.93 17.56
CA ILE A 70 -23.65 -32.16 17.52
C ILE A 70 -23.59 -31.19 18.71
N ILE A 71 -24.63 -30.41 18.84
CA ILE A 71 -24.64 -29.46 19.97
C ILE A 71 -24.46 -30.18 21.29
N ALA A 72 -25.19 -31.27 21.50
CA ALA A 72 -25.12 -32.06 22.74
C ALA A 72 -23.69 -32.53 23.05
N GLY A 73 -22.98 -33.04 22.06
CA GLY A 73 -21.60 -33.49 22.17
C GLY A 73 -20.62 -32.36 22.50
N PHE A 74 -20.82 -31.26 21.77
CA PHE A 74 -19.99 -30.06 21.97
C PHE A 74 -20.13 -29.59 23.42
N LYS A 75 -21.37 -29.49 23.85
CA LYS A 75 -21.78 -29.08 25.20
C LYS A 75 -21.08 -29.93 26.26
N LYS A 76 -20.99 -31.23 26.02
CA LYS A 76 -20.32 -32.14 26.95
C LYS A 76 -18.84 -31.81 27.16
N ALA A 77 -18.24 -31.59 25.99
CA ALA A 77 -16.81 -31.28 25.93
C ALA A 77 -16.55 -30.01 26.69
N LEU A 78 -17.39 -29.01 26.57
CA LEU A 78 -17.17 -27.75 27.29
C LEU A 78 -17.21 -28.02 28.79
N ASP A 79 -18.14 -28.89 29.10
CA ASP A 79 -18.45 -29.35 30.45
C ASP A 79 -17.26 -30.01 31.14
N GLU A 80 -16.75 -31.02 30.43
CA GLU A 80 -15.60 -31.76 30.93
C GLU A 80 -14.35 -30.92 31.04
N THR A 81 -14.12 -30.02 30.10
CA THR A 81 -12.92 -29.17 30.11
C THR A 81 -13.02 -27.86 30.83
N GLY A 82 -14.20 -27.32 31.07
CA GLY A 82 -14.31 -26.01 31.78
C GLY A 82 -14.18 -24.80 30.86
N LEU A 83 -14.20 -25.03 29.57
CA LEU A 83 -14.12 -23.95 28.58
C LEU A 83 -15.52 -23.35 28.44
N ILE A 84 -15.55 -22.07 28.20
CA ILE A 84 -16.78 -21.32 27.97
C ILE A 84 -16.74 -20.85 26.51
N VAL A 85 -17.84 -20.30 26.07
CA VAL A 85 -18.12 -19.75 24.75
C VAL A 85 -18.46 -18.27 24.98
N PRO A 86 -17.42 -17.45 24.90
CA PRO A 86 -17.61 -16.03 25.14
C PRO A 86 -18.32 -15.33 24.00
N MET A 87 -18.24 -15.89 22.80
CA MET A 87 -18.85 -15.18 21.66
C MET A 87 -19.19 -16.18 20.58
N VAL A 88 -20.15 -15.91 19.75
CA VAL A 88 -20.52 -16.77 18.61
C VAL A 88 -20.69 -15.81 17.43
N THR A 89 -20.62 -16.33 16.24
CA THR A 89 -20.80 -15.50 15.03
C THR A 89 -21.56 -16.33 14.00
N THR A 90 -22.02 -15.75 12.91
CA THR A 90 -22.77 -16.45 11.88
C THR A 90 -22.02 -16.39 10.56
N ASN A 91 -22.08 -17.45 9.80
CA ASN A 91 -21.41 -17.40 8.46
C ASN A 91 -22.39 -16.81 7.42
N LEU A 92 -22.16 -15.58 7.03
CA LEU A 92 -22.94 -14.87 6.02
C LEU A 92 -22.01 -14.56 4.82
N PHE A 93 -21.06 -15.45 4.52
CA PHE A 93 -20.13 -15.24 3.42
C PHE A 93 -19.81 -16.43 2.52
N THR A 94 -19.82 -17.65 2.99
CA THR A 94 -19.47 -18.84 2.23
C THR A 94 -20.45 -19.33 1.19
N HIS A 95 -21.66 -19.56 1.58
CA HIS A 95 -22.64 -20.03 0.58
C HIS A 95 -22.84 -19.02 -0.54
N PRO A 96 -22.93 -19.57 -1.76
CA PRO A 96 -23.13 -18.78 -2.98
C PRO A 96 -24.28 -17.78 -2.91
N VAL A 97 -25.29 -18.04 -2.11
CA VAL A 97 -26.45 -17.15 -1.99
C VAL A 97 -25.96 -15.79 -1.46
N PHE A 98 -24.91 -15.82 -0.66
CA PHE A 98 -24.38 -14.57 -0.08
C PHE A 98 -23.35 -13.88 -0.97
N LYS A 99 -23.27 -14.20 -2.25
CA LYS A 99 -22.27 -13.58 -3.13
C LYS A 99 -22.35 -12.07 -3.20
N ASP A 100 -23.44 -11.40 -2.94
CA ASP A 100 -23.52 -9.93 -2.97
C ASP A 100 -23.82 -9.40 -1.56
N GLY A 101 -23.63 -10.27 -0.55
CA GLY A 101 -23.85 -9.87 0.82
C GLY A 101 -25.00 -10.64 1.47
N GLY A 102 -25.14 -10.39 2.76
CA GLY A 102 -26.21 -11.02 3.57
C GLY A 102 -27.28 -9.90 3.76
N PHE A 103 -27.02 -9.13 4.79
CA PHE A 103 -27.91 -8.01 5.13
C PHE A 103 -28.06 -6.94 4.03
N THR A 104 -27.08 -6.82 3.15
CA THR A 104 -27.09 -5.81 2.11
C THR A 104 -27.08 -6.32 0.69
N SER A 105 -27.42 -7.54 0.45
CA SER A 105 -27.52 -8.12 -0.88
C SER A 105 -28.54 -7.29 -1.63
N ASN A 106 -28.38 -7.09 -2.93
CA ASN A 106 -29.37 -6.29 -3.66
C ASN A 106 -30.68 -7.08 -3.70
N ASP A 107 -30.57 -8.40 -3.58
CA ASP A 107 -31.74 -9.29 -3.61
C ASP A 107 -32.46 -9.31 -2.26
N ARG A 108 -33.69 -8.85 -2.29
CA ARG A 108 -34.48 -8.80 -1.06
C ARG A 108 -34.63 -10.11 -0.30
N SER A 109 -34.82 -11.20 -0.99
CA SER A 109 -35.04 -12.53 -0.42
C SER A 109 -33.80 -12.93 0.36
N VAL A 110 -32.64 -12.58 -0.17
CA VAL A 110 -31.37 -12.94 0.52
C VAL A 110 -31.28 -12.20 1.86
N ARG A 111 -31.75 -10.96 1.83
CA ARG A 111 -31.70 -10.16 3.06
C ARG A 111 -32.58 -10.77 4.14
N ARG A 112 -33.77 -11.26 3.79
CA ARG A 112 -34.71 -11.88 4.77
C ARG A 112 -34.06 -13.15 5.32
N TYR A 113 -33.56 -13.95 4.39
CA TYR A 113 -32.82 -15.17 4.75
C TYR A 113 -31.63 -14.91 5.68
N ALA A 114 -30.78 -13.92 5.39
CA ALA A 114 -29.62 -13.61 6.25
C ALA A 114 -30.01 -13.33 7.69
N ILE A 115 -31.07 -12.58 7.94
CA ILE A 115 -31.56 -12.23 9.28
C ILE A 115 -31.99 -13.49 10.01
N ARG A 116 -32.75 -14.34 9.30
CA ARG A 116 -33.25 -15.59 9.89
C ARG A 116 -32.05 -16.42 10.35
N LYS A 117 -31.03 -16.55 9.50
CA LYS A 117 -29.82 -17.35 9.84
C LYS A 117 -29.17 -16.85 11.12
N VAL A 118 -29.12 -15.55 11.31
CA VAL A 118 -28.55 -14.89 12.48
C VAL A 118 -29.41 -15.10 13.73
N LEU A 119 -30.72 -14.91 13.61
CA LEU A 119 -31.63 -15.09 14.75
C LEU A 119 -31.40 -16.49 15.34
N ARG A 120 -31.33 -17.44 14.43
CA ARG A 120 -31.08 -18.83 14.87
C ARG A 120 -29.79 -18.98 15.69
N GLN A 121 -28.67 -18.44 15.19
CA GLN A 121 -27.37 -18.50 15.83
C GLN A 121 -27.44 -17.73 17.16
N MET A 122 -28.22 -16.68 17.21
CA MET A 122 -28.38 -15.91 18.45
C MET A 122 -28.98 -16.86 19.52
N ASP A 123 -29.91 -17.70 19.11
CA ASP A 123 -30.55 -18.67 20.02
C ASP A 123 -29.50 -19.64 20.57
N LEU A 124 -28.67 -20.20 19.73
CA LEU A 124 -27.66 -21.15 20.22
C LEU A 124 -26.69 -20.47 21.16
N GLY A 125 -26.28 -19.27 20.75
CA GLY A 125 -25.37 -18.45 21.53
C GLY A 125 -25.87 -18.29 22.96
N ALA A 126 -27.12 -17.90 23.10
CA ALA A 126 -27.79 -17.64 24.39
C ALA A 126 -27.81 -18.94 25.19
N GLU A 127 -28.12 -20.02 24.52
CA GLU A 127 -28.14 -21.32 25.21
C GLU A 127 -26.75 -21.70 25.72
N LEU A 128 -25.68 -21.38 24.98
CA LEU A 128 -24.32 -21.69 25.45
C LEU A 128 -23.75 -20.63 26.40
N GLY A 129 -24.39 -19.55 26.75
CA GLY A 129 -23.91 -18.52 27.60
C GLY A 129 -23.06 -17.42 26.95
N ALA A 130 -22.99 -17.36 25.64
CA ALA A 130 -22.22 -16.33 24.92
C ALA A 130 -22.74 -14.94 25.29
N LYS A 131 -21.86 -13.99 25.41
CA LYS A 131 -22.21 -12.61 25.72
C LYS A 131 -22.07 -11.68 24.53
N THR A 132 -21.29 -12.09 23.53
CA THR A 132 -21.11 -11.20 22.38
C THR A 132 -21.48 -11.84 21.07
N LEU A 133 -22.14 -11.11 20.21
CA LEU A 133 -22.45 -11.64 18.87
C LEU A 133 -21.51 -10.81 17.94
N VAL A 134 -20.60 -11.45 17.22
CA VAL A 134 -19.70 -10.71 16.32
C VAL A 134 -20.35 -10.75 14.92
N LEU A 135 -20.36 -9.63 14.20
CA LEU A 135 -20.98 -9.59 12.87
C LEU A 135 -19.86 -9.18 11.91
N TRP A 136 -19.44 -10.06 11.04
CA TRP A 136 -18.39 -9.72 10.07
C TRP A 136 -19.12 -9.76 8.72
N GLY A 137 -19.35 -8.58 8.16
CA GLY A 137 -20.07 -8.46 6.89
C GLY A 137 -19.13 -8.53 5.70
N GLY A 138 -18.49 -9.67 5.58
CA GLY A 138 -17.48 -9.97 4.58
C GLY A 138 -17.90 -9.81 3.14
N ARG A 139 -19.19 -10.01 2.85
CA ARG A 139 -19.64 -9.88 1.45
C ARG A 139 -20.40 -8.58 1.29
N GLU A 140 -20.46 -7.74 2.33
CA GLU A 140 -21.24 -6.49 2.13
C GLU A 140 -20.33 -5.51 1.40
N GLY A 141 -20.66 -5.15 0.16
CA GLY A 141 -19.79 -4.18 -0.54
C GLY A 141 -19.83 -4.31 -2.04
N ALA A 142 -18.70 -4.16 -2.73
CA ALA A 142 -18.78 -4.28 -4.19
C ALA A 142 -17.41 -4.36 -4.85
N GLU A 143 -17.44 -4.68 -6.12
CA GLU A 143 -16.27 -4.71 -6.99
C GLU A 143 -16.38 -3.49 -7.91
N TYR A 144 -17.57 -3.01 -8.20
CA TYR A 144 -17.83 -1.85 -9.10
C TYR A 144 -18.71 -0.81 -8.45
N ASP A 145 -18.39 0.45 -8.56
CA ASP A 145 -19.16 1.53 -7.91
C ASP A 145 -20.65 1.60 -8.23
N SER A 146 -21.04 1.46 -9.49
CA SER A 146 -22.45 1.56 -9.85
C SER A 146 -23.32 0.41 -9.43
N ALA A 147 -22.76 -0.65 -8.89
CA ALA A 147 -23.47 -1.85 -8.48
C ALA A 147 -24.11 -1.82 -7.11
N LYS A 148 -23.67 -0.88 -6.31
CA LYS A 148 -24.14 -0.81 -4.92
C LYS A 148 -24.44 0.60 -4.47
N ASP A 149 -25.69 0.78 -4.05
CA ASP A 149 -26.13 2.09 -3.50
C ASP A 149 -25.74 2.05 -2.02
N VAL A 150 -24.62 2.72 -1.72
CA VAL A 150 -24.13 2.71 -0.32
C VAL A 150 -25.13 3.19 0.70
N SER A 151 -25.84 4.25 0.40
CA SER A 151 -26.85 4.85 1.27
C SER A 151 -27.94 3.81 1.57
N ALA A 152 -28.50 3.20 0.54
CA ALA A 152 -29.53 2.17 0.67
C ALA A 152 -28.98 1.00 1.51
N ALA A 153 -27.72 0.70 1.16
CA ALA A 153 -27.01 -0.40 1.85
C ALA A 153 -26.91 -0.16 3.36
N LEU A 154 -26.57 1.04 3.79
CA LEU A 154 -26.43 1.40 5.18
C LEU A 154 -27.81 1.40 5.85
N ASP A 155 -28.84 1.79 5.13
CA ASP A 155 -30.22 1.75 5.64
C ASP A 155 -30.58 0.27 5.95
N ARG A 156 -30.27 -0.61 4.99
CA ARG A 156 -30.58 -2.02 5.14
C ARG A 156 -29.75 -2.71 6.20
N TYR A 157 -28.53 -2.30 6.43
CA TYR A 157 -27.61 -2.84 7.45
C TYR A 157 -28.21 -2.49 8.82
N ARG A 158 -28.65 -1.25 8.97
CA ARG A 158 -29.26 -0.69 10.19
C ARG A 158 -30.59 -1.39 10.46
N GLU A 159 -31.41 -1.53 9.43
CA GLU A 159 -32.72 -2.18 9.56
C GLU A 159 -32.55 -3.55 10.21
N ALA A 160 -31.64 -4.35 9.69
CA ALA A 160 -31.36 -5.69 10.18
C ALA A 160 -30.83 -5.69 11.61
N LEU A 161 -29.87 -4.80 11.88
CA LEU A 161 -29.28 -4.73 13.22
C LEU A 161 -30.27 -4.31 14.29
N ASN A 162 -31.17 -3.40 13.98
CA ASN A 162 -32.17 -2.90 14.93
C ASN A 162 -33.13 -4.04 15.35
N LEU A 163 -33.41 -4.91 14.38
CA LEU A 163 -34.31 -6.05 14.63
C LEU A 163 -33.63 -7.02 15.59
N LEU A 164 -32.36 -7.27 15.34
CA LEU A 164 -31.55 -8.17 16.18
C LEU A 164 -31.47 -7.66 17.62
N ALA A 165 -31.30 -6.37 17.84
CA ALA A 165 -31.26 -5.84 19.22
C ALA A 165 -32.65 -5.97 19.87
N GLN A 166 -33.69 -5.71 19.09
CA GLN A 166 -35.09 -5.77 19.55
C GLN A 166 -35.33 -7.17 20.13
N TYR A 167 -35.03 -8.16 19.34
CA TYR A 167 -35.16 -9.56 19.68
C TYR A 167 -34.36 -10.00 20.89
N SER A 168 -33.08 -9.67 20.95
CA SER A 168 -32.21 -10.08 22.05
C SER A 168 -32.78 -9.52 23.34
N GLU A 169 -33.13 -8.24 23.26
CA GLU A 169 -33.69 -7.49 24.38
C GLU A 169 -35.02 -8.07 24.82
N ASP A 170 -35.90 -8.40 23.88
CA ASP A 170 -37.20 -8.98 24.22
C ASP A 170 -37.02 -10.38 24.79
N ARG A 171 -36.10 -11.18 24.30
CA ARG A 171 -35.88 -12.54 24.78
C ARG A 171 -35.02 -12.51 26.04
N GLY A 172 -34.55 -11.35 26.43
CA GLY A 172 -33.67 -11.20 27.58
C GLY A 172 -32.32 -11.88 27.39
N TYR A 173 -31.74 -11.99 26.19
CA TYR A 173 -30.43 -12.64 26.01
C TYR A 173 -29.24 -11.83 26.55
N GLY A 174 -29.40 -10.53 26.67
CA GLY A 174 -28.36 -9.62 27.16
C GLY A 174 -27.09 -9.66 26.30
N LEU A 175 -27.23 -9.85 24.98
CA LEU A 175 -26.05 -9.91 24.10
C LEU A 175 -25.56 -8.50 23.81
N ARG A 176 -24.29 -8.43 23.43
CA ARG A 176 -23.66 -7.17 22.99
C ARG A 176 -23.33 -7.49 21.54
N PHE A 177 -23.44 -6.52 20.66
CA PHE A 177 -23.16 -6.73 19.22
C PHE A 177 -21.85 -6.02 18.83
N ALA A 178 -21.01 -6.86 18.18
CA ALA A 178 -19.68 -6.32 17.76
C ALA A 178 -19.49 -6.42 16.24
N ILE A 179 -19.48 -5.25 15.58
CA ILE A 179 -19.32 -5.10 14.14
C ILE A 179 -17.80 -5.17 13.83
N GLU A 180 -17.50 -6.06 12.90
CA GLU A 180 -16.08 -6.23 12.54
C GLU A 180 -15.75 -5.60 11.20
N PRO A 181 -14.92 -4.57 11.25
CA PRO A 181 -14.47 -3.87 10.07
C PRO A 181 -13.38 -4.63 9.32
N LYS A 182 -13.35 -4.46 8.01
CA LYS A 182 -12.38 -5.01 7.10
C LYS A 182 -12.47 -4.20 5.80
N PRO A 183 -11.35 -3.78 5.23
CA PRO A 183 -11.33 -2.93 4.05
C PRO A 183 -11.64 -3.61 2.76
N ASN A 184 -11.20 -4.84 2.64
CA ASN A 184 -11.47 -5.60 1.39
C ASN A 184 -11.23 -7.09 1.60
N GLN A 185 -11.54 -7.89 0.60
CA GLN A 185 -11.33 -9.35 0.69
C GLN A 185 -12.35 -10.03 1.63
N PRO A 186 -13.33 -10.69 1.04
CA PRO A 186 -13.48 -10.92 -0.39
C PRO A 186 -14.08 -9.96 -1.35
N ARG A 187 -14.77 -8.91 -1.01
CA ARG A 187 -15.29 -7.96 -1.98
C ARG A 187 -14.13 -7.02 -2.32
N GLY A 188 -14.23 -6.33 -3.45
CA GLY A 188 -13.25 -5.35 -3.89
C GLY A 188 -13.06 -4.31 -2.76
N ASP A 189 -14.18 -3.84 -2.24
CA ASP A 189 -14.27 -2.90 -1.13
C ASP A 189 -15.47 -3.37 -0.30
N ILE A 190 -15.31 -3.46 0.97
CA ILE A 190 -16.35 -3.86 1.95
C ILE A 190 -16.95 -2.65 2.61
N LEU A 191 -18.24 -2.58 2.96
CA LEU A 191 -18.81 -1.42 3.67
C LEU A 191 -18.23 -1.39 5.08
N LEU A 192 -18.08 -0.24 5.68
CA LEU A 192 -17.49 -0.08 7.03
C LEU A 192 -16.07 -0.62 6.94
N PRO A 193 -15.21 -0.01 6.13
CA PRO A 193 -13.84 -0.45 5.94
C PRO A 193 -12.89 -0.31 7.09
N THR A 194 -13.04 0.51 8.09
CA THR A 194 -12.08 0.66 9.20
C THR A 194 -12.82 0.73 10.53
N ALA A 195 -12.05 0.68 11.59
CA ALA A 195 -12.63 0.76 12.96
C ALA A 195 -13.42 2.06 13.06
N GLY A 196 -12.92 3.14 12.47
CA GLY A 196 -13.55 4.46 12.46
C GLY A 196 -14.91 4.46 11.77
N HIS A 197 -15.00 3.89 10.58
CA HIS A 197 -16.26 3.81 9.85
C HIS A 197 -17.26 2.95 10.62
N ALA A 198 -16.80 1.89 11.26
CA ALA A 198 -17.72 1.00 12.01
C ALA A 198 -18.26 1.74 13.22
N ILE A 199 -17.45 2.51 13.94
CA ILE A 199 -17.89 3.28 15.11
C ILE A 199 -18.90 4.34 14.69
N ALA A 200 -18.62 5.12 13.66
CA ALA A 200 -19.55 6.15 13.21
C ALA A 200 -20.92 5.54 12.93
N PHE A 201 -20.98 4.44 12.24
CA PHE A 201 -22.19 3.72 11.85
C PHE A 201 -23.04 3.26 13.05
N VAL A 202 -22.42 2.68 14.03
CA VAL A 202 -23.03 2.16 15.28
C VAL A 202 -23.80 3.23 16.03
N GLN A 203 -23.24 4.44 16.00
CA GLN A 203 -23.77 5.64 16.64
C GLN A 203 -25.14 6.00 16.07
N GLU A 204 -25.48 5.47 14.91
CA GLU A 204 -26.75 5.73 14.23
C GLU A 204 -27.81 4.67 14.47
N LEU A 205 -27.53 3.61 15.23
CA LEU A 205 -28.56 2.58 15.45
C LEU A 205 -29.59 3.00 16.48
N GLU A 206 -30.65 2.22 16.62
CA GLU A 206 -31.70 2.53 17.59
C GLU A 206 -31.21 2.43 19.02
N ARG A 207 -30.51 1.41 19.39
CA ARG A 207 -29.97 1.23 20.76
C ARG A 207 -28.45 1.08 20.65
N PRO A 208 -27.81 2.20 20.40
CA PRO A 208 -26.35 2.27 20.21
C PRO A 208 -25.51 1.73 21.36
N GLU A 209 -26.03 1.75 22.58
CA GLU A 209 -25.37 1.26 23.77
C GLU A 209 -25.18 -0.24 23.68
N LEU A 210 -25.96 -0.94 22.86
CA LEU A 210 -25.79 -2.39 22.74
C LEU A 210 -24.73 -2.73 21.70
N PHE A 211 -24.27 -1.79 20.91
CA PHE A 211 -23.32 -1.97 19.83
C PHE A 211 -21.93 -1.36 19.97
N GLY A 212 -20.99 -2.14 19.47
CA GLY A 212 -19.56 -1.73 19.49
C GLY A 212 -18.85 -2.38 18.31
N ILE A 213 -17.53 -2.43 18.36
CA ILE A 213 -16.78 -3.07 17.25
C ILE A 213 -15.86 -4.18 17.75
N ASN A 214 -15.48 -5.03 16.85
CA ASN A 214 -14.55 -6.15 17.05
C ASN A 214 -13.45 -5.92 15.97
N PRO A 215 -12.49 -5.06 16.28
CA PRO A 215 -11.42 -4.75 15.33
C PRO A 215 -10.42 -5.90 15.28
N GLU A 216 -9.84 -6.14 14.13
CA GLU A 216 -8.82 -7.17 13.94
C GLU A 216 -7.48 -6.55 13.52
N THR A 217 -6.40 -6.94 14.14
CA THR A 217 -5.04 -6.44 13.84
C THR A 217 -4.75 -6.30 12.35
N GLY A 218 -4.75 -7.40 11.61
CA GLY A 218 -4.50 -7.40 10.19
C GLY A 218 -5.46 -6.60 9.36
N HIS A 219 -6.71 -6.47 9.73
CA HIS A 219 -7.70 -5.70 8.97
C HIS A 219 -7.26 -4.26 8.91
N GLU A 220 -6.92 -3.67 10.03
CA GLU A 220 -6.50 -2.26 10.01
C GLU A 220 -5.16 -2.13 9.28
N GLN A 221 -4.31 -3.11 9.42
CA GLN A 221 -2.98 -3.10 8.77
C GLN A 221 -3.10 -3.31 7.29
N MET A 222 -4.18 -3.83 6.78
CA MET A 222 -4.35 -4.01 5.31
C MET A 222 -4.44 -2.66 4.62
N SER A 223 -4.74 -1.62 5.37
CA SER A 223 -4.88 -0.24 4.86
C SER A 223 -3.68 0.60 5.33
N ASN A 224 -2.74 -0.07 5.95
CA ASN A 224 -1.53 0.49 6.52
C ASN A 224 -1.79 1.47 7.65
N LEU A 225 -2.89 1.23 8.40
CA LEU A 225 -3.25 2.09 9.54
C LEU A 225 -2.51 1.64 10.80
N ASN A 226 -2.49 2.45 11.82
CA ASN A 226 -1.82 2.13 13.10
C ASN A 226 -2.90 1.49 13.95
N PHE A 227 -2.73 0.18 14.13
CA PHE A 227 -3.69 -0.63 14.90
C PHE A 227 -3.79 -0.08 16.33
N THR A 228 -2.71 -0.01 17.07
CA THR A 228 -2.71 0.53 18.43
C THR A 228 -3.46 1.85 18.53
N GLN A 229 -3.18 2.82 17.67
CA GLN A 229 -3.84 4.12 17.70
C GLN A 229 -5.33 3.97 17.50
N GLY A 230 -5.72 3.09 16.58
CA GLY A 230 -7.16 2.84 16.32
C GLY A 230 -7.89 2.28 17.53
N ILE A 231 -7.28 1.38 18.29
CA ILE A 231 -7.81 0.72 19.48
C ILE A 231 -7.96 1.79 20.55
N ALA A 232 -6.96 2.66 20.58
CA ALA A 232 -6.96 3.77 21.54
C ALA A 232 -8.19 4.64 21.32
N GLN A 233 -8.45 4.87 20.02
CA GLN A 233 -9.64 5.68 19.68
C GLN A 233 -10.87 4.86 20.11
N ALA A 234 -10.92 3.59 19.82
CA ALA A 234 -12.05 2.72 20.15
C ALA A 234 -12.29 2.75 21.66
N LEU A 235 -11.21 2.69 22.41
CA LEU A 235 -11.29 2.74 23.86
C LEU A 235 -11.85 4.11 24.31
N TRP A 236 -11.37 5.18 23.67
CA TRP A 236 -11.86 6.50 24.06
C TRP A 236 -13.38 6.60 23.95
N HIS A 237 -13.96 5.98 22.93
CA HIS A 237 -15.38 5.93 22.62
C HIS A 237 -16.14 4.88 23.45
N LYS A 238 -15.40 3.99 24.05
CA LYS A 238 -15.94 2.89 24.87
C LYS A 238 -16.69 1.91 24.01
N LYS A 239 -16.14 1.69 22.84
CA LYS A 239 -16.79 0.78 21.88
C LYS A 239 -15.92 -0.42 21.62
N LEU A 240 -14.91 -0.68 22.42
CA LEU A 240 -14.09 -1.91 22.15
C LEU A 240 -14.79 -3.08 22.84
N PHE A 241 -15.72 -3.73 22.18
CA PHE A 241 -16.48 -4.84 22.77
C PHE A 241 -15.80 -6.19 22.73
N HIS A 242 -14.87 -6.34 21.82
CA HIS A 242 -14.12 -7.61 21.60
C HIS A 242 -12.90 -7.31 20.74
N ILE A 243 -12.01 -8.27 20.55
CA ILE A 243 -10.85 -7.90 19.69
C ILE A 243 -10.29 -9.16 19.06
N ASP A 244 -9.92 -9.05 17.81
CA ASP A 244 -9.32 -10.21 17.11
C ASP A 244 -7.81 -9.86 16.92
N LEU A 245 -6.94 -10.68 17.47
CA LEU A 245 -5.50 -10.50 17.39
C LEU A 245 -4.88 -11.47 16.39
N ASN A 246 -3.96 -10.94 15.59
CA ASN A 246 -3.30 -11.78 14.57
C ASN A 246 -2.16 -10.87 14.07
N GLY A 247 -1.46 -11.34 13.04
CA GLY A 247 -0.34 -10.62 12.43
C GLY A 247 -0.55 -10.42 10.95
N GLN A 248 0.05 -9.36 10.42
CA GLN A 248 -0.10 -9.08 8.97
C GLN A 248 1.13 -8.26 8.56
N HIS A 249 1.45 -8.33 7.28
CA HIS A 249 2.57 -7.53 6.73
C HIS A 249 2.03 -6.49 5.73
N GLY A 250 1.36 -5.45 6.23
CA GLY A 250 0.83 -4.34 5.45
C GLY A 250 -0.26 -4.64 4.45
N PRO A 251 -0.38 -3.75 3.46
CA PRO A 251 -1.39 -3.89 2.41
C PRO A 251 -1.13 -4.99 1.41
N LYS A 252 -1.71 -6.16 1.65
CA LYS A 252 -1.63 -7.36 0.81
C LYS A 252 -2.84 -8.20 1.28
N PHE A 253 -3.06 -9.38 0.75
CA PHE A 253 -4.13 -10.25 1.16
C PHE A 253 -3.99 -10.40 2.69
N ASP A 254 -5.10 -10.80 3.27
CA ASP A 254 -5.24 -11.02 4.73
C ASP A 254 -4.44 -12.25 5.10
N GLN A 255 -3.33 -12.09 5.78
CA GLN A 255 -2.43 -13.21 6.15
C GLN A 255 -2.86 -14.05 7.32
N ASP A 256 -3.38 -13.36 8.33
CA ASP A 256 -3.84 -14.04 9.55
C ASP A 256 -2.71 -14.85 10.22
N LEU A 257 -1.56 -14.23 10.34
CA LEU A 257 -0.41 -14.88 10.99
C LEU A 257 -0.69 -14.86 12.50
N VAL A 258 0.17 -15.54 13.24
CA VAL A 258 0.14 -15.57 14.71
C VAL A 258 0.29 -14.11 15.17
N PHE A 259 -0.32 -13.79 16.29
CA PHE A 259 -0.25 -12.46 16.88
C PHE A 259 1.23 -12.11 17.11
N GLY A 260 1.73 -11.00 16.63
CA GLY A 260 3.10 -10.56 16.80
C GLY A 260 4.07 -11.03 15.74
N HIS A 261 3.66 -11.82 14.77
CA HIS A 261 4.54 -12.32 13.71
C HIS A 261 4.53 -11.40 12.50
N GLY A 262 3.78 -10.32 12.56
CA GLY A 262 3.66 -9.31 11.50
C GLY A 262 4.35 -8.01 11.91
N ASP A 263 3.61 -7.04 12.40
CA ASP A 263 4.20 -5.76 12.85
C ASP A 263 4.44 -5.96 14.35
N LEU A 264 5.66 -6.36 14.66
CA LEU A 264 6.07 -6.64 16.05
C LEU A 264 6.08 -5.41 16.95
N LEU A 265 6.52 -4.28 16.43
CA LEU A 265 6.56 -3.04 17.23
C LEU A 265 5.15 -2.61 17.65
N ASN A 266 4.21 -2.70 16.77
CA ASN A 266 2.80 -2.34 17.02
C ASN A 266 2.17 -3.40 17.91
N ALA A 267 2.63 -4.65 17.85
CA ALA A 267 2.08 -5.71 18.70
C ALA A 267 2.48 -5.34 20.13
N PHE A 268 3.66 -4.78 20.27
CA PHE A 268 4.18 -4.35 21.59
C PHE A 268 3.40 -3.19 22.18
N SER A 269 3.23 -2.11 21.42
CA SER A 269 2.47 -0.93 21.87
C SER A 269 1.02 -1.34 22.17
N LEU A 270 0.43 -2.29 21.48
CA LEU A 270 -0.92 -2.78 21.66
C LEU A 270 -1.04 -3.46 23.02
N VAL A 271 -0.20 -4.41 23.37
CA VAL A 271 -0.24 -5.08 24.68
C VAL A 271 -0.08 -4.06 25.79
N ASP A 272 0.83 -3.16 25.59
CA ASP A 272 1.07 -2.04 26.53
C ASP A 272 -0.25 -1.26 26.72
N LEU A 273 -0.95 -0.90 25.66
CA LEU A 273 -2.23 -0.18 25.74
C LEU A 273 -3.28 -1.00 26.48
N LEU A 274 -3.49 -2.25 26.11
CA LEU A 274 -4.51 -3.08 26.73
C LEU A 274 -4.24 -3.42 28.19
N GLU A 275 -3.01 -3.70 28.54
CA GLU A 275 -2.65 -4.09 29.90
C GLU A 275 -2.26 -3.05 30.92
N ASN A 276 -1.58 -2.01 30.48
CA ASN A 276 -1.14 -0.97 31.43
C ASN A 276 -2.19 0.12 31.36
N GLY A 277 -3.35 -0.26 31.86
CA GLY A 277 -4.47 0.69 31.87
C GLY A 277 -4.31 1.59 33.12
N PRO A 278 -5.28 2.50 33.18
CA PRO A 278 -5.40 3.48 34.27
C PRO A 278 -5.49 2.75 35.62
N ASP A 279 -4.49 3.12 36.42
CA ASP A 279 -4.31 2.61 37.79
C ASP A 279 -3.91 1.13 37.86
N GLY A 280 -2.92 0.69 37.11
CA GLY A 280 -2.44 -0.69 37.10
C GLY A 280 -3.17 -1.71 36.22
N ALA A 281 -4.49 -1.63 36.35
CA ALA A 281 -5.47 -2.46 35.67
C ALA A 281 -5.49 -2.28 34.15
N PRO A 282 -5.85 -3.37 33.51
CA PRO A 282 -5.95 -3.41 32.05
C PRO A 282 -6.93 -2.32 31.67
N ALA A 283 -6.79 -1.84 30.48
CA ALA A 283 -7.74 -0.82 29.97
C ALA A 283 -8.87 -1.58 29.28
N TYR A 284 -8.69 -2.86 29.01
CA TYR A 284 -9.66 -3.73 28.35
C TYR A 284 -9.85 -5.01 29.14
N ASP A 285 -11.08 -5.41 29.32
CA ASP A 285 -11.48 -6.59 30.07
C ASP A 285 -12.08 -7.73 29.28
N GLY A 286 -12.21 -7.67 27.98
CA GLY A 286 -12.84 -8.79 27.26
C GLY A 286 -11.80 -9.84 26.88
N PRO A 287 -12.30 -10.81 26.10
CA PRO A 287 -11.46 -11.88 25.60
C PRO A 287 -10.35 -11.33 24.69
N ARG A 288 -9.23 -12.02 24.77
CA ARG A 288 -8.03 -11.81 23.97
C ARG A 288 -8.18 -13.00 23.00
N HIS A 289 -8.90 -12.79 21.92
CA HIS A 289 -9.27 -13.77 20.91
C HIS A 289 -8.33 -13.83 19.73
N PHE A 290 -7.82 -15.01 19.38
CA PHE A 290 -6.89 -15.06 18.22
C PHE A 290 -7.64 -15.45 16.97
N ASP A 291 -7.70 -14.58 15.98
CA ASP A 291 -8.43 -14.98 14.72
C ASP A 291 -7.25 -15.08 13.75
N TYR A 292 -6.65 -16.25 13.66
CA TYR A 292 -5.44 -16.46 12.85
C TYR A 292 -5.53 -17.80 12.13
N LYS A 293 -4.58 -18.13 11.30
CA LYS A 293 -4.55 -19.40 10.57
C LYS A 293 -3.16 -20.00 10.62
N PRO A 294 -3.12 -21.26 10.95
CA PRO A 294 -1.84 -21.97 10.99
C PRO A 294 -1.48 -22.04 9.50
N SER A 295 -0.25 -21.67 9.19
CA SER A 295 0.26 -21.62 7.82
C SER A 295 -0.02 -22.92 7.06
N ARG A 296 -0.28 -22.79 5.76
CA ARG A 296 -0.61 -23.92 4.89
C ARG A 296 0.44 -25.01 4.81
N THR A 297 1.68 -24.66 5.15
CA THR A 297 2.82 -25.55 5.12
C THR A 297 2.86 -26.42 6.38
N GLU A 298 2.01 -26.19 7.36
CA GLU A 298 2.07 -27.02 8.56
C GLU A 298 1.07 -28.15 8.63
N ASP A 299 1.40 -29.08 9.48
CA ASP A 299 0.57 -30.25 9.78
C ASP A 299 -0.03 -29.98 11.16
N TYR A 300 -0.74 -30.95 11.72
CA TYR A 300 -1.41 -30.75 13.03
C TYR A 300 -0.40 -30.43 14.10
N ASP A 301 0.82 -30.92 13.94
CA ASP A 301 1.83 -30.56 14.95
C ASP A 301 2.05 -29.03 14.88
N GLY A 302 2.16 -28.60 13.63
CA GLY A 302 2.38 -27.19 13.28
C GLY A 302 1.19 -26.38 13.82
N VAL A 303 0.02 -26.95 13.72
CA VAL A 303 -1.21 -26.31 14.23
C VAL A 303 -1.13 -26.08 15.73
N TRP A 304 -0.86 -27.08 16.55
CA TRP A 304 -0.84 -26.83 18.01
C TRP A 304 0.27 -25.91 18.43
N GLU A 305 1.38 -25.97 17.71
CA GLU A 305 2.54 -25.12 17.95
C GLU A 305 2.15 -23.67 17.76
N SER A 306 1.48 -23.44 16.65
CA SER A 306 1.01 -22.09 16.29
C SER A 306 -0.03 -21.60 17.28
N ALA A 307 -0.87 -22.48 17.81
CA ALA A 307 -1.90 -22.04 18.79
C ALA A 307 -1.12 -21.55 20.00
N LYS A 308 -0.18 -22.34 20.48
CA LYS A 308 0.60 -21.89 21.64
C LYS A 308 1.45 -20.67 21.33
N ALA A 309 1.95 -20.49 20.13
CA ALA A 309 2.79 -19.32 19.82
C ALA A 309 2.03 -18.03 20.10
N ASN A 310 0.72 -18.00 19.80
CA ASN A 310 -0.09 -16.79 20.05
C ASN A 310 -0.07 -16.41 21.53
N ILE A 311 -0.30 -17.41 22.38
CA ILE A 311 -0.31 -17.18 23.84
C ILE A 311 1.01 -16.66 24.34
N ARG A 312 2.03 -17.33 23.85
CA ARG A 312 3.45 -17.05 24.13
C ARG A 312 3.80 -15.61 23.77
N MET A 313 3.49 -15.25 22.54
CA MET A 313 3.78 -13.87 22.06
C MET A 313 3.12 -12.86 22.99
N TYR A 314 1.85 -13.06 23.29
CA TYR A 314 1.09 -12.15 24.14
C TYR A 314 1.70 -12.05 25.51
N LEU A 315 2.05 -13.16 26.13
CA LEU A 315 2.67 -13.12 27.49
C LEU A 315 4.09 -12.54 27.49
N LEU A 316 4.91 -12.79 26.48
CA LEU A 316 6.28 -12.22 26.40
C LEU A 316 6.20 -10.70 26.25
N LEU A 317 5.29 -10.22 25.41
CA LEU A 317 5.06 -8.77 25.20
C LEU A 317 4.54 -8.13 26.47
N LYS A 318 3.59 -8.73 27.16
CA LYS A 318 3.00 -8.19 28.39
C LYS A 318 4.08 -7.87 29.43
N GLU A 319 4.91 -8.87 29.54
CA GLU A 319 6.08 -8.95 30.41
C GLU A 319 7.02 -7.80 30.15
N ARG A 320 7.30 -7.51 28.89
CA ARG A 320 8.19 -6.38 28.55
C ARG A 320 7.48 -5.05 28.65
N ALA A 321 6.17 -5.03 28.43
CA ALA A 321 5.41 -3.75 28.53
C ALA A 321 5.43 -3.33 30.00
N LYS A 322 5.26 -4.32 30.87
CA LYS A 322 5.28 -4.04 32.31
C LYS A 322 6.60 -3.44 32.80
N ALA A 323 7.68 -4.07 32.33
CA ALA A 323 9.05 -3.70 32.67
C ALA A 323 9.38 -2.33 32.06
N PHE A 324 8.90 -2.05 30.87
CA PHE A 324 9.10 -0.77 30.21
C PHE A 324 8.57 0.33 31.10
N ARG A 325 7.33 0.22 31.50
CA ARG A 325 6.65 1.21 32.34
C ARG A 325 7.23 1.35 33.75
N ALA A 326 7.72 0.25 34.28
CA ALA A 326 8.31 0.22 35.63
C ALA A 326 9.71 0.81 35.75
N ASP A 327 10.39 0.96 34.64
CA ASP A 327 11.75 1.50 34.55
C ASP A 327 11.80 3.00 34.79
N PRO A 328 12.47 3.39 35.86
CA PRO A 328 12.65 4.79 36.26
C PRO A 328 13.26 5.64 35.16
N GLU A 329 14.13 5.04 34.36
CA GLU A 329 14.74 5.75 33.23
C GLU A 329 13.65 6.08 32.19
N VAL A 330 12.71 5.17 31.95
CA VAL A 330 11.61 5.34 31.01
C VAL A 330 10.75 6.45 31.59
N GLN A 331 10.55 6.29 32.90
CA GLN A 331 9.73 7.23 33.68
C GLN A 331 10.34 8.61 33.49
N GLU A 332 11.64 8.72 33.51
CA GLU A 332 12.30 10.02 33.31
C GLU A 332 12.16 10.52 31.89
N ALA A 333 12.28 9.63 30.91
CA ALA A 333 12.15 10.03 29.51
C ALA A 333 10.71 10.44 29.26
N LEU A 334 9.72 9.78 29.84
CA LEU A 334 8.31 10.17 29.62
C LEU A 334 8.05 11.60 30.10
N ALA A 335 8.68 11.93 31.20
CA ALA A 335 8.58 13.26 31.83
C ALA A 335 9.18 14.32 30.90
N ALA A 336 10.39 14.05 30.43
CA ALA A 336 11.09 14.96 29.51
C ALA A 336 10.29 15.08 28.20
N SER A 337 9.60 14.03 27.77
CA SER A 337 8.81 14.18 26.52
C SER A 337 7.44 14.80 26.76
N LYS A 338 7.11 15.08 28.00
CA LYS A 338 5.81 15.66 28.37
C LYS A 338 4.58 14.85 27.98
N VAL A 339 4.71 13.54 27.92
CA VAL A 339 3.57 12.70 27.53
C VAL A 339 2.36 12.91 28.45
N ALA A 340 2.60 13.01 29.74
CA ALA A 340 1.51 13.14 30.70
C ALA A 340 0.93 14.53 30.74
N GLU A 341 1.68 15.49 30.28
CA GLU A 341 1.25 16.87 30.23
C GLU A 341 0.07 16.95 29.29
N LEU A 342 -0.16 15.96 28.44
CA LEU A 342 -1.29 16.04 27.50
C LEU A 342 -2.58 15.81 28.27
N LYS A 343 -2.47 15.28 29.49
CA LYS A 343 -3.63 15.01 30.32
C LYS A 343 -4.16 16.21 31.03
N THR A 344 -3.38 17.26 31.12
CA THR A 344 -3.81 18.51 31.78
C THR A 344 -4.62 19.34 30.78
N PRO A 345 -5.79 19.78 31.15
CA PRO A 345 -6.63 20.56 30.26
C PRO A 345 -5.83 21.76 29.76
N THR A 346 -6.15 22.13 28.52
CA THR A 346 -5.49 23.28 27.89
C THR A 346 -5.95 24.54 28.62
N LEU A 347 -7.21 24.53 29.01
CA LEU A 347 -7.83 25.65 29.71
C LEU A 347 -7.78 25.48 31.23
N ASN A 348 -7.61 26.61 31.92
CA ASN A 348 -7.62 26.66 33.38
C ASN A 348 -9.09 26.43 33.79
N PRO A 349 -9.23 26.10 35.04
CA PRO A 349 -10.59 25.83 35.60
C PRO A 349 -11.45 27.09 35.47
N GLY A 350 -12.59 26.91 34.85
CA GLY A 350 -13.60 27.90 34.57
C GLY A 350 -13.18 28.87 33.49
N GLU A 351 -12.06 28.64 32.86
CA GLU A 351 -11.59 29.57 31.80
C GLU A 351 -12.32 29.34 30.51
N GLY A 352 -12.78 30.38 29.86
CA GLY A 352 -13.52 30.31 28.59
C GLY A 352 -12.81 31.16 27.55
N TYR A 353 -13.48 31.41 26.44
CA TYR A 353 -12.89 32.19 25.35
C TYR A 353 -12.44 33.58 25.78
N ALA A 354 -13.27 34.28 26.56
CA ALA A 354 -12.94 35.66 27.00
C ALA A 354 -11.72 35.73 27.89
N GLU A 355 -11.56 34.83 28.82
CA GLU A 355 -10.37 34.83 29.69
C GLU A 355 -9.17 34.46 28.81
N LEU A 356 -9.37 33.53 27.87
CA LEU A 356 -8.26 33.14 27.00
C LEU A 356 -7.87 34.28 26.07
N LEU A 357 -8.84 35.01 25.57
CA LEU A 357 -8.57 36.16 24.68
C LEU A 357 -7.84 37.27 25.43
N ALA A 358 -8.05 37.31 26.74
CA ALA A 358 -7.41 38.36 27.55
C ALA A 358 -6.04 37.93 28.02
N ASP A 359 -5.66 36.67 27.83
CA ASP A 359 -4.34 36.19 28.29
C ASP A 359 -3.28 36.44 27.22
N ARG A 360 -2.46 37.46 27.43
CA ARG A 360 -1.42 37.88 26.49
C ARG A 360 -0.30 36.87 26.34
N SER A 361 -0.17 36.03 27.34
CA SER A 361 0.84 34.98 27.36
C SER A 361 0.46 33.86 26.39
N ALA A 362 -0.76 33.74 25.95
CA ALA A 362 -1.20 32.70 25.03
C ALA A 362 -1.10 33.17 23.59
N PHE A 363 -0.65 34.42 23.41
CA PHE A 363 -0.56 34.89 21.99
C PHE A 363 0.35 36.07 21.80
N GLU A 364 -0.07 37.26 22.17
CA GLU A 364 0.63 38.53 22.07
C GLU A 364 2.04 38.51 22.60
N ASP A 365 2.28 37.99 23.77
CA ASP A 365 3.60 37.91 24.37
C ASP A 365 4.18 36.47 24.32
N TYR A 366 3.66 35.63 23.44
CA TYR A 366 4.13 34.25 23.34
C TYR A 366 5.36 34.14 22.45
N ASP A 367 6.38 33.50 22.98
CA ASP A 367 7.63 33.34 22.20
C ASP A 367 7.63 31.98 21.48
N ALA A 368 7.01 31.94 20.34
CA ALA A 368 6.87 30.73 19.52
C ALA A 368 8.21 30.18 19.03
N ASP A 369 9.10 31.08 18.67
CA ASP A 369 10.46 30.71 18.18
C ASP A 369 11.22 29.94 19.27
N ALA A 370 11.19 30.47 20.46
CA ALA A 370 11.87 29.82 21.58
C ALA A 370 11.27 28.47 21.94
N VAL A 371 9.94 28.37 22.00
CA VAL A 371 9.35 27.06 22.34
C VAL A 371 9.61 26.16 21.13
N GLY A 372 9.54 26.70 19.93
CA GLY A 372 9.74 25.87 18.74
C GLY A 372 11.07 25.15 18.66
N ALA A 373 12.06 25.67 19.39
CA ALA A 373 13.39 25.06 19.37
C ALA A 373 13.66 23.96 20.39
N LYS A 374 12.87 23.77 21.43
CA LYS A 374 13.12 22.73 22.43
C LYS A 374 12.76 21.38 21.82
N GLY A 375 13.56 20.38 22.01
CA GLY A 375 13.26 19.05 21.44
C GLY A 375 12.33 18.33 22.41
N PHE A 376 11.66 17.33 21.87
CA PHE A 376 10.73 16.53 22.69
C PHE A 376 11.39 15.26 23.22
N GLY A 377 12.57 14.86 22.76
CA GLY A 377 13.20 13.63 23.25
C GLY A 377 12.47 12.34 22.92
N PHE A 378 11.70 12.33 21.84
CA PHE A 378 10.91 11.16 21.40
C PHE A 378 11.74 9.99 20.87
N VAL A 379 12.87 10.23 20.19
CA VAL A 379 13.67 9.12 19.66
C VAL A 379 14.25 8.26 20.80
N LYS A 380 14.77 8.97 21.78
CA LYS A 380 15.31 8.36 22.97
C LYS A 380 14.23 7.60 23.69
N LEU A 381 13.02 8.07 23.92
CA LEU A 381 11.97 7.34 24.59
C LEU A 381 11.69 6.08 23.76
N ASN A 382 11.61 6.21 22.45
CA ASN A 382 11.35 5.10 21.53
C ASN A 382 12.38 3.96 21.60
N GLN A 383 13.63 4.36 21.72
CA GLN A 383 14.82 3.49 21.81
C GLN A 383 14.75 2.72 23.13
N LEU A 384 14.33 3.35 24.22
CA LEU A 384 14.19 2.70 25.53
C LEU A 384 13.12 1.60 25.42
N ALA A 385 12.02 1.88 24.74
CA ALA A 385 10.93 0.92 24.51
C ALA A 385 11.42 -0.31 23.72
N ILE A 386 12.13 -0.09 22.62
CA ILE A 386 12.67 -1.22 21.83
C ILE A 386 13.69 -2.04 22.60
N GLU A 387 14.53 -1.40 23.39
CA GLU A 387 15.50 -2.13 24.23
C GLU A 387 14.81 -3.00 25.24
N HIS A 388 13.69 -2.54 25.79
CA HIS A 388 12.91 -3.38 26.74
C HIS A 388 12.33 -4.53 25.92
N LEU A 389 11.80 -4.19 24.75
CA LEU A 389 11.23 -5.23 23.89
C LEU A 389 12.27 -6.31 23.60
N LEU A 390 13.49 -5.91 23.37
CA LEU A 390 14.59 -6.82 22.98
C LEU A 390 15.19 -7.56 24.19
N GLY A 391 14.69 -7.20 25.35
CA GLY A 391 15.25 -7.85 26.54
C GLY A 391 16.69 -7.34 26.73
N ALA A 392 16.99 -6.11 26.37
CA ALA A 392 18.35 -5.58 26.54
C ALA A 392 18.47 -4.67 27.75
N ARG A 393 17.38 -4.36 28.41
CA ARG A 393 17.27 -3.47 29.57
C ARG A 393 16.42 -4.28 30.58
N VAL B 2 -15.90 -1.47 -32.01
CA VAL B 2 -15.15 -2.10 -33.12
C VAL B 2 -15.31 -3.63 -33.05
N GLN B 3 -14.52 -4.31 -33.87
CA GLN B 3 -14.54 -5.78 -33.92
C GLN B 3 -13.12 -6.35 -33.90
N ALA B 4 -12.96 -7.43 -33.17
CA ALA B 4 -11.65 -8.07 -33.06
C ALA B 4 -11.35 -8.88 -34.31
N THR B 5 -10.12 -8.93 -34.74
CA THR B 5 -9.68 -9.73 -35.88
C THR B 5 -8.59 -10.68 -35.32
N ARG B 6 -8.21 -11.70 -36.06
CA ARG B 6 -7.18 -12.63 -35.55
C ARG B 6 -5.83 -11.93 -35.53
N GLU B 7 -5.74 -10.83 -36.27
CA GLU B 7 -4.51 -10.02 -36.32
C GLU B 7 -4.31 -9.26 -35.01
N ASP B 8 -5.31 -9.07 -34.18
CA ASP B 8 -5.25 -8.39 -32.88
C ASP B 8 -4.58 -9.33 -31.87
N LYS B 9 -4.66 -10.61 -32.15
CA LYS B 9 -4.10 -11.68 -31.33
C LYS B 9 -4.59 -11.68 -29.89
N PHE B 10 -5.88 -11.70 -29.71
CA PHE B 10 -6.43 -11.74 -28.34
C PHE B 10 -6.48 -13.22 -27.94
N SER B 11 -5.87 -13.57 -26.83
CA SER B 11 -5.89 -14.93 -26.29
C SER B 11 -6.39 -14.86 -24.83
N PHE B 12 -6.86 -16.00 -24.35
CA PHE B 12 -7.42 -16.19 -23.03
C PHE B 12 -7.04 -17.58 -22.50
N GLY B 13 -6.85 -17.69 -21.21
CA GLY B 13 -6.54 -18.99 -20.58
C GLY B 13 -7.90 -19.65 -20.30
N LEU B 14 -7.83 -20.96 -20.33
CA LEU B 14 -8.98 -21.81 -20.08
C LEU B 14 -9.44 -21.57 -18.66
N TRP B 15 -8.53 -21.27 -17.76
CA TRP B 15 -8.80 -21.04 -16.34
C TRP B 15 -9.45 -19.69 -16.07
N THR B 16 -9.53 -18.83 -17.08
CA THR B 16 -10.07 -17.49 -16.92
C THR B 16 -11.57 -17.63 -16.95
N VAL B 17 -12.13 -17.81 -18.14
CA VAL B 17 -13.57 -18.00 -18.32
C VAL B 17 -14.02 -19.28 -17.62
N GLY B 18 -13.10 -20.18 -17.32
CA GLY B 18 -13.46 -21.42 -16.64
C GLY B 18 -13.37 -21.22 -15.12
N TRP B 19 -13.04 -20.07 -14.57
CA TRP B 19 -12.95 -19.96 -13.10
C TRP B 19 -14.37 -20.07 -12.52
N GLN B 20 -14.50 -21.06 -11.67
CA GLN B 20 -15.76 -21.41 -11.00
C GLN B 20 -16.13 -20.50 -9.84
N ALA B 21 -15.21 -19.63 -9.47
CA ALA B 21 -15.45 -18.63 -8.44
C ALA B 21 -15.46 -19.10 -6.99
N ARG B 22 -14.65 -20.08 -6.70
CA ARG B 22 -14.47 -20.55 -5.31
C ARG B 22 -13.34 -19.63 -4.82
N ASP B 23 -13.58 -18.72 -3.90
CA ASP B 23 -12.52 -17.78 -3.43
C ASP B 23 -12.06 -18.24 -2.04
N ALA B 24 -11.21 -17.44 -1.43
CA ALA B 24 -10.65 -17.83 -0.11
C ALA B 24 -11.75 -17.97 0.93
N PHE B 25 -12.86 -17.27 0.70
CA PHE B 25 -13.96 -17.24 1.66
C PHE B 25 -15.27 -17.89 1.26
N GLY B 26 -15.37 -18.57 0.14
CA GLY B 26 -16.67 -19.13 -0.25
C GLY B 26 -16.53 -20.14 -1.37
N ASP B 27 -17.61 -20.87 -1.51
CA ASP B 27 -17.78 -21.93 -2.49
C ASP B 27 -17.97 -21.36 -3.89
N ALA B 28 -17.77 -22.27 -4.81
CA ALA B 28 -17.90 -22.01 -6.25
C ALA B 28 -19.32 -21.59 -6.53
N THR B 29 -19.48 -20.60 -7.38
CA THR B 29 -20.78 -20.06 -7.78
C THR B 29 -21.19 -20.45 -9.19
N ARG B 30 -20.29 -21.11 -9.90
CA ARG B 30 -20.56 -21.54 -11.28
C ARG B 30 -20.15 -23.00 -11.44
N THR B 31 -20.79 -23.69 -12.37
CA THR B 31 -20.39 -25.09 -12.61
C THR B 31 -19.15 -25.06 -13.52
N ALA B 32 -18.57 -26.25 -13.64
CA ALA B 32 -17.36 -26.41 -14.47
C ALA B 32 -17.64 -26.16 -15.95
N LEU B 33 -16.64 -25.57 -16.61
CA LEU B 33 -16.71 -25.23 -18.03
C LEU B 33 -16.04 -26.31 -18.88
N ASP B 34 -16.75 -26.80 -19.87
CA ASP B 34 -16.19 -27.85 -20.76
C ASP B 34 -15.22 -27.14 -21.73
N PRO B 35 -14.02 -27.70 -21.80
CA PRO B 35 -12.96 -27.16 -22.64
C PRO B 35 -13.32 -26.95 -24.09
N VAL B 36 -14.06 -27.87 -24.67
CA VAL B 36 -14.47 -27.79 -26.09
C VAL B 36 -15.43 -26.63 -26.28
N GLU B 37 -16.32 -26.48 -25.31
CA GLU B 37 -17.29 -25.37 -25.30
C GLU B 37 -16.53 -24.05 -25.23
N ALA B 38 -15.53 -24.04 -24.34
CA ALA B 38 -14.65 -22.89 -24.12
C ALA B 38 -14.06 -22.53 -25.49
N VAL B 39 -13.48 -23.49 -26.18
CA VAL B 39 -12.89 -23.22 -27.51
C VAL B 39 -13.91 -22.57 -28.44
N HIS B 40 -15.08 -23.17 -28.48
CA HIS B 40 -16.15 -22.65 -29.35
C HIS B 40 -16.57 -21.26 -28.93
N LYS B 41 -16.83 -21.07 -27.63
CA LYS B 41 -17.26 -19.76 -27.12
C LYS B 41 -16.23 -18.67 -27.38
N LEU B 42 -14.97 -18.98 -27.13
CA LEU B 42 -13.93 -17.96 -27.35
C LEU B 42 -13.77 -17.67 -28.84
N ALA B 43 -13.89 -18.71 -29.65
CA ALA B 43 -13.74 -18.51 -31.12
C ALA B 43 -14.77 -17.49 -31.59
N GLU B 44 -15.95 -17.64 -31.05
CA GLU B 44 -17.12 -16.80 -31.33
C GLU B 44 -16.93 -15.35 -30.90
N ILE B 45 -16.27 -15.05 -29.80
CA ILE B 45 -16.09 -13.67 -29.33
C ILE B 45 -14.93 -12.95 -30.00
N GLY B 46 -14.09 -13.64 -30.74
CA GLY B 46 -12.96 -13.06 -31.46
C GLY B 46 -11.55 -13.44 -31.05
N ALA B 47 -11.40 -14.34 -30.09
CA ALA B 47 -10.06 -14.74 -29.63
C ALA B 47 -9.38 -15.46 -30.77
N TYR B 48 -8.07 -15.36 -30.84
CA TYR B 48 -7.33 -16.07 -31.91
C TYR B 48 -6.64 -17.28 -31.32
N GLY B 49 -6.52 -17.35 -29.99
CA GLY B 49 -5.83 -18.50 -29.36
C GLY B 49 -6.34 -18.78 -27.96
N ILE B 50 -6.00 -19.96 -27.46
CA ILE B 50 -6.38 -20.38 -26.11
C ILE B 50 -5.12 -20.93 -25.45
N THR B 51 -5.03 -20.82 -24.16
CA THR B 51 -3.88 -21.30 -23.38
C THR B 51 -4.41 -22.08 -22.20
N PHE B 52 -3.54 -22.81 -21.52
CA PHE B 52 -4.03 -23.58 -20.36
C PHE B 52 -2.91 -24.15 -19.54
N HIS B 53 -3.22 -24.53 -18.32
CA HIS B 53 -2.27 -25.21 -17.44
C HIS B 53 -2.60 -26.70 -17.77
N ASP B 54 -1.61 -27.53 -17.59
CA ASP B 54 -1.78 -28.98 -17.81
C ASP B 54 -3.08 -29.42 -17.13
N ASP B 55 -3.19 -29.19 -15.84
CA ASP B 55 -4.29 -29.58 -14.98
C ASP B 55 -5.62 -28.91 -15.26
N ASP B 56 -5.68 -27.94 -16.14
CA ASP B 56 -6.92 -27.25 -16.49
C ASP B 56 -7.64 -28.18 -17.49
N LEU B 57 -6.86 -28.70 -18.40
CA LEU B 57 -7.35 -29.58 -19.45
C LEU B 57 -7.55 -31.02 -19.00
N VAL B 58 -6.48 -31.60 -18.48
CA VAL B 58 -6.48 -32.97 -18.02
C VAL B 58 -6.41 -33.00 -16.50
N PRO B 59 -7.48 -33.50 -15.91
CA PRO B 59 -7.59 -33.64 -14.45
C PRO B 59 -6.36 -34.31 -13.84
N PHE B 60 -5.88 -33.73 -12.76
CA PHE B 60 -4.69 -34.23 -12.06
C PHE B 60 -4.93 -35.70 -11.80
N GLY B 61 -3.95 -36.52 -12.16
CA GLY B 61 -4.05 -37.97 -11.92
C GLY B 61 -4.97 -38.71 -12.86
N SER B 62 -4.92 -38.37 -14.13
CA SER B 62 -5.73 -39.01 -15.16
C SER B 62 -4.82 -40.11 -15.70
N ASP B 63 -5.47 -41.20 -16.04
CA ASP B 63 -4.76 -42.35 -16.66
C ASP B 63 -4.49 -41.87 -18.11
N ALA B 64 -3.56 -42.55 -18.73
CA ALA B 64 -3.14 -42.27 -20.08
C ALA B 64 -4.27 -42.19 -21.08
N GLN B 65 -5.14 -43.18 -20.99
CA GLN B 65 -6.26 -43.27 -21.95
C GLN B 65 -7.12 -42.02 -21.88
N THR B 66 -7.52 -41.69 -20.67
CA THR B 66 -8.35 -40.50 -20.44
C THR B 66 -7.65 -39.25 -20.97
N ARG B 67 -6.43 -39.09 -20.49
CA ARG B 67 -5.58 -37.96 -20.89
C ARG B 67 -5.60 -37.82 -22.41
N ASP B 68 -5.23 -38.90 -23.05
CA ASP B 68 -5.17 -39.04 -24.52
C ASP B 68 -6.49 -38.69 -25.19
N GLY B 69 -7.53 -39.14 -24.52
CA GLY B 69 -8.92 -38.96 -24.93
C GLY B 69 -9.30 -37.49 -24.98
N ILE B 70 -8.96 -36.79 -23.91
CA ILE B 70 -9.22 -35.36 -23.74
C ILE B 70 -8.51 -34.48 -24.78
N ILE B 71 -7.24 -34.79 -24.93
CA ILE B 71 -6.40 -34.06 -25.89
C ILE B 71 -6.93 -34.12 -27.31
N ALA B 72 -7.27 -35.34 -27.70
CA ALA B 72 -7.81 -35.63 -29.04
C ALA B 72 -9.07 -34.80 -29.30
N GLY B 73 -9.95 -34.69 -28.33
CA GLY B 73 -11.20 -33.92 -28.49
C GLY B 73 -10.89 -32.43 -28.56
N PHE B 74 -9.90 -32.11 -27.73
CA PHE B 74 -9.39 -30.73 -27.63
C PHE B 74 -8.84 -30.30 -28.98
N LYS B 75 -8.00 -31.12 -29.58
CA LYS B 75 -7.43 -30.81 -30.91
C LYS B 75 -8.48 -30.66 -32.00
N LYS B 76 -9.57 -31.42 -31.94
CA LYS B 76 -10.65 -31.34 -32.92
C LYS B 76 -11.31 -29.96 -32.86
N ALA B 77 -11.59 -29.57 -31.64
CA ALA B 77 -12.24 -28.25 -31.40
C ALA B 77 -11.40 -27.12 -31.96
N LEU B 78 -10.09 -27.17 -31.80
CA LEU B 78 -9.15 -26.16 -32.30
C LEU B 78 -9.18 -26.16 -33.85
N ASP B 79 -9.20 -27.39 -34.34
CA ASP B 79 -9.23 -27.72 -35.76
C ASP B 79 -10.40 -27.04 -36.46
N GLU B 80 -11.52 -27.37 -35.85
CA GLU B 80 -12.85 -26.91 -36.24
C GLU B 80 -12.96 -25.39 -36.18
N THR B 81 -12.46 -24.79 -35.10
CA THR B 81 -12.58 -23.34 -34.90
C THR B 81 -11.47 -22.49 -35.45
N GLY B 82 -10.32 -23.05 -35.66
CA GLY B 82 -9.20 -22.24 -36.16
C GLY B 82 -8.41 -21.52 -35.06
N LEU B 83 -8.65 -21.85 -33.81
CA LEU B 83 -7.91 -21.23 -32.70
C LEU B 83 -6.59 -21.99 -32.61
N ILE B 84 -5.59 -21.33 -32.07
CA ILE B 84 -4.25 -21.89 -31.83
C ILE B 84 -3.99 -21.83 -30.32
N VAL B 85 -2.88 -22.46 -29.94
CA VAL B 85 -2.42 -22.49 -28.53
C VAL B 85 -1.07 -21.81 -28.59
N PRO B 86 -1.00 -20.51 -28.39
CA PRO B 86 0.23 -19.74 -28.44
C PRO B 86 1.18 -19.98 -27.28
N MET B 87 0.61 -20.37 -26.16
CA MET B 87 1.37 -20.57 -24.91
C MET B 87 0.75 -21.68 -24.08
N VAL B 88 1.56 -22.32 -23.27
CA VAL B 88 1.13 -23.39 -22.37
C VAL B 88 1.87 -23.08 -21.06
N THR B 89 1.31 -23.56 -19.98
CA THR B 89 1.90 -23.36 -18.65
C THR B 89 1.61 -24.62 -17.84
N THR B 90 2.25 -24.75 -16.70
CA THR B 90 2.12 -25.93 -15.85
C THR B 90 1.66 -25.52 -14.46
N ASN B 91 0.77 -26.30 -13.87
CA ASN B 91 0.30 -25.98 -12.53
C ASN B 91 1.27 -26.55 -11.50
N LEU B 92 2.01 -25.67 -10.84
CA LEU B 92 2.94 -26.04 -9.79
C LEU B 92 2.47 -25.33 -8.49
N PHE B 93 1.17 -25.17 -8.33
CA PHE B 93 0.72 -24.43 -7.12
C PHE B 93 -0.47 -25.04 -6.41
N THR B 94 -1.28 -25.81 -7.11
CA THR B 94 -2.48 -26.38 -6.46
C THR B 94 -2.32 -27.56 -5.53
N HIS B 95 -1.70 -28.60 -6.03
CA HIS B 95 -1.59 -29.82 -5.20
C HIS B 95 -0.83 -29.58 -3.93
N PRO B 96 -1.24 -30.11 -2.79
CA PRO B 96 -0.55 -29.99 -1.51
C PRO B 96 0.95 -30.25 -1.52
N VAL B 97 1.46 -31.11 -2.38
CA VAL B 97 2.89 -31.41 -2.47
C VAL B 97 3.71 -30.15 -2.78
N PHE B 98 3.16 -29.16 -3.45
CA PHE B 98 3.82 -27.89 -3.80
C PHE B 98 3.62 -26.75 -2.81
N LYS B 99 3.20 -27.02 -1.60
CA LYS B 99 2.92 -26.03 -0.58
C LYS B 99 4.12 -25.15 -0.25
N ASP B 100 5.31 -25.66 -0.45
CA ASP B 100 6.53 -24.89 -0.20
C ASP B 100 7.22 -24.54 -1.54
N GLY B 101 6.54 -24.81 -2.63
CA GLY B 101 7.13 -24.48 -3.94
C GLY B 101 7.23 -25.79 -4.73
N GLY B 102 7.60 -25.60 -5.97
CA GLY B 102 7.84 -26.63 -6.98
C GLY B 102 9.38 -26.73 -7.12
N PHE B 103 9.90 -25.86 -7.99
CA PHE B 103 11.32 -25.77 -8.26
C PHE B 103 12.20 -25.42 -7.05
N THR B 104 11.68 -24.68 -6.09
CA THR B 104 12.51 -24.32 -4.92
C THR B 104 11.95 -24.86 -3.62
N SER B 105 11.17 -25.95 -3.69
CA SER B 105 10.67 -26.52 -2.42
C SER B 105 11.89 -26.90 -1.56
N ASN B 106 11.81 -26.79 -0.25
CA ASN B 106 12.94 -27.18 0.64
C ASN B 106 13.19 -28.68 0.38
N ASP B 107 12.13 -29.42 0.08
CA ASP B 107 12.15 -30.86 -0.17
C ASP B 107 12.63 -31.19 -1.59
N ARG B 108 13.77 -31.86 -1.62
CA ARG B 108 14.41 -32.25 -2.88
C ARG B 108 13.59 -33.14 -3.81
N SER B 109 12.82 -34.01 -3.21
CA SER B 109 11.94 -34.93 -3.96
C SER B 109 10.85 -34.13 -4.67
N VAL B 110 10.35 -33.06 -4.06
CA VAL B 110 9.35 -32.22 -4.71
C VAL B 110 9.96 -31.50 -5.91
N ARG B 111 11.19 -31.03 -5.74
CA ARG B 111 11.86 -30.31 -6.85
C ARG B 111 11.97 -31.19 -8.09
N ARG B 112 12.36 -32.45 -7.88
CA ARG B 112 12.52 -33.45 -8.99
C ARG B 112 11.19 -33.73 -9.67
N TYR B 113 10.16 -33.88 -8.86
CA TYR B 113 8.79 -34.11 -9.33
C TYR B 113 8.32 -32.92 -10.16
N ALA B 114 8.56 -31.70 -9.60
CA ALA B 114 8.15 -30.46 -10.31
C ALA B 114 8.73 -30.37 -11.73
N ILE B 115 9.99 -30.75 -11.89
CA ILE B 115 10.67 -30.72 -13.18
C ILE B 115 10.02 -31.74 -14.12
N ARG B 116 9.74 -32.95 -13.59
CA ARG B 116 9.13 -33.99 -14.43
C ARG B 116 7.78 -33.51 -14.97
N LYS B 117 7.01 -32.88 -14.09
CA LYS B 117 5.68 -32.38 -14.43
C LYS B 117 5.78 -31.35 -15.55
N VAL B 118 6.78 -30.49 -15.51
CA VAL B 118 6.90 -29.48 -16.58
C VAL B 118 7.35 -30.09 -17.91
N LEU B 119 8.27 -31.06 -17.80
CA LEU B 119 8.82 -31.68 -19.03
C LEU B 119 7.66 -32.24 -19.86
N ARG B 120 6.78 -32.91 -19.16
CA ARG B 120 5.60 -33.51 -19.79
C ARG B 120 4.69 -32.48 -20.45
N GLN B 121 4.57 -31.31 -19.85
CA GLN B 121 3.71 -30.24 -20.40
C GLN B 121 4.42 -29.65 -21.62
N MET B 122 5.75 -29.60 -21.58
CA MET B 122 6.52 -29.07 -22.71
C MET B 122 6.23 -29.92 -23.94
N ASP B 123 6.14 -31.23 -23.72
CA ASP B 123 5.88 -32.17 -24.82
C ASP B 123 4.50 -31.91 -25.43
N LEU B 124 3.53 -31.78 -24.54
CA LEU B 124 2.15 -31.51 -25.03
C LEU B 124 2.09 -30.17 -25.76
N GLY B 125 2.80 -29.20 -25.21
CA GLY B 125 2.87 -27.85 -25.79
C GLY B 125 3.47 -27.91 -27.19
N ALA B 126 4.63 -28.54 -27.31
CA ALA B 126 5.32 -28.69 -28.61
C ALA B 126 4.38 -29.36 -29.61
N GLU B 127 3.71 -30.39 -29.15
CA GLU B 127 2.75 -31.12 -29.97
C GLU B 127 1.58 -30.25 -30.43
N LEU B 128 1.13 -29.31 -29.60
CA LEU B 128 0.01 -28.43 -29.98
C LEU B 128 0.50 -27.21 -30.76
N GLY B 129 1.78 -27.00 -30.95
CA GLY B 129 2.30 -25.86 -31.69
C GLY B 129 2.60 -24.64 -30.86
N ALA B 130 2.59 -24.71 -29.53
CA ALA B 130 2.88 -23.56 -28.67
C ALA B 130 4.33 -23.11 -28.85
N LYS B 131 4.50 -21.81 -28.78
CA LYS B 131 5.77 -21.13 -28.88
C LYS B 131 6.39 -20.72 -27.55
N THR B 132 5.55 -20.50 -26.56
CA THR B 132 6.01 -20.04 -25.27
C THR B 132 5.58 -20.90 -24.09
N LEU B 133 6.50 -21.06 -23.17
CA LEU B 133 6.25 -21.79 -21.93
C LEU B 133 6.20 -20.70 -20.83
N VAL B 134 5.06 -20.49 -20.19
CA VAL B 134 5.00 -19.47 -19.14
C VAL B 134 5.32 -20.21 -17.82
N LEU B 135 6.13 -19.53 -17.01
CA LEU B 135 6.48 -20.17 -15.72
C LEU B 135 6.10 -19.20 -14.61
N TRP B 136 5.11 -19.54 -13.81
CA TRP B 136 4.64 -18.73 -12.68
C TRP B 136 4.93 -19.52 -11.40
N GLY B 137 5.96 -19.09 -10.69
CA GLY B 137 6.35 -19.75 -9.44
C GLY B 137 5.58 -19.18 -8.25
N GLY B 138 4.30 -19.40 -8.25
CA GLY B 138 3.36 -18.96 -7.22
C GLY B 138 3.67 -19.48 -5.85
N ARG B 139 4.27 -20.66 -5.71
CA ARG B 139 4.57 -21.19 -4.35
C ARG B 139 6.03 -21.00 -3.98
N GLU B 140 6.80 -20.35 -4.83
CA GLU B 140 8.23 -20.12 -4.58
C GLU B 140 8.34 -18.88 -3.69
N GLY B 141 8.72 -19.03 -2.43
CA GLY B 141 8.78 -17.81 -1.58
C GLY B 141 8.73 -18.31 -0.13
N ALA B 142 8.11 -17.57 0.75
CA ALA B 142 8.07 -17.94 2.16
C ALA B 142 7.11 -17.01 2.92
N GLU B 143 6.77 -17.42 4.13
CA GLU B 143 5.93 -16.63 5.02
C GLU B 143 6.85 -16.05 6.12
N TYR B 144 7.95 -16.75 6.33
CA TYR B 144 8.97 -16.45 7.37
C TYR B 144 10.38 -16.44 6.78
N ASP B 145 11.17 -15.43 7.08
CA ASP B 145 12.51 -15.23 6.55
C ASP B 145 13.47 -16.39 6.78
N SER B 146 13.48 -16.94 7.97
CA SER B 146 14.43 -18.00 8.28
C SER B 146 14.05 -19.31 7.62
N ALA B 147 12.90 -19.40 6.98
CA ALA B 147 12.57 -20.71 6.38
C ALA B 147 13.05 -20.95 4.96
N LYS B 148 13.63 -19.96 4.34
CA LYS B 148 14.03 -20.12 2.93
C LYS B 148 15.33 -19.39 2.65
N ASP B 149 16.29 -20.16 2.18
CA ASP B 149 17.60 -19.59 1.83
C ASP B 149 17.39 -19.09 0.40
N VAL B 150 17.30 -17.78 0.25
CA VAL B 150 17.00 -17.22 -1.10
C VAL B 150 18.05 -17.52 -2.14
N SER B 151 19.30 -17.45 -1.73
CA SER B 151 20.47 -17.73 -2.64
C SER B 151 20.40 -19.15 -3.18
N ALA B 152 20.16 -20.12 -2.30
CA ALA B 152 20.01 -21.54 -2.67
C ALA B 152 18.78 -21.71 -3.55
N ALA B 153 17.73 -20.93 -3.23
CA ALA B 153 16.48 -21.01 -3.99
C ALA B 153 16.75 -20.51 -5.40
N LEU B 154 17.50 -19.44 -5.58
CA LEU B 154 17.80 -18.91 -6.92
C LEU B 154 18.70 -19.89 -7.68
N ASP B 155 19.55 -20.60 -6.96
CA ASP B 155 20.42 -21.61 -7.58
C ASP B 155 19.57 -22.77 -8.13
N ARG B 156 18.61 -23.18 -7.30
CA ARG B 156 17.72 -24.29 -7.67
C ARG B 156 16.77 -23.95 -8.79
N TYR B 157 16.38 -22.70 -8.87
CA TYR B 157 15.46 -22.12 -9.86
C TYR B 157 16.17 -22.13 -11.21
N ARG B 158 17.40 -21.66 -11.16
CA ARG B 158 18.32 -21.62 -12.32
C ARG B 158 18.63 -23.03 -12.82
N GLU B 159 18.99 -23.90 -11.87
CA GLU B 159 19.27 -25.31 -12.20
C GLU B 159 18.09 -25.92 -12.93
N ALA B 160 16.86 -25.69 -12.51
CA ALA B 160 15.70 -26.24 -13.19
C ALA B 160 15.54 -25.58 -14.55
N LEU B 161 15.67 -24.27 -14.64
CA LEU B 161 15.47 -23.62 -15.96
C LEU B 161 16.48 -24.02 -17.02
N ASN B 162 17.72 -24.16 -16.65
CA ASN B 162 18.82 -24.57 -17.54
C ASN B 162 18.47 -25.91 -18.19
N LEU B 163 17.99 -26.85 -17.39
CA LEU B 163 17.61 -28.19 -17.87
C LEU B 163 16.48 -28.16 -18.90
N LEU B 164 15.46 -27.36 -18.61
CA LEU B 164 14.32 -27.19 -19.51
C LEU B 164 14.77 -26.64 -20.86
N ALA B 165 15.71 -25.70 -20.84
CA ALA B 165 16.19 -25.09 -22.10
C ALA B 165 16.97 -26.16 -22.90
N GLN B 166 17.79 -26.90 -22.18
CA GLN B 166 18.62 -27.97 -22.73
C GLN B 166 17.74 -28.98 -23.47
N TYR B 167 16.69 -29.40 -22.79
CA TYR B 167 15.71 -30.37 -23.30
C TYR B 167 15.00 -29.90 -24.55
N SER B 168 14.47 -28.69 -24.49
CA SER B 168 13.73 -28.09 -25.60
C SER B 168 14.64 -27.94 -26.83
N GLU B 169 15.85 -27.50 -26.58
CA GLU B 169 16.81 -27.31 -27.68
C GLU B 169 17.17 -28.63 -28.32
N ASP B 170 17.47 -29.64 -27.52
CA ASP B 170 17.79 -30.97 -28.00
C ASP B 170 16.60 -31.62 -28.71
N ARG B 171 15.39 -31.41 -28.21
CA ARG B 171 14.23 -32.07 -28.85
C ARG B 171 13.80 -31.24 -30.06
N GLY B 172 14.41 -30.08 -30.22
CA GLY B 172 14.08 -29.16 -31.31
C GLY B 172 12.68 -28.57 -31.14
N TYR B 173 12.18 -28.30 -29.94
CA TYR B 173 10.86 -27.72 -29.73
C TYR B 173 10.75 -26.22 -30.07
N GLY B 174 11.85 -25.54 -29.99
CA GLY B 174 11.94 -24.10 -30.26
C GLY B 174 11.14 -23.25 -29.28
N LEU B 175 10.98 -23.65 -28.03
CA LEU B 175 10.21 -22.82 -27.10
C LEU B 175 11.06 -21.66 -26.59
N ARG B 176 10.38 -20.61 -26.16
CA ARG B 176 10.93 -19.42 -25.51
C ARG B 176 10.34 -19.55 -24.09
N PHE B 177 11.00 -19.11 -23.07
CA PHE B 177 10.47 -19.24 -21.70
C PHE B 177 10.20 -17.85 -21.11
N ALA B 178 9.02 -17.74 -20.50
CA ALA B 178 8.64 -16.45 -19.93
C ALA B 178 8.31 -16.65 -18.45
N ILE B 179 9.15 -16.04 -17.63
CA ILE B 179 9.00 -16.07 -16.18
C ILE B 179 7.98 -14.97 -15.79
N GLU B 180 7.00 -15.33 -14.99
CA GLU B 180 5.96 -14.39 -14.53
C GLU B 180 6.18 -14.01 -13.08
N PRO B 181 6.53 -12.75 -12.86
CA PRO B 181 6.74 -12.22 -11.50
C PRO B 181 5.40 -11.90 -10.82
N LYS B 182 5.37 -11.96 -9.50
CA LYS B 182 4.20 -11.63 -8.66
C LYS B 182 4.78 -11.37 -7.27
N PRO B 183 4.39 -10.34 -6.57
CA PRO B 183 4.97 -10.02 -5.27
C PRO B 183 4.61 -10.89 -4.12
N ASN B 184 3.37 -11.36 -4.04
CA ASN B 184 2.85 -12.20 -2.95
C ASN B 184 1.55 -12.82 -3.43
N GLN B 185 0.97 -13.69 -2.63
CA GLN B 185 -0.28 -14.41 -2.91
C GLN B 185 -0.14 -15.48 -4.00
N PRO B 186 -0.08 -16.74 -3.62
CA PRO B 186 -0.22 -17.25 -2.27
C PRO B 186 0.87 -17.22 -1.26
N ARG B 187 2.15 -17.05 -1.52
CA ARG B 187 3.11 -17.02 -0.39
C ARG B 187 3.12 -15.60 0.17
N GLY B 188 3.53 -15.41 1.40
CA GLY B 188 3.63 -14.07 1.98
C GLY B 188 4.52 -13.20 1.07
N ASP B 189 5.61 -13.78 0.60
CA ASP B 189 6.55 -13.11 -0.33
C ASP B 189 6.97 -14.18 -1.37
N ILE B 190 6.78 -13.80 -2.62
CA ILE B 190 7.14 -14.69 -3.73
C ILE B 190 8.52 -14.30 -4.29
N LEU B 191 9.36 -15.24 -4.73
CA LEU B 191 10.68 -14.90 -5.30
C LEU B 191 10.49 -14.25 -6.67
N LEU B 192 11.33 -13.30 -7.03
CA LEU B 192 11.22 -12.59 -8.33
C LEU B 192 9.89 -11.83 -8.23
N PRO B 193 9.81 -10.93 -7.27
CA PRO B 193 8.58 -10.17 -7.05
C PRO B 193 8.13 -9.13 -8.05
N THR B 194 9.00 -8.63 -8.90
CA THR B 194 8.60 -7.62 -9.90
C THR B 194 9.28 -7.94 -11.24
N ALA B 195 8.84 -7.29 -12.29
CA ALA B 195 9.34 -7.40 -13.63
C ALA B 195 10.86 -7.25 -13.57
N GLY B 196 11.32 -6.36 -12.72
CA GLY B 196 12.76 -6.05 -12.57
C GLY B 196 13.59 -7.22 -12.10
N HIS B 197 13.21 -7.76 -10.95
CA HIS B 197 13.88 -8.92 -10.37
C HIS B 197 13.85 -10.11 -11.32
N ALA B 198 12.77 -10.30 -12.07
CA ALA B 198 12.64 -11.41 -13.03
C ALA B 198 13.61 -11.21 -14.19
N ILE B 199 13.78 -9.98 -14.69
CA ILE B 199 14.74 -9.73 -15.77
C ILE B 199 16.19 -9.93 -15.29
N ALA B 200 16.47 -9.41 -14.10
CA ALA B 200 17.83 -9.55 -13.56
C ALA B 200 18.16 -11.03 -13.48
N PHE B 201 17.24 -11.85 -13.02
CA PHE B 201 17.42 -13.29 -12.82
C PHE B 201 17.75 -14.04 -14.11
N VAL B 202 16.98 -13.79 -15.11
CA VAL B 202 17.02 -14.37 -16.45
C VAL B 202 18.37 -14.13 -17.09
N GLN B 203 18.95 -13.01 -16.80
CA GLN B 203 20.28 -12.66 -17.35
C GLN B 203 21.32 -13.59 -16.75
N GLU B 204 21.10 -14.30 -15.67
CA GLU B 204 22.10 -15.20 -15.09
C GLU B 204 21.96 -16.64 -15.59
N LEU B 205 21.03 -16.93 -16.48
CA LEU B 205 20.85 -18.29 -16.96
C LEU B 205 21.89 -18.63 -18.03
N GLU B 206 22.01 -19.88 -18.34
CA GLU B 206 22.96 -20.40 -19.35
C GLU B 206 22.63 -19.96 -20.76
N ARG B 207 21.42 -19.94 -21.22
CA ARG B 207 21.01 -19.51 -22.56
C ARG B 207 19.97 -18.41 -22.38
N PRO B 208 20.44 -17.29 -21.90
CA PRO B 208 19.57 -16.13 -21.60
C PRO B 208 18.76 -15.69 -22.79
N GLU B 209 19.27 -15.94 -23.97
CA GLU B 209 18.50 -15.52 -25.16
C GLU B 209 17.18 -16.28 -25.22
N LEU B 210 17.02 -17.41 -24.58
CA LEU B 210 15.75 -18.16 -24.61
C LEU B 210 14.71 -17.76 -23.56
N PHE B 211 15.13 -16.92 -22.63
CA PHE B 211 14.30 -16.45 -21.51
C PHE B 211 13.95 -14.97 -21.51
N GLY B 212 12.68 -14.72 -21.19
CA GLY B 212 12.11 -13.36 -21.10
C GLY B 212 11.14 -13.39 -19.92
N ILE B 213 10.24 -12.40 -19.92
CA ILE B 213 9.25 -12.37 -18.83
C ILE B 213 7.84 -12.24 -19.39
N ASN B 214 6.91 -12.56 -18.50
CA ASN B 214 5.47 -12.49 -18.75
C ASN B 214 4.87 -11.67 -17.61
N PRO B 215 5.00 -10.36 -17.69
CA PRO B 215 4.49 -9.46 -16.62
C PRO B 215 2.96 -9.39 -16.66
N GLU B 216 2.33 -9.24 -15.51
CA GLU B 216 0.85 -9.15 -15.50
C GLU B 216 0.46 -7.80 -14.93
N THR B 217 -0.47 -7.08 -15.50
CA THR B 217 -0.82 -5.74 -14.99
C THR B 217 -1.02 -5.66 -13.50
N GLY B 218 -1.86 -6.53 -12.97
CA GLY B 218 -2.20 -6.58 -11.55
C GLY B 218 -1.04 -6.86 -10.62
N HIS B 219 -0.12 -7.69 -11.06
CA HIS B 219 1.05 -8.08 -10.24
C HIS B 219 1.93 -6.90 -9.89
N GLU B 220 2.22 -6.06 -10.88
CA GLU B 220 3.02 -4.86 -10.61
C GLU B 220 2.23 -3.85 -9.77
N GLN B 221 0.93 -3.74 -10.03
CA GLN B 221 0.04 -2.81 -9.30
C GLN B 221 -0.15 -3.26 -7.87
N MET B 222 0.02 -4.55 -7.60
CA MET B 222 -0.12 -5.06 -6.23
C MET B 222 0.95 -4.44 -5.35
N SER B 223 2.02 -3.90 -5.89
CA SER B 223 3.13 -3.25 -5.20
C SER B 223 3.10 -1.74 -5.46
N ASN B 224 2.05 -1.28 -6.12
CA ASN B 224 1.80 0.10 -6.50
C ASN B 224 2.81 0.62 -7.51
N LEU B 225 3.35 -0.19 -8.38
CA LEU B 225 4.30 0.24 -9.40
C LEU B 225 3.56 0.62 -10.68
N ASN B 226 4.24 1.40 -11.52
CA ASN B 226 3.69 1.88 -12.80
C ASN B 226 3.88 0.77 -13.81
N PHE B 227 2.81 0.10 -14.15
CA PHE B 227 2.84 -1.01 -15.10
C PHE B 227 3.44 -0.52 -16.42
N THR B 228 2.89 0.49 -17.06
CA THR B 228 3.41 0.97 -18.34
C THR B 228 4.93 1.20 -18.36
N GLN B 229 5.46 1.86 -17.33
CA GLN B 229 6.89 2.12 -17.21
C GLN B 229 7.72 0.85 -17.07
N GLY B 230 7.22 -0.20 -16.41
CA GLY B 230 7.97 -1.45 -16.25
C GLY B 230 7.99 -2.19 -17.55
N ILE B 231 6.92 -2.13 -18.32
CA ILE B 231 6.79 -2.77 -19.63
C ILE B 231 7.75 -2.02 -20.56
N ALA B 232 7.84 -0.71 -20.40
CA ALA B 232 8.76 0.07 -21.25
C ALA B 232 10.19 -0.39 -20.96
N GLN B 233 10.54 -0.66 -19.71
CA GLN B 233 11.85 -1.15 -19.34
C GLN B 233 12.01 -2.54 -19.96
N ALA B 234 11.00 -3.38 -19.83
CA ALA B 234 11.04 -4.75 -20.37
C ALA B 234 11.35 -4.70 -21.86
N LEU B 235 10.70 -3.82 -22.61
CA LEU B 235 10.92 -3.69 -24.07
C LEU B 235 12.34 -3.17 -24.34
N TRP B 236 12.84 -2.29 -23.51
CA TRP B 236 14.18 -1.72 -23.66
C TRP B 236 15.18 -2.87 -23.62
N HIS B 237 14.98 -3.78 -22.71
CA HIS B 237 15.82 -4.96 -22.54
C HIS B 237 15.48 -6.04 -23.58
N LYS B 238 14.37 -5.96 -24.29
CA LYS B 238 13.96 -6.99 -25.24
C LYS B 238 13.56 -8.29 -24.57
N LYS B 239 12.96 -8.19 -23.41
CA LYS B 239 12.53 -9.38 -22.66
C LYS B 239 11.03 -9.54 -22.52
N LEU B 240 10.23 -8.81 -23.27
CA LEU B 240 8.77 -8.94 -23.21
C LEU B 240 8.38 -10.12 -24.12
N PHE B 241 8.43 -11.31 -23.59
CA PHE B 241 8.09 -12.51 -24.41
C PHE B 241 6.58 -12.73 -24.49
N HIS B 242 5.84 -12.24 -23.49
CA HIS B 242 4.38 -12.42 -23.46
C HIS B 242 3.87 -11.40 -22.44
N ILE B 243 2.58 -11.17 -22.37
CA ILE B 243 2.04 -10.24 -21.36
C ILE B 243 0.67 -10.69 -20.87
N ASP B 244 0.38 -10.52 -19.58
CA ASP B 244 -0.93 -10.89 -19.00
C ASP B 244 -1.62 -9.54 -18.73
N LEU B 245 -2.78 -9.35 -19.32
CA LEU B 245 -3.57 -8.12 -19.17
C LEU B 245 -4.78 -8.32 -18.26
N ASN B 246 -4.98 -7.45 -17.29
CA ASN B 246 -6.10 -7.54 -16.33
C ASN B 246 -6.18 -6.20 -15.59
N GLY B 247 -7.03 -6.08 -14.58
CA GLY B 247 -7.20 -4.83 -13.85
C GLY B 247 -7.00 -5.06 -12.36
N GLN B 248 -6.61 -4.01 -11.66
CA GLN B 248 -6.32 -4.15 -10.21
C GLN B 248 -6.49 -2.80 -9.55
N HIS B 249 -6.82 -2.80 -8.28
CA HIS B 249 -6.99 -1.54 -7.54
C HIS B 249 -5.91 -1.48 -6.44
N GLY B 250 -4.69 -1.26 -6.88
CA GLY B 250 -3.52 -1.13 -6.02
C GLY B 250 -3.17 -2.30 -5.16
N PRO B 251 -2.46 -1.97 -4.07
CA PRO B 251 -2.00 -2.99 -3.13
C PRO B 251 -3.08 -3.64 -2.29
N LYS B 252 -3.58 -4.76 -2.76
CA LYS B 252 -4.64 -5.53 -2.06
C LYS B 252 -4.53 -6.92 -2.72
N PHE B 253 -5.40 -7.83 -2.37
CA PHE B 253 -5.43 -9.17 -2.97
C PHE B 253 -5.50 -8.96 -4.49
N ASP B 254 -5.03 -9.96 -5.19
CA ASP B 254 -5.00 -10.03 -6.65
C ASP B 254 -6.43 -10.08 -7.19
N GLN B 255 -6.99 -9.03 -7.72
CA GLN B 255 -8.39 -8.98 -8.20
C GLN B 255 -8.65 -9.64 -9.55
N ASP B 256 -7.70 -9.53 -10.47
CA ASP B 256 -7.87 -10.11 -11.81
C ASP B 256 -9.16 -9.57 -12.48
N LEU B 257 -9.35 -8.26 -12.50
CA LEU B 257 -10.56 -7.66 -13.12
C LEU B 257 -10.33 -7.64 -14.63
N VAL B 258 -11.35 -7.30 -15.38
CA VAL B 258 -11.23 -7.16 -16.84
C VAL B 258 -10.17 -6.05 -17.03
N PHE B 259 -9.42 -6.15 -18.10
CA PHE B 259 -8.40 -5.16 -18.45
C PHE B 259 -9.04 -3.80 -18.59
N GLY B 260 -8.47 -2.79 -17.92
CA GLY B 260 -8.99 -1.42 -17.97
C GLY B 260 -10.05 -1.11 -16.93
N HIS B 261 -10.41 -2.09 -16.11
CA HIS B 261 -11.42 -1.92 -15.07
C HIS B 261 -10.78 -1.53 -13.73
N GLY B 262 -9.48 -1.55 -13.66
CA GLY B 262 -8.72 -1.17 -12.46
C GLY B 262 -8.13 0.23 -12.66
N ASP B 263 -6.90 0.36 -13.08
CA ASP B 263 -6.26 1.68 -13.33
C ASP B 263 -6.44 2.00 -14.83
N LEU B 264 -7.50 2.77 -15.13
CA LEU B 264 -7.86 3.17 -16.48
C LEU B 264 -6.79 4.04 -17.16
N LEU B 265 -6.26 5.02 -16.46
CA LEU B 265 -5.23 5.89 -17.03
C LEU B 265 -4.00 5.10 -17.48
N ASN B 266 -3.54 4.15 -16.70
CA ASN B 266 -2.39 3.33 -16.96
C ASN B 266 -2.75 2.28 -18.03
N ALA B 267 -4.00 1.93 -18.22
CA ALA B 267 -4.36 0.94 -19.26
C ALA B 267 -4.24 1.64 -20.61
N PHE B 268 -4.55 2.93 -20.57
CA PHE B 268 -4.51 3.83 -21.74
C PHE B 268 -3.08 3.97 -22.30
N SER B 269 -2.17 4.38 -21.41
CA SER B 269 -0.74 4.56 -21.70
C SER B 269 -0.05 3.25 -22.09
N LEU B 270 -0.51 2.13 -21.56
CA LEU B 270 0.02 0.82 -21.88
C LEU B 270 -0.36 0.51 -23.34
N VAL B 271 -1.62 0.69 -23.72
CA VAL B 271 -2.04 0.41 -25.11
C VAL B 271 -1.28 1.29 -26.10
N ASP B 272 -1.13 2.55 -25.74
CA ASP B 272 -0.37 3.52 -26.52
C ASP B 272 1.08 3.03 -26.70
N LEU B 273 1.74 2.54 -25.67
CA LEU B 273 3.10 2.03 -25.75
C LEU B 273 3.19 0.79 -26.61
N LEU B 274 2.29 -0.18 -26.49
CA LEU B 274 2.33 -1.38 -27.28
C LEU B 274 1.99 -1.16 -28.76
N GLU B 275 1.12 -0.24 -29.06
CA GLU B 275 0.67 -0.02 -30.42
C GLU B 275 1.28 1.12 -31.22
N ASN B 276 1.54 2.20 -30.52
CA ASN B 276 2.10 3.39 -31.23
C ASN B 276 3.59 3.23 -31.02
N GLY B 277 4.06 2.17 -31.65
CA GLY B 277 5.49 1.82 -31.59
C GLY B 277 6.18 2.61 -32.71
N PRO B 278 7.49 2.41 -32.70
CA PRO B 278 8.39 3.02 -33.69
C PRO B 278 8.05 2.39 -35.06
N ASP B 279 8.17 3.31 -36.01
CA ASP B 279 7.92 3.07 -37.44
C ASP B 279 6.41 2.81 -37.51
N GLY B 280 5.64 3.67 -36.91
CA GLY B 280 4.18 3.56 -36.84
C GLY B 280 3.60 2.33 -36.12
N ALA B 281 4.25 1.22 -36.42
CA ALA B 281 3.97 -0.13 -35.94
C ALA B 281 4.13 -0.39 -34.44
N PRO B 282 3.44 -1.42 -33.99
CA PRO B 282 3.44 -1.82 -32.58
C PRO B 282 4.85 -2.15 -32.12
N ALA B 283 5.12 -1.81 -30.88
CA ALA B 283 6.42 -2.08 -30.28
C ALA B 283 6.40 -3.52 -29.80
N TYR B 284 5.22 -4.13 -29.78
CA TYR B 284 5.13 -5.51 -29.26
C TYR B 284 4.26 -6.29 -30.23
N ASP B 285 4.75 -7.46 -30.58
CA ASP B 285 4.03 -8.31 -31.52
C ASP B 285 3.56 -9.62 -30.94
N GLY B 286 3.58 -9.91 -29.66
CA GLY B 286 3.08 -11.20 -29.17
C GLY B 286 1.57 -11.11 -28.90
N PRO B 287 1.13 -12.20 -28.25
CA PRO B 287 -0.29 -12.34 -27.86
C PRO B 287 -0.63 -11.27 -26.82
N ARG B 288 -1.88 -10.85 -26.92
CA ARG B 288 -2.51 -9.88 -25.99
C ARG B 288 -3.35 -10.85 -25.16
N HIS B 289 -2.77 -11.42 -24.15
CA HIS B 289 -3.44 -12.42 -23.30
C HIS B 289 -4.10 -11.84 -22.06
N PHE B 290 -5.33 -12.24 -21.85
CA PHE B 290 -6.13 -11.77 -20.70
C PHE B 290 -6.13 -12.81 -19.60
N ASP B 291 -5.49 -12.49 -18.50
CA ASP B 291 -5.46 -13.44 -17.35
C ASP B 291 -6.32 -12.71 -16.30
N TYR B 292 -7.59 -12.93 -16.41
CA TYR B 292 -8.56 -12.28 -15.52
C TYR B 292 -9.57 -13.34 -15.08
N LYS B 293 -10.50 -12.86 -14.27
CA LYS B 293 -11.54 -13.71 -13.69
C LYS B 293 -12.87 -12.96 -13.69
N PRO B 294 -13.89 -13.65 -14.19
CA PRO B 294 -15.25 -13.08 -14.22
C PRO B 294 -15.64 -12.98 -12.75
N SER B 295 -16.15 -11.90 -12.24
CA SER B 295 -16.50 -11.73 -10.82
C SER B 295 -17.38 -12.85 -10.32
N ARG B 296 -17.28 -13.19 -9.04
CA ARG B 296 -18.02 -14.26 -8.38
C ARG B 296 -19.53 -14.04 -8.41
N THR B 297 -19.99 -12.81 -8.59
CA THR B 297 -21.39 -12.46 -8.62
C THR B 297 -22.11 -12.76 -9.91
N GLU B 298 -21.39 -13.24 -10.90
CA GLU B 298 -21.92 -13.53 -12.23
C GLU B 298 -22.17 -14.97 -12.61
N ASP B 299 -23.04 -15.14 -13.59
CA ASP B 299 -23.36 -16.48 -14.11
C ASP B 299 -22.67 -16.56 -15.48
N TYR B 300 -22.90 -17.65 -16.20
CA TYR B 300 -22.28 -17.88 -17.50
C TYR B 300 -22.55 -16.74 -18.47
N ASP B 301 -23.63 -16.00 -18.30
CA ASP B 301 -23.83 -14.88 -19.25
C ASP B 301 -22.85 -13.73 -18.91
N GLY B 302 -22.65 -13.52 -17.62
CA GLY B 302 -21.74 -12.49 -17.12
C GLY B 302 -20.34 -12.92 -17.57
N VAL B 303 -20.08 -14.21 -17.56
CA VAL B 303 -18.79 -14.76 -18.01
C VAL B 303 -18.50 -14.35 -19.45
N TRP B 304 -19.31 -14.61 -20.44
CA TRP B 304 -19.09 -14.22 -21.84
C TRP B 304 -19.07 -12.70 -21.98
N GLU B 305 -19.88 -11.99 -21.19
CA GLU B 305 -19.91 -10.53 -21.20
C GLU B 305 -18.51 -10.02 -20.82
N SER B 306 -18.00 -10.56 -19.72
CA SER B 306 -16.67 -10.16 -19.22
C SER B 306 -15.59 -10.51 -20.24
N ALA B 307 -15.73 -11.64 -20.94
CA ALA B 307 -14.72 -12.04 -21.93
C ALA B 307 -14.66 -10.99 -23.03
N LYS B 308 -15.80 -10.56 -23.50
CA LYS B 308 -15.94 -9.55 -24.53
C LYS B 308 -15.50 -8.19 -24.04
N ALA B 309 -15.74 -7.87 -22.80
CA ALA B 309 -15.34 -6.57 -22.25
C ALA B 309 -13.82 -6.41 -22.38
N ASN B 310 -13.07 -7.48 -22.19
CA ASN B 310 -11.60 -7.39 -22.28
C ASN B 310 -11.25 -6.87 -23.67
N ILE B 311 -11.79 -7.48 -24.72
CA ILE B 311 -11.54 -7.10 -26.11
C ILE B 311 -12.01 -5.68 -26.39
N ARG B 312 -13.23 -5.33 -25.98
CA ARG B 312 -13.76 -3.97 -26.22
C ARG B 312 -12.86 -2.92 -25.54
N MET B 313 -12.47 -3.13 -24.31
CA MET B 313 -11.60 -2.21 -23.57
C MET B 313 -10.33 -1.93 -24.38
N TYR B 314 -9.62 -2.98 -24.77
CA TYR B 314 -8.40 -2.88 -25.56
C TYR B 314 -8.64 -2.12 -26.87
N LEU B 315 -9.67 -2.47 -27.64
CA LEU B 315 -9.90 -1.78 -28.91
C LEU B 315 -10.35 -0.35 -28.68
N LEU B 316 -11.15 -0.02 -27.67
CA LEU B 316 -11.57 1.38 -27.45
C LEU B 316 -10.35 2.24 -27.09
N LEU B 317 -9.45 1.69 -26.27
CA LEU B 317 -8.24 2.38 -25.81
C LEU B 317 -7.31 2.60 -27.00
N LYS B 318 -7.18 1.57 -27.80
CA LYS B 318 -6.32 1.60 -28.99
C LYS B 318 -6.69 2.79 -29.89
N GLU B 319 -7.97 2.86 -30.19
CA GLU B 319 -8.63 3.86 -31.01
C GLU B 319 -8.32 5.24 -30.45
N ARG B 320 -8.39 5.45 -29.15
CA ARG B 320 -8.09 6.76 -28.54
C ARG B 320 -6.58 7.04 -28.50
N ALA B 321 -5.71 6.07 -28.36
CA ALA B 321 -4.26 6.28 -28.35
C ALA B 321 -3.80 6.80 -29.71
N LYS B 322 -4.34 6.23 -30.79
CA LYS B 322 -4.03 6.65 -32.16
C LYS B 322 -4.53 8.09 -32.34
N ALA B 323 -5.77 8.37 -32.00
CA ALA B 323 -6.30 9.73 -32.17
C ALA B 323 -5.43 10.73 -31.44
N PHE B 324 -4.98 10.37 -30.28
CA PHE B 324 -4.15 11.18 -29.40
C PHE B 324 -2.85 11.57 -30.13
N ARG B 325 -2.16 10.55 -30.60
CA ARG B 325 -0.89 10.77 -31.31
C ARG B 325 -1.04 11.58 -32.60
N ALA B 326 -2.17 11.41 -33.26
CA ALA B 326 -2.44 12.12 -34.52
C ALA B 326 -2.91 13.55 -34.29
N ASP B 327 -3.20 13.96 -33.10
CA ASP B 327 -3.68 15.32 -32.85
C ASP B 327 -2.56 16.34 -32.87
N PRO B 328 -2.69 17.31 -33.77
CA PRO B 328 -1.72 18.41 -33.94
C PRO B 328 -1.47 19.20 -32.65
N GLU B 329 -2.51 19.33 -31.85
CA GLU B 329 -2.36 20.07 -30.59
C GLU B 329 -1.50 19.29 -29.61
N VAL B 330 -1.63 17.98 -29.71
CA VAL B 330 -0.82 17.07 -28.89
C VAL B 330 0.62 17.22 -29.43
N GLN B 331 0.75 17.19 -30.75
CA GLN B 331 2.07 17.32 -31.39
C GLN B 331 2.73 18.62 -30.90
N GLU B 332 1.93 19.65 -30.80
CA GLU B 332 2.45 20.93 -30.31
C GLU B 332 2.86 20.81 -28.84
N ALA B 333 2.06 20.10 -28.05
CA ALA B 333 2.36 19.92 -26.61
C ALA B 333 3.61 19.07 -26.41
N LEU B 334 3.76 17.99 -27.17
CA LEU B 334 4.93 17.08 -27.12
C LEU B 334 6.21 17.89 -27.37
N ALA B 335 6.10 18.78 -28.35
CA ALA B 335 7.23 19.64 -28.73
C ALA B 335 7.56 20.54 -27.56
N ALA B 336 6.61 21.23 -26.96
CA ALA B 336 6.87 22.11 -25.83
C ALA B 336 7.39 21.35 -24.64
N SER B 337 7.05 20.09 -24.50
CA SER B 337 7.50 19.29 -23.34
C SER B 337 8.86 18.65 -23.59
N LYS B 338 9.33 18.79 -24.82
CA LYS B 338 10.61 18.25 -25.25
C LYS B 338 10.75 16.74 -25.14
N VAL B 339 9.61 16.09 -25.24
CA VAL B 339 9.62 14.62 -25.16
C VAL B 339 10.65 14.04 -26.13
N ALA B 340 10.66 14.43 -27.38
CA ALA B 340 11.57 13.91 -28.39
C ALA B 340 13.02 14.30 -28.25
N GLU B 341 13.35 15.35 -27.52
CA GLU B 341 14.72 15.80 -27.34
C GLU B 341 15.52 14.83 -26.48
N LEU B 342 14.81 13.96 -25.78
CA LEU B 342 15.38 12.92 -24.92
C LEU B 342 16.02 11.87 -25.84
N LYS B 343 15.52 11.78 -27.05
CA LYS B 343 16.06 10.82 -28.03
C LYS B 343 17.37 11.24 -28.65
N THR B 344 17.73 12.49 -28.63
CA THR B 344 18.99 12.98 -29.16
C THR B 344 20.04 12.74 -28.07
N PRO B 345 21.15 12.11 -28.37
CA PRO B 345 22.21 11.84 -27.40
C PRO B 345 22.63 13.13 -26.71
N THR B 346 23.00 12.95 -25.45
CA THR B 346 23.50 14.04 -24.62
C THR B 346 24.81 14.56 -25.20
N LEU B 347 25.66 13.67 -25.71
CA LEU B 347 26.94 14.07 -26.31
C LEU B 347 26.84 14.16 -27.85
N ASN B 348 27.59 15.10 -28.38
CA ASN B 348 27.70 15.29 -29.85
C ASN B 348 28.51 14.07 -30.34
N PRO B 349 28.29 13.66 -31.56
CA PRO B 349 29.02 12.49 -32.12
C PRO B 349 30.51 12.77 -31.99
N GLY B 350 31.25 11.81 -31.49
CA GLY B 350 32.67 11.90 -31.27
C GLY B 350 32.98 12.60 -29.96
N GLU B 351 32.08 13.12 -29.17
CA GLU B 351 32.51 13.77 -27.91
C GLU B 351 32.63 12.75 -26.80
N GLY B 352 33.61 12.82 -25.94
CA GLY B 352 33.87 11.94 -24.80
C GLY B 352 34.08 12.88 -23.60
N TYR B 353 34.54 12.37 -22.46
CA TYR B 353 34.69 13.23 -21.29
C TYR B 353 35.64 14.38 -21.49
N ALA B 354 36.66 14.18 -22.27
CA ALA B 354 37.69 15.22 -22.54
C ALA B 354 37.07 16.42 -23.20
N GLU B 355 36.26 16.22 -24.22
CA GLU B 355 35.57 17.32 -24.92
C GLU B 355 34.47 17.87 -24.05
N LEU B 356 33.75 17.08 -23.28
CA LEU B 356 32.69 17.60 -22.40
C LEU B 356 33.34 18.48 -21.35
N LEU B 357 34.47 18.06 -20.80
CA LEU B 357 35.19 18.84 -19.80
C LEU B 357 35.67 20.18 -20.35
N ALA B 358 36.00 20.28 -21.62
CA ALA B 358 36.48 21.46 -22.33
C ALA B 358 35.37 22.42 -22.66
N ASP B 359 34.13 22.01 -22.57
CA ASP B 359 32.92 22.78 -22.86
C ASP B 359 32.47 23.63 -21.67
N ARG B 360 32.90 24.87 -21.62
CA ARG B 360 32.53 25.77 -20.54
C ARG B 360 31.04 25.99 -20.44
N SER B 361 30.38 25.86 -21.57
CA SER B 361 28.92 26.09 -21.60
C SER B 361 28.11 25.01 -20.88
N ALA B 362 28.68 23.87 -20.60
CA ALA B 362 28.08 22.75 -19.93
C ALA B 362 28.31 22.89 -18.42
N PHE B 363 29.09 23.87 -17.98
CA PHE B 363 29.30 23.94 -16.53
C PHE B 363 29.66 25.34 -16.08
N GLU B 364 30.91 25.71 -16.31
CA GLU B 364 31.37 27.03 -15.89
C GLU B 364 30.48 28.18 -16.30
N ASP B 365 30.01 28.21 -17.51
CA ASP B 365 29.18 29.32 -17.98
C ASP B 365 27.72 28.87 -18.10
N TYR B 366 27.34 27.81 -17.46
CA TYR B 366 25.94 27.37 -17.59
C TYR B 366 25.06 28.14 -16.60
N ASP B 367 23.98 28.68 -17.11
CA ASP B 367 23.00 29.40 -16.29
C ASP B 367 21.89 28.47 -15.78
N ALA B 368 22.14 27.74 -14.71
CA ALA B 368 21.19 26.79 -14.13
C ALA B 368 19.88 27.47 -13.72
N ASP B 369 20.03 28.67 -13.18
CA ASP B 369 18.88 29.46 -12.74
C ASP B 369 17.93 29.80 -13.88
N ALA B 370 18.42 30.25 -15.01
CA ALA B 370 17.55 30.58 -16.14
C ALA B 370 16.85 29.32 -16.65
N VAL B 371 17.59 28.23 -16.80
CA VAL B 371 17.00 26.96 -17.28
C VAL B 371 15.97 26.45 -16.27
N GLY B 372 16.30 26.51 -14.99
CA GLY B 372 15.42 26.10 -13.91
C GLY B 372 14.10 26.81 -13.86
N ALA B 373 13.96 28.00 -14.43
CA ALA B 373 12.74 28.79 -14.46
C ALA B 373 11.73 28.41 -15.55
N LYS B 374 12.15 27.75 -16.61
CA LYS B 374 11.25 27.36 -17.69
C LYS B 374 10.46 26.10 -17.39
N GLY B 375 9.18 26.11 -17.62
CA GLY B 375 8.30 24.98 -17.35
C GLY B 375 8.27 23.97 -18.48
N PHE B 376 7.88 22.74 -18.23
CA PHE B 376 7.84 21.75 -19.30
C PHE B 376 6.48 21.56 -19.93
N GLY B 377 5.42 22.16 -19.40
CA GLY B 377 4.06 22.00 -19.98
C GLY B 377 3.53 20.57 -19.88
N PHE B 378 3.92 19.86 -18.82
CA PHE B 378 3.49 18.45 -18.64
C PHE B 378 2.01 18.32 -18.30
N VAL B 379 1.52 19.26 -17.49
CA VAL B 379 0.11 19.19 -17.09
C VAL B 379 -0.80 19.31 -18.32
N LYS B 380 -0.56 20.24 -19.18
CA LYS B 380 -1.32 20.47 -20.40
C LYS B 380 -1.28 19.24 -21.30
N LEU B 381 -0.09 18.70 -21.41
CA LEU B 381 0.11 17.46 -22.21
C LEU B 381 -0.74 16.35 -21.59
N ASN B 382 -0.74 16.17 -20.28
CA ASN B 382 -1.55 15.14 -19.61
C ASN B 382 -3.05 15.38 -19.83
N GLN B 383 -3.50 16.63 -19.69
CA GLN B 383 -4.90 17.02 -19.88
C GLN B 383 -5.35 16.64 -21.29
N LEU B 384 -4.49 16.87 -22.28
CA LEU B 384 -4.81 16.48 -23.68
C LEU B 384 -4.96 14.98 -23.85
N ALA B 385 -4.11 14.19 -23.21
CA ALA B 385 -4.17 12.73 -23.27
C ALA B 385 -5.53 12.26 -22.73
N ILE B 386 -5.87 12.78 -21.55
CA ILE B 386 -7.13 12.45 -20.89
C ILE B 386 -8.36 12.82 -21.70
N GLU B 387 -8.40 14.01 -22.28
CA GLU B 387 -9.52 14.46 -23.10
C GLU B 387 -9.67 13.52 -24.28
N HIS B 388 -8.57 12.98 -24.79
CA HIS B 388 -8.64 12.01 -25.88
C HIS B 388 -9.26 10.74 -25.32
N LEU B 389 -8.84 10.31 -24.13
CA LEU B 389 -9.39 9.11 -23.50
C LEU B 389 -10.90 9.28 -23.27
N LEU B 390 -11.38 10.44 -22.86
CA LEU B 390 -12.80 10.70 -22.61
C LEU B 390 -13.59 10.89 -23.90
N GLY B 391 -12.93 10.89 -25.03
CA GLY B 391 -13.61 11.13 -26.32
C GLY B 391 -14.11 12.58 -26.29
N ALA B 392 -13.45 13.49 -25.62
CA ALA B 392 -13.84 14.90 -25.51
C ALA B 392 -13.23 15.75 -26.62
N ARG B 393 -12.38 15.13 -27.39
CA ARG B 393 -11.69 15.74 -28.50
C ARG B 393 -11.70 14.60 -29.57
N GLN C 3 -18.11 25.12 -20.02
CA GLN C 3 -17.81 26.42 -19.34
C GLN C 3 -18.47 26.47 -17.96
N ALA C 4 -17.65 26.87 -17.00
CA ALA C 4 -18.04 27.01 -15.61
C ALA C 4 -18.97 28.21 -15.39
N THR C 5 -19.87 28.13 -14.46
CA THR C 5 -20.82 29.15 -14.02
C THR C 5 -20.65 29.25 -12.50
N ARG C 6 -21.11 30.34 -11.95
CA ARG C 6 -21.02 30.53 -10.49
C ARG C 6 -21.89 29.50 -9.80
N GLU C 7 -22.86 28.93 -10.47
CA GLU C 7 -23.73 27.89 -9.85
C GLU C 7 -22.98 26.57 -9.69
N ASP C 8 -21.87 26.38 -10.40
CA ASP C 8 -21.04 25.17 -10.33
C ASP C 8 -20.27 25.17 -9.01
N LYS C 9 -20.08 26.35 -8.50
CA LYS C 9 -19.40 26.56 -7.23
C LYS C 9 -17.99 26.00 -7.13
N PHE C 10 -17.14 26.33 -8.08
CA PHE C 10 -15.75 25.86 -8.03
C PHE C 10 -14.94 26.84 -7.19
N SER C 11 -14.18 26.31 -6.25
CA SER C 11 -13.37 27.23 -5.42
C SER C 11 -11.95 26.64 -5.39
N PHE C 12 -10.98 27.50 -5.06
CA PHE C 12 -9.59 27.08 -5.00
C PHE C 12 -8.94 27.70 -3.77
N GLY C 13 -7.99 27.06 -3.17
CA GLY C 13 -7.29 27.64 -2.03
C GLY C 13 -6.19 28.51 -2.65
N LEU C 14 -5.90 29.59 -1.94
CA LEU C 14 -4.85 30.53 -2.29
C LEU C 14 -3.52 29.83 -2.46
N TRP C 15 -3.25 28.86 -1.61
CA TRP C 15 -2.10 27.99 -1.48
C TRP C 15 -1.99 26.93 -2.59
N THR C 16 -2.99 26.75 -3.45
CA THR C 16 -2.94 25.73 -4.51
C THR C 16 -2.19 26.37 -5.66
N VAL C 17 -2.79 27.31 -6.35
CA VAL C 17 -2.11 28.02 -7.46
C VAL C 17 -0.88 28.78 -6.99
N GLY C 18 -0.85 29.18 -5.75
CA GLY C 18 0.25 29.90 -5.12
C GLY C 18 1.35 29.00 -4.63
N TRP C 19 1.31 27.68 -4.75
CA TRP C 19 2.36 26.78 -4.25
C TRP C 19 3.63 26.95 -5.08
N GLN C 20 4.68 27.38 -4.45
CA GLN C 20 5.98 27.65 -5.07
C GLN C 20 6.81 26.45 -5.51
N ALA C 21 6.32 25.28 -5.16
CA ALA C 21 6.89 24.01 -5.52
C ALA C 21 8.21 23.70 -4.84
N ARG C 22 8.31 24.17 -3.61
CA ARG C 22 9.49 23.84 -2.81
C ARG C 22 9.10 22.45 -2.29
N ASP C 23 9.71 21.33 -2.58
CA ASP C 23 9.24 20.05 -2.03
C ASP C 23 10.22 19.54 -0.97
N ALA C 24 10.03 18.33 -0.48
CA ALA C 24 10.85 17.70 0.56
C ALA C 24 12.30 17.54 0.08
N PHE C 25 12.52 17.55 -1.21
CA PHE C 25 13.88 17.37 -1.75
C PHE C 25 14.36 18.47 -2.68
N GLY C 26 13.72 19.63 -2.72
CA GLY C 26 14.22 20.63 -3.69
C GLY C 26 13.70 22.02 -3.41
N ASP C 27 14.38 22.97 -4.01
CA ASP C 27 14.03 24.36 -3.85
C ASP C 27 12.79 24.67 -4.70
N ALA C 28 12.26 25.84 -4.43
CA ALA C 28 11.06 26.33 -5.09
C ALA C 28 11.36 26.57 -6.55
N THR C 29 10.45 26.22 -7.45
CA THR C 29 10.73 26.51 -8.86
C THR C 29 9.92 27.69 -9.38
N ARG C 30 9.06 28.28 -8.54
CA ARG C 30 8.21 29.39 -8.97
C ARG C 30 8.30 30.48 -7.94
N THR C 31 8.07 31.70 -8.41
CA THR C 31 8.11 32.87 -7.50
C THR C 31 6.74 32.99 -6.84
N ALA C 32 6.67 33.81 -5.83
CA ALA C 32 5.45 34.05 -5.07
C ALA C 32 4.29 34.60 -5.88
N LEU C 33 3.08 34.14 -5.60
CA LEU C 33 1.90 34.62 -6.33
C LEU C 33 1.29 35.69 -5.42
N ASP C 34 0.88 36.79 -6.01
CA ASP C 34 0.25 37.92 -5.27
C ASP C 34 -1.23 37.57 -5.14
N PRO C 35 -1.76 37.71 -3.94
CA PRO C 35 -3.14 37.39 -3.61
C PRO C 35 -4.18 38.09 -4.42
N VAL C 36 -3.93 39.36 -4.71
CA VAL C 36 -4.88 40.17 -5.51
C VAL C 36 -4.87 39.60 -6.91
N GLU C 37 -3.66 39.30 -7.36
CA GLU C 37 -3.46 38.69 -8.67
C GLU C 37 -4.18 37.35 -8.74
N ALA C 38 -4.03 36.51 -7.72
CA ALA C 38 -4.72 35.20 -7.67
C ALA C 38 -6.22 35.36 -7.79
N VAL C 39 -6.81 36.33 -7.09
CA VAL C 39 -8.24 36.61 -7.11
C VAL C 39 -8.69 36.95 -8.53
N HIS C 40 -7.92 37.81 -9.19
CA HIS C 40 -8.23 38.21 -10.57
C HIS C 40 -8.09 37.04 -11.53
N LYS C 41 -7.03 36.26 -11.45
CA LYS C 41 -6.83 35.10 -12.33
C LYS C 41 -7.88 34.02 -12.12
N LEU C 42 -8.23 33.73 -10.87
CA LEU C 42 -9.25 32.73 -10.57
C LEU C 42 -10.60 33.22 -11.02
N ALA C 43 -10.87 34.49 -10.89
CA ALA C 43 -12.17 35.03 -11.28
C ALA C 43 -12.39 34.76 -12.76
N GLU C 44 -11.30 34.92 -13.46
CA GLU C 44 -11.18 34.76 -14.91
C GLU C 44 -11.39 33.36 -15.40
N ILE C 45 -10.91 32.32 -14.73
CA ILE C 45 -11.08 30.93 -15.17
C ILE C 45 -12.44 30.34 -14.78
N GLY C 46 -13.26 31.05 -14.05
CA GLY C 46 -14.59 30.61 -13.66
C GLY C 46 -14.83 30.24 -12.22
N ALA C 47 -13.89 30.43 -11.33
CA ALA C 47 -14.01 30.09 -9.91
C ALA C 47 -15.05 31.04 -9.32
N TYR C 48 -15.82 30.63 -8.34
CA TYR C 48 -16.84 31.49 -7.73
C TYR C 48 -16.30 31.94 -6.36
N GLY C 49 -15.28 31.24 -5.85
CA GLY C 49 -14.75 31.57 -4.53
C GLY C 49 -13.30 31.21 -4.31
N ILE C 50 -12.67 31.79 -3.31
CA ILE C 50 -11.28 31.56 -2.94
C ILE C 50 -11.20 31.27 -1.44
N THR C 51 -10.29 30.40 -1.02
CA THR C 51 -10.11 30.10 0.41
C THR C 51 -8.65 30.33 0.78
N PHE C 52 -8.34 30.44 2.06
CA PHE C 52 -6.94 30.66 2.44
C PHE C 52 -6.70 30.30 3.90
N HIS C 53 -5.45 30.03 4.23
CA HIS C 53 -5.02 29.79 5.59
C HIS C 53 -4.61 31.25 5.97
N ASP C 54 -4.66 31.58 7.24
CA ASP C 54 -4.31 32.91 7.71
C ASP C 54 -2.96 33.33 7.11
N ASP C 55 -1.96 32.49 7.34
CA ASP C 55 -0.58 32.69 6.92
C ASP C 55 -0.39 32.66 5.40
N ASP C 56 -1.36 32.35 4.57
CA ASP C 56 -1.16 32.39 3.13
C ASP C 56 -1.37 33.87 2.74
N LEU C 57 -2.30 34.55 3.35
CA LEU C 57 -2.64 35.95 3.06
C LEU C 57 -1.76 36.94 3.81
N VAL C 58 -1.67 36.81 5.12
CA VAL C 58 -0.87 37.69 5.99
C VAL C 58 0.32 36.88 6.46
N PRO C 59 1.51 37.29 6.08
CA PRO C 59 2.75 36.60 6.46
C PRO C 59 2.85 36.47 7.98
N PHE C 60 3.23 35.29 8.42
CA PHE C 60 3.37 35.03 9.85
C PHE C 60 4.19 36.20 10.43
N GLY C 61 3.66 36.74 11.51
CA GLY C 61 4.23 37.83 12.25
C GLY C 61 4.05 39.25 11.74
N SER C 62 3.16 39.55 10.82
CA SER C 62 2.93 40.90 10.33
C SER C 62 2.30 41.75 11.44
N ASP C 63 2.72 42.99 11.53
CA ASP C 63 2.19 43.92 12.55
C ASP C 63 0.80 44.27 11.99
N ALA C 64 -0.01 44.81 12.86
CA ALA C 64 -1.40 45.17 12.57
C ALA C 64 -1.61 46.09 11.40
N GLN C 65 -0.72 47.06 11.26
CA GLN C 65 -0.82 48.03 10.16
C GLN C 65 -0.71 47.22 8.87
N THR C 66 0.33 46.42 8.82
CA THR C 66 0.60 45.56 7.68
C THR C 66 -0.57 44.63 7.42
N ARG C 67 -0.94 43.89 8.45
CA ARG C 67 -2.06 42.94 8.35
C ARG C 67 -3.31 43.60 7.78
N ASP C 68 -3.64 44.73 8.38
CA ASP C 68 -4.79 45.56 8.03
C ASP C 68 -4.74 46.01 6.56
N GLY C 69 -3.58 46.39 6.09
CA GLY C 69 -3.41 46.82 4.69
C GLY C 69 -3.75 45.72 3.70
N ILE C 70 -3.18 44.54 3.97
CA ILE C 70 -3.39 43.36 3.13
C ILE C 70 -4.87 42.99 3.02
N ILE C 71 -5.51 42.96 4.19
CA ILE C 71 -6.93 42.59 4.22
C ILE C 71 -7.76 43.54 3.37
N ALA C 72 -7.46 44.81 3.51
CA ALA C 72 -8.19 45.84 2.76
C ALA C 72 -8.03 45.66 1.25
N GLY C 73 -6.80 45.36 0.84
CA GLY C 73 -6.54 45.15 -0.61
C GLY C 73 -7.30 43.94 -1.17
N PHE C 74 -7.21 42.89 -0.36
CA PHE C 74 -7.85 41.61 -0.65
C PHE C 74 -9.35 41.80 -0.84
N LYS C 75 -9.95 42.48 0.13
CA LYS C 75 -11.41 42.72 0.09
C LYS C 75 -11.85 43.46 -1.17
N LYS C 76 -11.01 44.40 -1.58
CA LYS C 76 -11.25 45.19 -2.78
C LYS C 76 -11.23 44.32 -4.01
N ALA C 77 -10.28 43.41 -4.05
CA ALA C 77 -10.13 42.44 -5.15
C ALA C 77 -11.38 41.56 -5.23
N LEU C 78 -11.84 41.14 -4.07
CA LEU C 78 -13.06 40.29 -3.98
C LEU C 78 -14.23 41.03 -4.61
N ASP C 79 -14.34 42.25 -4.14
CA ASP C 79 -15.37 43.22 -4.56
C ASP C 79 -15.48 43.42 -6.06
N GLU C 80 -14.33 43.75 -6.63
CA GLU C 80 -14.21 43.97 -8.07
C GLU C 80 -14.53 42.74 -8.90
N THR C 81 -14.08 41.57 -8.49
CA THR C 81 -14.32 40.35 -9.26
C THR C 81 -15.64 39.67 -8.96
N GLY C 82 -16.18 39.90 -7.79
CA GLY C 82 -17.42 39.26 -7.37
C GLY C 82 -17.19 37.85 -6.80
N LEU C 83 -15.97 37.58 -6.35
CA LEU C 83 -15.58 36.31 -5.75
C LEU C 83 -15.94 36.36 -4.25
N ILE C 84 -16.36 35.23 -3.73
CA ILE C 84 -16.64 35.09 -2.31
C ILE C 84 -15.59 34.18 -1.64
N VAL C 85 -15.65 34.14 -0.34
CA VAL C 85 -14.83 33.36 0.58
C VAL C 85 -15.79 32.40 1.31
N PRO C 86 -15.99 31.24 0.71
CA PRO C 86 -16.88 30.26 1.32
C PRO C 86 -16.29 29.63 2.57
N MET C 87 -14.97 29.56 2.62
CA MET C 87 -14.28 28.88 3.73
C MET C 87 -12.93 29.50 4.04
N VAL C 88 -12.50 29.38 5.27
CA VAL C 88 -11.19 29.88 5.70
C VAL C 88 -10.62 28.75 6.58
N THR C 89 -9.32 28.78 6.73
CA THR C 89 -8.64 27.79 7.61
C THR C 89 -7.44 28.47 8.22
N THR C 90 -6.79 27.81 9.13
CA THR C 90 -5.65 28.24 9.92
C THR C 90 -4.42 27.35 9.76
N ASN C 91 -3.27 28.01 9.64
CA ASN C 91 -2.05 27.21 9.51
C ASN C 91 -1.58 26.88 10.92
N LEU C 92 -1.76 25.61 11.29
CA LEU C 92 -1.31 25.06 12.57
C LEU C 92 -0.25 23.98 12.28
N PHE C 93 0.50 24.13 11.18
CA PHE C 93 1.47 23.10 10.84
C PHE C 93 2.85 23.54 10.41
N THR C 94 2.94 24.75 9.87
CA THR C 94 4.23 25.24 9.37
C THR C 94 5.27 25.65 10.38
N HIS C 95 4.87 26.49 11.31
CA HIS C 95 5.86 26.96 12.30
C HIS C 95 6.36 25.89 13.23
N PRO C 96 7.66 25.95 13.52
CA PRO C 96 8.34 24.99 14.39
C PRO C 96 7.64 24.75 15.71
N VAL C 97 6.93 25.74 16.24
CA VAL C 97 6.23 25.56 17.52
C VAL C 97 5.19 24.45 17.41
N PHE C 98 4.66 24.21 16.21
CA PHE C 98 3.64 23.20 15.96
C PHE C 98 4.22 21.83 15.61
N LYS C 99 5.51 21.66 15.84
CA LYS C 99 6.13 20.38 15.46
C LYS C 99 5.51 19.14 16.10
N ASP C 100 4.80 19.24 17.23
CA ASP C 100 4.15 18.05 17.81
C ASP C 100 2.64 18.24 17.78
N GLY C 101 2.12 19.24 17.08
CA GLY C 101 0.67 19.48 16.99
C GLY C 101 0.34 20.90 17.46
N GLY C 102 -0.90 21.26 17.21
CA GLY C 102 -1.45 22.60 17.60
C GLY C 102 -2.30 22.24 18.81
N PHE C 103 -3.51 21.82 18.61
CA PHE C 103 -4.43 21.41 19.69
C PHE C 103 -3.99 20.22 20.54
N THR C 104 -3.19 19.28 20.02
CA THR C 104 -2.76 18.12 20.79
C THR C 104 -1.26 18.01 21.04
N SER C 105 -0.57 19.12 21.04
CA SER C 105 0.87 19.15 21.31
C SER C 105 1.02 18.70 22.76
N ASN C 106 2.10 18.00 23.07
CA ASN C 106 2.33 17.57 24.46
C ASN C 106 2.54 18.81 25.33
N ASP C 107 3.06 19.87 24.76
CA ASP C 107 3.31 21.15 25.44
C ASP C 107 2.05 21.96 25.64
N ARG C 108 1.60 22.20 26.86
CA ARG C 108 0.36 22.95 27.12
C ARG C 108 0.29 24.34 26.54
N SER C 109 1.41 25.04 26.55
CA SER C 109 1.51 26.42 26.05
C SER C 109 1.26 26.51 24.56
N VAL C 110 1.64 25.52 23.78
CA VAL C 110 1.42 25.52 22.31
C VAL C 110 -0.08 25.36 22.03
N ARG C 111 -0.68 24.52 22.88
CA ARG C 111 -2.14 24.21 22.76
C ARG C 111 -2.93 25.49 22.96
N ARG C 112 -2.56 26.24 23.99
CA ARG C 112 -3.22 27.52 24.30
C ARG C 112 -3.04 28.48 23.15
N TYR C 113 -1.84 28.57 22.60
CA TYR C 113 -1.51 29.43 21.48
C TYR C 113 -2.26 29.06 20.20
N ALA C 114 -2.37 27.76 19.94
CA ALA C 114 -3.07 27.19 18.79
C ALA C 114 -4.51 27.67 18.76
N ILE C 115 -5.15 27.66 19.93
CA ILE C 115 -6.55 28.13 20.07
C ILE C 115 -6.63 29.64 19.76
N ARG C 116 -5.74 30.45 20.30
CA ARG C 116 -5.74 31.90 20.04
C ARG C 116 -5.53 32.16 18.54
N LYS C 117 -4.68 31.39 17.87
CA LYS C 117 -4.43 31.57 16.44
C LYS C 117 -5.69 31.33 15.63
N VAL C 118 -6.45 30.34 15.98
CA VAL C 118 -7.72 29.99 15.31
C VAL C 118 -8.82 31.01 15.61
N LEU C 119 -8.97 31.43 16.86
CA LEU C 119 -10.00 32.42 17.21
C LEU C 119 -9.88 33.65 16.31
N ARG C 120 -8.66 34.10 16.19
CA ARG C 120 -8.30 35.23 15.35
C ARG C 120 -8.69 35.02 13.88
N GLN C 121 -8.48 33.82 13.36
CA GLN C 121 -8.83 33.50 11.96
C GLN C 121 -10.36 33.43 11.84
N MET C 122 -11.03 33.03 12.90
CA MET C 122 -12.52 32.94 12.90
C MET C 122 -13.15 34.32 12.72
N ASP C 123 -12.54 35.27 13.42
CA ASP C 123 -12.99 36.66 13.33
C ASP C 123 -12.83 37.14 11.89
N LEU C 124 -11.73 36.86 11.23
CA LEU C 124 -11.51 37.33 9.84
C LEU C 124 -12.44 36.60 8.91
N GLY C 125 -12.61 35.31 9.14
CA GLY C 125 -13.54 34.55 8.28
C GLY C 125 -14.94 35.16 8.38
N ALA C 126 -15.34 35.44 9.61
CA ALA C 126 -16.68 36.01 9.91
C ALA C 126 -16.82 37.32 9.12
N GLU C 127 -15.80 38.15 9.20
CA GLU C 127 -15.67 39.44 8.56
C GLU C 127 -15.79 39.30 7.04
N LEU C 128 -15.24 38.23 6.46
CA LEU C 128 -15.27 38.04 5.02
C LEU C 128 -16.52 37.31 4.56
N GLY C 129 -17.34 36.86 5.48
CA GLY C 129 -18.56 36.15 5.12
C GLY C 129 -18.37 34.65 4.99
N ALA C 130 -17.25 34.06 5.45
CA ALA C 130 -17.08 32.61 5.29
C ALA C 130 -18.10 31.88 6.14
N LYS C 131 -18.57 30.76 5.67
CA LYS C 131 -19.54 29.90 6.30
C LYS C 131 -18.95 28.64 6.97
N THR C 132 -17.78 28.23 6.53
CA THR C 132 -17.10 27.05 7.01
C THR C 132 -15.68 27.31 7.48
N LEU C 133 -15.35 26.67 8.59
CA LEU C 133 -14.01 26.74 9.14
C LEU C 133 -13.45 25.32 8.91
N VAL C 134 -12.43 25.18 8.09
CA VAL C 134 -11.84 23.84 7.90
C VAL C 134 -10.69 23.70 8.93
N LEU C 135 -10.62 22.54 9.58
CA LEU C 135 -9.52 22.29 10.54
C LEU C 135 -8.75 21.07 10.08
N TRP C 136 -7.51 21.25 9.61
CA TRP C 136 -6.67 20.12 9.16
C TRP C 136 -5.60 19.94 10.25
N GLY C 137 -5.75 18.93 11.10
CA GLY C 137 -4.80 18.65 12.18
C GLY C 137 -3.61 17.81 11.68
N GLY C 138 -2.85 18.35 10.77
CA GLY C 138 -1.70 17.79 10.10
C GLY C 138 -0.56 17.46 11.04
N ARG C 139 -0.39 18.15 12.16
CA ARG C 139 0.70 17.87 13.10
C ARG C 139 0.22 17.07 14.30
N GLU C 140 -1.04 16.68 14.35
CA GLU C 140 -1.61 15.90 15.46
C GLU C 140 -1.37 14.42 15.15
N GLY C 141 -0.54 13.80 15.97
CA GLY C 141 -0.24 12.36 15.76
C GLY C 141 1.15 12.08 16.34
N ALA C 142 1.85 11.15 15.68
CA ALA C 142 3.17 10.81 16.23
C ALA C 142 3.97 9.97 15.23
N GLU C 143 5.24 9.80 15.60
CA GLU C 143 6.12 8.93 14.82
C GLU C 143 6.36 7.66 15.62
N TYR C 144 6.19 7.70 16.93
CA TYR C 144 6.42 6.57 17.86
C TYR C 144 5.23 6.36 18.78
N ASP C 145 4.78 5.15 19.03
CA ASP C 145 3.59 4.92 19.85
C ASP C 145 3.71 5.44 21.27
N SER C 146 4.85 5.34 21.92
CA SER C 146 4.92 5.80 23.32
C SER C 146 4.93 7.30 23.53
N ALA C 147 5.09 8.03 22.44
CA ALA C 147 5.18 9.50 22.53
C ALA C 147 3.86 10.24 22.67
N LYS C 148 2.76 9.64 22.31
CA LYS C 148 1.45 10.27 22.34
C LYS C 148 0.38 9.42 22.97
N ASP C 149 -0.26 9.97 23.98
CA ASP C 149 -1.40 9.34 24.70
C ASP C 149 -2.61 9.71 23.85
N VAL C 150 -3.09 8.82 23.01
CA VAL C 150 -4.21 9.08 22.11
C VAL C 150 -5.48 9.50 22.83
N SER C 151 -5.76 8.85 23.91
CA SER C 151 -6.95 9.16 24.70
C SER C 151 -6.89 10.61 25.17
N ALA C 152 -5.82 10.98 25.83
CA ALA C 152 -5.64 12.37 26.28
C ALA C 152 -5.69 13.29 25.04
N ALA C 153 -5.07 12.88 23.94
CA ALA C 153 -5.07 13.71 22.73
C ALA C 153 -6.48 14.01 22.26
N LEU C 154 -7.37 13.03 22.22
CA LEU C 154 -8.76 13.23 21.80
C LEU C 154 -9.50 14.13 22.77
N ASP C 155 -9.18 14.05 24.05
CA ASP C 155 -9.82 14.89 25.07
C ASP C 155 -9.48 16.36 24.79
N ARG C 156 -8.21 16.59 24.48
CA ARG C 156 -7.70 17.92 24.21
C ARG C 156 -8.20 18.42 22.86
N TYR C 157 -8.40 17.55 21.90
CA TYR C 157 -8.89 17.93 20.57
C TYR C 157 -10.35 18.36 20.80
N ARG C 158 -11.05 17.61 21.60
CA ARG C 158 -12.44 17.90 21.93
C ARG C 158 -12.57 19.20 22.71
N GLU C 159 -11.74 19.35 23.72
CA GLU C 159 -11.72 20.52 24.57
C GLU C 159 -11.62 21.81 23.75
N ALA C 160 -10.68 21.84 22.82
CA ALA C 160 -10.45 22.98 21.93
C ALA C 160 -11.62 23.23 20.97
N LEU C 161 -12.20 22.23 20.35
CA LEU C 161 -13.32 22.40 19.44
C LEU C 161 -14.60 22.90 20.12
N ASN C 162 -14.90 22.40 21.31
CA ASN C 162 -16.08 22.84 22.07
C ASN C 162 -16.01 24.36 22.32
N LEU C 163 -14.83 24.85 22.63
CA LEU C 163 -14.53 26.25 22.88
C LEU C 163 -14.78 27.11 21.63
N LEU C 164 -14.32 26.66 20.49
CA LEU C 164 -14.48 27.31 19.19
C LEU C 164 -15.97 27.43 18.90
N ALA C 165 -16.71 26.35 19.11
CA ALA C 165 -18.16 26.37 18.85
C ALA C 165 -18.85 27.36 19.78
N GLN C 166 -18.46 27.36 21.06
CA GLN C 166 -19.03 28.26 22.06
C GLN C 166 -18.93 29.71 21.60
N TYR C 167 -17.71 30.05 21.22
CA TYR C 167 -17.35 31.38 20.75
C TYR C 167 -18.13 31.80 19.52
N SER C 168 -18.20 31.01 18.50
CA SER C 168 -18.90 31.24 17.24
C SER C 168 -20.40 31.43 17.55
N GLU C 169 -20.88 30.53 18.38
CA GLU C 169 -22.31 30.63 18.76
C GLU C 169 -22.56 31.88 19.60
N ASP C 170 -21.78 32.31 20.56
CA ASP C 170 -22.00 33.52 21.32
C ASP C 170 -21.93 34.77 20.47
N ARG C 171 -21.00 34.85 19.55
CA ARG C 171 -20.83 36.00 18.67
C ARG C 171 -21.78 36.03 17.49
N GLY C 172 -22.55 35.01 17.25
CA GLY C 172 -23.47 34.92 16.12
C GLY C 172 -22.82 34.71 14.75
N TYR C 173 -21.65 34.09 14.74
CA TYR C 173 -20.93 33.87 13.48
C TYR C 173 -21.60 32.88 12.54
N GLY C 174 -22.35 31.92 13.03
CA GLY C 174 -23.02 30.96 12.16
C GLY C 174 -22.06 30.03 11.40
N LEU C 175 -20.84 29.86 11.86
CA LEU C 175 -19.91 28.96 11.18
C LEU C 175 -20.31 27.50 11.42
N ARG C 176 -19.91 26.67 10.49
CA ARG C 176 -20.00 25.21 10.48
C ARG C 176 -18.51 24.81 10.53
N PHE C 177 -18.14 23.73 11.21
CA PHE C 177 -16.76 23.26 11.39
C PHE C 177 -16.56 21.94 10.66
N ALA C 178 -15.52 21.84 9.83
CA ALA C 178 -15.27 20.64 9.03
C ALA C 178 -13.87 20.13 9.33
N ILE C 179 -13.81 19.00 9.98
CA ILE C 179 -12.56 18.32 10.34
C ILE C 179 -12.05 17.60 9.08
N GLU C 180 -10.78 17.82 8.80
CA GLU C 180 -10.13 17.19 7.64
C GLU C 180 -9.19 16.04 8.02
N PRO C 181 -9.62 14.84 7.65
CA PRO C 181 -8.85 13.61 7.95
C PRO C 181 -7.73 13.46 6.92
N LYS C 182 -6.67 12.81 7.38
CA LYS C 182 -5.46 12.45 6.66
C LYS C 182 -4.75 11.37 7.45
N PRO C 183 -4.32 10.30 6.80
CA PRO C 183 -3.71 9.18 7.52
C PRO C 183 -2.31 9.43 7.98
N ASN C 184 -1.57 10.17 7.16
CA ASN C 184 -0.15 10.46 7.48
C ASN C 184 0.40 11.62 6.62
N GLN C 185 1.60 12.03 6.99
CA GLN C 185 2.30 13.11 6.31
C GLN C 185 1.69 14.50 6.60
N PRO C 186 2.39 15.34 7.35
CA PRO C 186 3.73 15.11 7.90
C PRO C 186 4.08 14.18 9.02
N ARG C 187 3.17 13.73 9.89
CA ARG C 187 3.45 12.81 10.98
C ARG C 187 3.37 11.39 10.42
N GLY C 188 4.05 10.46 11.07
CA GLY C 188 4.07 9.03 10.71
C GLY C 188 2.64 8.53 10.63
N ASP C 189 1.86 8.89 11.65
CA ASP C 189 0.44 8.60 11.80
C ASP C 189 -0.24 9.88 12.36
N ILE C 190 -1.29 10.31 11.68
CA ILE C 190 -2.09 11.49 12.09
C ILE C 190 -3.34 11.02 12.83
N LEU C 191 -3.76 11.76 13.85
CA LEU C 191 -5.00 11.36 14.58
C LEU C 191 -6.21 11.56 13.66
N LEU C 192 -7.25 10.73 13.73
CA LEU C 192 -8.44 10.89 12.86
C LEU C 192 -8.00 10.62 11.40
N PRO C 193 -7.49 9.43 11.14
CA PRO C 193 -6.93 9.08 9.87
C PRO C 193 -7.78 8.90 8.64
N THR C 194 -9.07 8.67 8.78
CA THR C 194 -9.95 8.44 7.63
C THR C 194 -11.23 9.19 7.92
N ALA C 195 -12.03 9.26 6.89
CA ALA C 195 -13.35 9.93 6.97
C ALA C 195 -14.16 9.34 8.12
N GLY C 196 -14.08 8.04 8.26
CA GLY C 196 -14.81 7.33 9.35
C GLY C 196 -14.39 7.76 10.75
N HIS C 197 -13.08 7.83 10.98
CA HIS C 197 -12.55 8.23 12.30
C HIS C 197 -12.96 9.63 12.67
N ALA C 198 -12.98 10.51 11.69
CA ALA C 198 -13.39 11.92 11.92
C ALA C 198 -14.88 12.01 12.20
N ILE C 199 -15.73 11.25 11.51
CA ILE C 199 -17.18 11.32 11.78
C ILE C 199 -17.44 10.77 13.19
N ALA C 200 -16.87 9.62 13.51
CA ALA C 200 -17.04 9.00 14.83
C ALA C 200 -16.61 10.01 15.88
N PHE C 201 -15.53 10.72 15.65
CA PHE C 201 -15.07 11.72 16.65
C PHE C 201 -16.03 12.86 16.87
N VAL C 202 -16.50 13.42 15.80
CA VAL C 202 -17.43 14.58 15.79
C VAL C 202 -18.71 14.30 16.53
N GLN C 203 -19.16 13.08 16.50
CA GLN C 203 -20.38 12.65 17.21
C GLN C 203 -20.19 12.81 18.72
N GLU C 204 -19.00 13.04 19.22
CA GLU C 204 -18.76 13.15 20.66
C GLU C 204 -18.55 14.54 21.21
N LEU C 205 -18.68 15.54 20.35
CA LEU C 205 -18.48 16.93 20.81
C LEU C 205 -19.78 17.41 21.45
N GLU C 206 -19.64 18.57 22.06
CA GLU C 206 -20.76 19.23 22.75
C GLU C 206 -21.84 19.67 21.78
N ARG C 207 -21.60 20.29 20.65
CA ARG C 207 -22.65 20.69 19.69
C ARG C 207 -22.35 20.05 18.34
N PRO C 208 -22.58 18.76 18.26
CA PRO C 208 -22.29 17.94 17.08
C PRO C 208 -22.92 18.39 15.80
N GLU C 209 -24.06 19.02 15.94
CA GLU C 209 -24.81 19.54 14.79
C GLU C 209 -23.99 20.59 14.06
N LEU C 210 -23.04 21.21 14.71
CA LEU C 210 -22.19 22.22 14.13
C LEU C 210 -20.94 21.64 13.46
N PHE C 211 -20.71 20.35 13.65
CA PHE C 211 -19.51 19.71 13.12
C PHE C 211 -19.75 18.65 12.06
N GLY C 212 -18.81 18.68 11.12
CA GLY C 212 -18.85 17.69 10.02
C GLY C 212 -17.41 17.44 9.54
N ILE C 213 -17.27 16.94 8.33
CA ILE C 213 -15.93 16.69 7.81
C ILE C 213 -15.70 17.35 6.45
N ASN C 214 -14.41 17.42 6.16
CA ASN C 214 -13.87 17.94 4.89
C ASN C 214 -12.93 16.87 4.32
N PRO C 215 -13.46 15.81 3.75
CA PRO C 215 -12.65 14.72 3.19
C PRO C 215 -11.97 15.17 1.89
N GLU C 216 -10.79 14.62 1.65
CA GLU C 216 -9.99 14.93 0.47
C GLU C 216 -9.76 13.68 -0.34
N THR C 217 -10.04 13.76 -1.64
CA THR C 217 -9.85 12.58 -2.49
C THR C 217 -8.57 11.80 -2.16
N GLY C 218 -7.43 12.46 -2.30
CA GLY C 218 -6.12 11.90 -2.09
C GLY C 218 -5.87 11.33 -0.72
N HIS C 219 -6.47 11.93 0.30
CA HIS C 219 -6.22 11.42 1.66
C HIS C 219 -6.80 10.02 1.84
N GLU C 220 -7.99 9.78 1.34
CA GLU C 220 -8.56 8.44 1.48
C GLU C 220 -7.78 7.44 0.63
N GLN C 221 -7.33 7.83 -0.56
CA GLN C 221 -6.58 7.00 -1.49
C GLN C 221 -5.20 6.64 -1.00
N MET C 222 -4.62 7.45 -0.10
CA MET C 222 -3.31 7.22 0.51
C MET C 222 -3.38 5.92 1.35
N SER C 223 -4.57 5.50 1.74
CA SER C 223 -4.79 4.27 2.49
C SER C 223 -5.40 3.18 1.56
N ASN C 224 -5.54 3.54 0.28
CA ASN C 224 -6.14 2.66 -0.71
C ASN C 224 -7.64 2.42 -0.46
N LEU C 225 -8.34 3.38 0.13
CA LEU C 225 -9.81 3.30 0.42
C LEU C 225 -10.61 3.78 -0.80
N ASN C 226 -11.88 3.45 -0.88
CA ASN C 226 -12.76 3.84 -2.01
C ASN C 226 -13.28 5.24 -1.61
N PHE C 227 -12.82 6.27 -2.32
CA PHE C 227 -13.24 7.62 -1.98
C PHE C 227 -14.75 7.78 -2.15
N THR C 228 -15.31 7.44 -3.31
CA THR C 228 -16.73 7.55 -3.54
C THR C 228 -17.55 6.88 -2.43
N GLN C 229 -17.15 5.67 -2.07
CA GLN C 229 -17.84 4.90 -1.02
C GLN C 229 -17.72 5.60 0.31
N GLY C 230 -16.63 6.24 0.67
CA GLY C 230 -16.57 6.97 1.96
C GLY C 230 -17.44 8.23 1.90
N ILE C 231 -17.56 8.87 0.76
CA ILE C 231 -18.38 10.09 0.61
C ILE C 231 -19.86 9.70 0.74
N ALA C 232 -20.21 8.55 0.19
CA ALA C 232 -21.59 8.03 0.28
C ALA C 232 -21.96 7.85 1.76
N GLN C 233 -21.08 7.29 2.57
CA GLN C 233 -21.30 7.11 4.00
C GLN C 233 -21.39 8.49 4.68
N ALA C 234 -20.53 9.43 4.32
CA ALA C 234 -20.53 10.79 4.91
C ALA C 234 -21.88 11.45 4.59
N LEU C 235 -22.35 11.28 3.37
CA LEU C 235 -23.66 11.86 3.01
C LEU C 235 -24.79 11.20 3.83
N TRP C 236 -24.70 9.91 4.07
CA TRP C 236 -25.71 9.15 4.84
C TRP C 236 -25.79 9.69 6.27
N HIS C 237 -24.65 10.08 6.82
CA HIS C 237 -24.62 10.62 8.18
C HIS C 237 -24.93 12.12 8.09
N LYS C 238 -24.99 12.62 6.88
CA LYS C 238 -25.21 14.06 6.69
C LYS C 238 -24.05 14.84 7.26
N LYS C 239 -22.82 14.40 7.09
CA LYS C 239 -21.67 15.15 7.65
C LYS C 239 -20.74 15.67 6.57
N LEU C 240 -21.19 15.67 5.32
CA LEU C 240 -20.31 16.19 4.27
C LEU C 240 -20.48 17.72 4.24
N PHE C 241 -19.71 18.45 5.01
CA PHE C 241 -19.82 19.92 5.15
C PHE C 241 -19.04 20.65 4.08
N HIS C 242 -18.04 19.98 3.52
CA HIS C 242 -17.15 20.54 2.49
C HIS C 242 -16.44 19.31 1.90
N ILE C 243 -15.74 19.51 0.80
CA ILE C 243 -14.97 18.50 0.10
C ILE C 243 -13.77 19.15 -0.61
N ASP C 244 -12.65 18.43 -0.57
CA ASP C 244 -11.39 18.82 -1.20
C ASP C 244 -11.19 17.79 -2.32
N LEU C 245 -11.15 18.21 -3.56
CA LEU C 245 -10.98 17.33 -4.70
C LEU C 245 -9.59 17.46 -5.29
N ASN C 246 -9.00 16.34 -5.69
CA ASN C 246 -7.63 16.28 -6.25
C ASN C 246 -7.39 14.85 -6.72
N GLY C 247 -6.17 14.53 -7.12
CA GLY C 247 -5.85 13.20 -7.67
C GLY C 247 -4.65 12.62 -6.91
N GLN C 248 -4.67 11.29 -6.90
CA GLN C 248 -3.64 10.54 -6.18
C GLN C 248 -3.46 9.16 -6.78
N HIS C 249 -2.23 8.66 -6.62
CA HIS C 249 -1.93 7.32 -7.14
C HIS C 249 -1.71 6.37 -5.97
N GLY C 250 -2.78 5.99 -5.28
CA GLY C 250 -2.67 5.06 -4.18
C GLY C 250 -1.79 5.49 -3.05
N PRO C 251 -1.33 4.51 -2.27
CA PRO C 251 -0.52 4.78 -1.08
C PRO C 251 0.91 5.21 -1.34
N LYS C 252 1.21 6.49 -1.27
CA LYS C 252 2.56 7.04 -1.48
C LYS C 252 2.43 8.46 -0.92
N PHE C 253 3.43 9.29 -0.97
CA PHE C 253 3.29 10.67 -0.48
C PHE C 253 2.06 11.30 -1.16
N ASP C 254 1.52 12.31 -0.52
CA ASP C 254 0.36 13.05 -1.00
C ASP C 254 0.69 13.77 -2.31
N GLN C 255 0.19 13.39 -3.47
CA GLN C 255 0.51 14.04 -4.73
C GLN C 255 -0.23 15.33 -5.02
N ASP C 256 -1.47 15.47 -4.56
CA ASP C 256 -2.27 16.68 -4.85
C ASP C 256 -2.34 16.95 -6.34
N LEU C 257 -2.62 15.97 -7.16
CA LEU C 257 -2.72 16.17 -8.61
C LEU C 257 -4.07 16.86 -8.87
N VAL C 258 -4.31 17.24 -10.10
CA VAL C 258 -5.57 17.81 -10.56
C VAL C 258 -6.61 16.68 -10.37
N PHE C 259 -7.80 17.13 -10.03
CA PHE C 259 -8.92 16.21 -9.84
C PHE C 259 -9.05 15.38 -11.13
N GLY C 260 -9.14 14.06 -10.98
CA GLY C 260 -9.29 13.15 -12.10
C GLY C 260 -7.98 12.68 -12.73
N HIS C 261 -6.82 13.20 -12.35
CA HIS C 261 -5.57 12.78 -12.94
C HIS C 261 -4.99 11.54 -12.24
N GLY C 262 -5.59 11.06 -11.17
CA GLY C 262 -5.09 9.87 -10.45
C GLY C 262 -6.03 8.70 -10.74
N ASP C 263 -6.96 8.42 -9.87
CA ASP C 263 -7.94 7.32 -10.08
C ASP C 263 -9.11 7.87 -10.90
N LEU C 264 -9.06 7.77 -12.22
CA LEU C 264 -10.15 8.28 -13.04
C LEU C 264 -11.51 7.59 -12.85
N LEU C 265 -11.57 6.28 -12.73
CA LEU C 265 -12.85 5.59 -12.53
C LEU C 265 -13.54 6.08 -11.27
N ASN C 266 -12.78 6.23 -10.20
CA ASN C 266 -13.38 6.70 -8.93
C ASN C 266 -13.75 8.18 -9.02
N ALA C 267 -13.08 8.97 -9.83
CA ALA C 267 -13.42 10.40 -10.02
C ALA C 267 -14.80 10.43 -10.71
N PHE C 268 -15.02 9.52 -11.64
CA PHE C 268 -16.27 9.42 -12.38
C PHE C 268 -17.44 9.02 -11.47
N SER C 269 -17.26 8.01 -10.65
CA SER C 269 -18.36 7.55 -9.74
C SER C 269 -18.61 8.62 -8.69
N LEU C 270 -17.57 9.36 -8.31
CA LEU C 270 -17.75 10.47 -7.37
C LEU C 270 -18.65 11.59 -7.93
N VAL C 271 -18.43 12.03 -9.15
CA VAL C 271 -19.23 13.11 -9.76
C VAL C 271 -20.66 12.63 -9.92
N ASP C 272 -20.84 11.38 -10.24
CA ASP C 272 -22.17 10.77 -10.40
C ASP C 272 -22.90 10.86 -9.04
N LEU C 273 -22.20 10.46 -7.99
CA LEU C 273 -22.78 10.52 -6.65
C LEU C 273 -23.20 11.94 -6.26
N LEU C 274 -22.29 12.91 -6.41
CA LEU C 274 -22.57 14.29 -6.01
C LEU C 274 -23.65 14.97 -6.84
N GLU C 275 -23.73 14.72 -8.11
CA GLU C 275 -24.67 15.36 -9.01
C GLU C 275 -25.97 14.64 -9.34
N ASN C 276 -26.00 13.35 -9.46
CA ASN C 276 -27.18 12.55 -9.80
C ASN C 276 -27.75 12.10 -8.46
N GLY C 277 -28.17 13.14 -7.76
CA GLY C 277 -28.74 13.03 -6.43
C GLY C 277 -30.21 12.64 -6.47
N PRO C 278 -30.73 12.52 -5.24
CA PRO C 278 -32.10 12.17 -4.92
C PRO C 278 -33.22 12.65 -5.84
N ASP C 279 -33.46 13.96 -5.86
CA ASP C 279 -34.57 14.40 -6.78
C ASP C 279 -34.07 13.97 -8.17
N GLY C 280 -33.45 14.95 -8.77
CA GLY C 280 -32.78 14.88 -10.09
C GLY C 280 -31.49 15.67 -9.71
N ALA C 281 -31.78 16.39 -8.63
CA ALA C 281 -30.91 17.32 -7.93
C ALA C 281 -29.66 16.71 -7.30
N PRO C 282 -28.66 17.55 -7.20
CA PRO C 282 -27.40 17.16 -6.59
C PRO C 282 -27.66 16.68 -5.16
N ALA C 283 -26.87 15.70 -4.79
CA ALA C 283 -26.85 15.13 -3.44
C ALA C 283 -26.04 16.05 -2.54
N TYR C 284 -25.19 16.90 -3.08
CA TYR C 284 -24.35 17.84 -2.33
C TYR C 284 -24.42 19.22 -2.97
N ASP C 285 -24.68 20.16 -2.10
CA ASP C 285 -24.86 21.60 -2.37
C ASP C 285 -23.72 22.54 -1.99
N GLY C 286 -22.61 22.11 -1.45
CA GLY C 286 -21.48 22.94 -1.08
C GLY C 286 -20.51 23.19 -2.24
N PRO C 287 -19.47 23.92 -1.86
CA PRO C 287 -18.39 24.25 -2.79
C PRO C 287 -17.67 22.95 -3.22
N ARG C 288 -17.24 22.95 -4.47
CA ARG C 288 -16.44 21.95 -5.15
C ARG C 288 -15.03 22.61 -5.02
N HIS C 289 -14.32 22.33 -3.94
CA HIS C 289 -13.04 22.96 -3.66
C HIS C 289 -11.87 22.16 -4.22
N PHE C 290 -10.96 22.82 -4.95
CA PHE C 290 -9.81 22.01 -5.48
C PHE C 290 -8.61 22.24 -4.58
N ASP C 291 -8.18 21.21 -3.85
CA ASP C 291 -7.00 21.35 -2.95
C ASP C 291 -5.89 20.58 -3.69
N TYR C 292 -5.28 21.23 -4.66
CA TYR C 292 -4.27 20.56 -5.49
C TYR C 292 -3.03 21.43 -5.60
N LYS C 293 -2.04 20.88 -6.27
CA LYS C 293 -0.78 21.55 -6.52
C LYS C 293 -0.31 21.43 -7.97
N PRO C 294 0.01 22.55 -8.56
CA PRO C 294 0.53 22.57 -9.95
C PRO C 294 1.91 21.90 -9.82
N SER C 295 2.19 20.90 -10.60
CA SER C 295 3.44 20.12 -10.57
C SER C 295 4.64 21.06 -10.65
N ARG C 296 5.68 20.68 -9.91
CA ARG C 296 6.95 21.41 -9.78
C ARG C 296 7.68 21.72 -11.09
N THR C 297 7.41 20.92 -12.11
CA THR C 297 7.96 21.07 -13.44
C THR C 297 7.34 22.19 -14.26
N GLU C 298 6.31 22.84 -13.77
CA GLU C 298 5.56 23.90 -14.44
C GLU C 298 5.87 25.32 -14.03
N ASP C 299 5.72 26.21 -14.97
CA ASP C 299 5.90 27.67 -14.71
C ASP C 299 4.46 28.20 -14.50
N TYR C 300 4.29 29.50 -14.43
CA TYR C 300 2.97 30.13 -14.26
C TYR C 300 2.02 29.82 -15.40
N ASP C 301 2.42 29.55 -16.62
CA ASP C 301 1.45 29.18 -17.66
C ASP C 301 0.89 27.79 -17.26
N GLY C 302 1.79 26.97 -16.73
CA GLY C 302 1.39 25.61 -16.30
C GLY C 302 0.40 25.72 -15.14
N VAL C 303 0.66 26.62 -14.21
CA VAL C 303 -0.21 26.89 -13.06
C VAL C 303 -1.62 27.23 -13.53
N TRP C 304 -1.80 28.18 -14.43
CA TRP C 304 -3.16 28.54 -14.91
C TRP C 304 -3.80 27.42 -15.72
N GLU C 305 -3.02 26.63 -16.43
CA GLU C 305 -3.51 25.50 -17.20
C GLU C 305 -4.10 24.42 -16.30
N SER C 306 -3.37 24.20 -15.23
CA SER C 306 -3.71 23.18 -14.22
C SER C 306 -4.96 23.63 -13.47
N ALA C 307 -5.15 24.92 -13.25
CA ALA C 307 -6.34 25.46 -12.55
C ALA C 307 -7.56 25.12 -13.45
N LYS C 308 -7.43 25.47 -14.71
CA LYS C 308 -8.49 25.16 -15.66
C LYS C 308 -8.76 23.67 -15.84
N ALA C 309 -7.73 22.86 -15.77
CA ALA C 309 -7.92 21.42 -15.94
C ALA C 309 -8.82 20.88 -14.84
N ASN C 310 -8.73 21.40 -13.62
CA ASN C 310 -9.59 20.89 -12.53
C ASN C 310 -11.05 21.06 -12.93
N ILE C 311 -11.38 22.28 -13.33
CA ILE C 311 -12.76 22.59 -13.74
C ILE C 311 -13.23 21.75 -14.93
N ARG C 312 -12.34 21.60 -15.90
CA ARG C 312 -12.60 20.83 -17.12
C ARG C 312 -12.89 19.38 -16.77
N MET C 313 -12.08 18.80 -15.93
CA MET C 313 -12.24 17.40 -15.52
C MET C 313 -13.64 17.24 -14.93
N TYR C 314 -13.96 18.09 -13.96
CA TYR C 314 -15.30 17.97 -13.32
C TYR C 314 -16.46 18.06 -14.29
N LEU C 315 -16.47 19.08 -15.16
CA LEU C 315 -17.55 19.30 -16.14
C LEU C 315 -17.61 18.16 -17.12
N LEU C 316 -16.47 17.65 -17.58
CA LEU C 316 -16.47 16.50 -18.52
C LEU C 316 -17.06 15.28 -17.82
N LEU C 317 -16.67 15.01 -16.58
CA LEU C 317 -17.19 13.85 -15.86
C LEU C 317 -18.68 13.98 -15.60
N LYS C 318 -19.12 15.17 -15.26
CA LYS C 318 -20.54 15.45 -14.97
C LYS C 318 -21.44 15.13 -16.17
N GLU C 319 -20.95 15.56 -17.31
CA GLU C 319 -21.63 15.34 -18.60
C GLU C 319 -21.83 13.86 -18.92
N ARG C 320 -20.82 13.03 -18.73
CA ARG C 320 -20.84 11.59 -18.94
C ARG C 320 -21.62 10.89 -17.83
N ALA C 321 -21.63 11.43 -16.63
CA ALA C 321 -22.40 10.84 -15.53
C ALA C 321 -23.88 10.98 -15.88
N LYS C 322 -24.28 12.14 -16.36
CA LYS C 322 -25.66 12.43 -16.76
C LYS C 322 -26.06 11.50 -17.89
N ALA C 323 -25.25 11.43 -18.91
CA ALA C 323 -25.53 10.56 -20.06
C ALA C 323 -25.64 9.08 -19.63
N PHE C 324 -24.81 8.67 -18.69
CA PHE C 324 -24.83 7.30 -18.20
C PHE C 324 -26.23 7.00 -17.64
N ARG C 325 -26.69 7.89 -16.77
CA ARG C 325 -27.98 7.67 -16.12
C ARG C 325 -29.17 7.75 -17.06
N ALA C 326 -29.10 8.55 -18.09
CA ALA C 326 -30.21 8.66 -19.03
C ALA C 326 -30.30 7.54 -20.06
N ASP C 327 -29.33 6.65 -20.06
CA ASP C 327 -29.30 5.60 -21.08
C ASP C 327 -30.17 4.41 -20.71
N PRO C 328 -31.11 4.12 -21.61
CA PRO C 328 -32.06 3.02 -21.51
C PRO C 328 -31.38 1.66 -21.34
N GLU C 329 -30.22 1.56 -21.98
CA GLU C 329 -29.47 0.29 -21.83
C GLU C 329 -28.90 0.17 -20.41
N VAL C 330 -28.57 1.30 -19.81
CA VAL C 330 -28.05 1.38 -18.44
C VAL C 330 -29.25 1.09 -17.54
N GLN C 331 -30.39 1.74 -17.76
CA GLN C 331 -31.61 1.51 -16.95
C GLN C 331 -31.90 0.00 -16.89
N GLU C 332 -31.82 -0.63 -18.04
CA GLU C 332 -32.01 -2.07 -18.19
C GLU C 332 -31.00 -2.83 -17.34
N ALA C 333 -29.74 -2.47 -17.40
CA ALA C 333 -28.68 -3.14 -16.64
C ALA C 333 -28.88 -2.92 -15.14
N LEU C 334 -29.31 -1.75 -14.75
CA LEU C 334 -29.57 -1.41 -13.33
C LEU C 334 -30.71 -2.29 -12.84
N ALA C 335 -31.71 -2.50 -13.70
CA ALA C 335 -32.84 -3.36 -13.36
C ALA C 335 -32.33 -4.78 -13.18
N ALA C 336 -31.59 -5.33 -14.15
CA ALA C 336 -31.05 -6.70 -14.00
C ALA C 336 -30.20 -6.87 -12.74
N SER C 337 -29.43 -5.87 -12.31
CA SER C 337 -28.53 -5.95 -11.16
C SER C 337 -29.22 -5.68 -9.84
N LYS C 338 -30.49 -5.29 -9.89
CA LYS C 338 -31.32 -5.03 -8.72
C LYS C 338 -30.87 -3.92 -7.78
N VAL C 339 -30.20 -3.00 -8.44
CA VAL C 339 -29.67 -1.85 -7.67
C VAL C 339 -30.76 -1.23 -6.84
N ALA C 340 -31.89 -0.94 -7.42
CA ALA C 340 -33.02 -0.29 -6.77
C ALA C 340 -33.71 -1.18 -5.76
N GLU C 341 -33.64 -2.48 -5.88
CA GLU C 341 -34.26 -3.36 -4.93
C GLU C 341 -33.67 -3.16 -3.55
N LEU C 342 -32.44 -2.65 -3.47
CA LEU C 342 -31.80 -2.42 -2.17
C LEU C 342 -32.51 -1.33 -1.39
N LYS C 343 -33.20 -0.45 -2.06
CA LYS C 343 -33.95 0.64 -1.44
C LYS C 343 -35.27 0.22 -0.80
N THR C 344 -35.74 -0.96 -1.16
CA THR C 344 -36.99 -1.49 -0.57
C THR C 344 -36.60 -2.13 0.76
N PRO C 345 -37.27 -1.81 1.83
CA PRO C 345 -36.98 -2.36 3.17
C PRO C 345 -36.98 -3.86 3.12
N THR C 346 -36.16 -4.50 3.95
CA THR C 346 -36.12 -5.95 3.98
C THR C 346 -37.43 -6.54 4.54
N LEU C 347 -37.98 -5.81 5.51
CA LEU C 347 -39.22 -6.16 6.18
C LEU C 347 -40.39 -5.43 5.51
N ASN C 348 -41.52 -6.09 5.57
CA ASN C 348 -42.79 -5.54 5.05
C ASN C 348 -43.20 -4.60 6.18
N PRO C 349 -43.96 -3.59 5.85
CA PRO C 349 -44.49 -2.64 6.84
C PRO C 349 -45.22 -3.37 7.96
N GLY C 350 -44.89 -3.02 9.19
CA GLY C 350 -45.48 -3.62 10.38
C GLY C 350 -44.90 -4.98 10.74
N GLU C 351 -43.91 -5.47 10.04
CA GLU C 351 -43.28 -6.77 10.30
C GLU C 351 -42.12 -6.61 11.28
N GLY C 352 -42.01 -7.48 12.24
CA GLY C 352 -40.97 -7.49 13.24
C GLY C 352 -40.34 -8.89 13.25
N TYR C 353 -39.56 -9.16 14.29
CA TYR C 353 -38.93 -10.47 14.37
C TYR C 353 -39.99 -11.55 14.52
N ALA C 354 -41.09 -11.31 15.20
CA ALA C 354 -42.09 -12.40 15.35
C ALA C 354 -42.68 -12.77 14.00
N GLU C 355 -42.99 -11.80 13.15
CA GLU C 355 -43.53 -12.11 11.81
C GLU C 355 -42.44 -12.73 10.94
N LEU C 356 -41.20 -12.24 11.02
CA LEU C 356 -40.14 -12.83 10.20
C LEU C 356 -39.92 -14.29 10.57
N LEU C 357 -39.90 -14.61 11.85
CA LEU C 357 -39.71 -15.97 12.35
C LEU C 357 -40.88 -16.85 11.89
N ALA C 358 -42.05 -16.27 11.66
CA ALA C 358 -43.17 -17.12 11.24
C ALA C 358 -43.12 -17.40 9.76
N ASP C 359 -42.29 -16.71 9.00
CA ASP C 359 -42.21 -16.88 7.55
C ASP C 359 -41.28 -17.99 7.14
N ARG C 360 -41.89 -19.15 6.87
CA ARG C 360 -41.12 -20.34 6.48
C ARG C 360 -40.34 -20.12 5.21
N SER C 361 -40.85 -19.24 4.38
CA SER C 361 -40.16 -18.95 3.11
C SER C 361 -38.90 -18.12 3.32
N ALA C 362 -38.69 -17.48 4.46
CA ALA C 362 -37.45 -16.70 4.65
C ALA C 362 -36.37 -17.64 5.20
N PHE C 363 -36.66 -18.93 5.33
CA PHE C 363 -35.64 -19.81 5.89
C PHE C 363 -35.94 -21.28 5.69
N GLU C 364 -36.92 -21.82 6.39
CA GLU C 364 -37.24 -23.25 6.31
C GLU C 364 -37.45 -23.76 4.93
N ASP C 365 -38.18 -23.05 4.12
CA ASP C 365 -38.45 -23.45 2.73
C ASP C 365 -37.72 -22.58 1.69
N TYR C 366 -36.70 -21.86 2.11
CA TYR C 366 -35.96 -20.98 1.20
C TYR C 366 -34.95 -21.81 0.39
N ASP C 367 -34.98 -21.65 -0.92
CA ASP C 367 -34.03 -22.41 -1.77
C ASP C 367 -32.79 -21.55 -2.07
N ALA C 368 -31.85 -21.58 -1.16
CA ALA C 368 -30.62 -20.80 -1.26
C ALA C 368 -29.77 -21.19 -2.46
N ASP C 369 -29.77 -22.47 -2.74
CA ASP C 369 -29.01 -23.05 -3.86
C ASP C 369 -29.44 -22.42 -5.19
N ALA C 370 -30.74 -22.30 -5.35
CA ALA C 370 -31.32 -21.72 -6.56
C ALA C 370 -31.00 -20.24 -6.71
N VAL C 371 -31.22 -19.51 -5.64
CA VAL C 371 -30.93 -18.06 -5.68
C VAL C 371 -29.44 -17.85 -5.92
N GLY C 372 -28.60 -18.58 -5.24
CA GLY C 372 -27.16 -18.48 -5.32
C GLY C 372 -26.62 -18.70 -6.73
N ALA C 373 -27.40 -19.29 -7.60
CA ALA C 373 -26.99 -19.56 -8.97
C ALA C 373 -27.29 -18.44 -9.94
N LYS C 374 -28.20 -17.54 -9.66
CA LYS C 374 -28.52 -16.44 -10.57
C LYS C 374 -27.44 -15.34 -10.48
N GLY C 375 -27.03 -14.85 -11.62
CA GLY C 375 -26.02 -13.79 -11.67
C GLY C 375 -26.57 -12.38 -11.47
N PHE C 376 -25.74 -11.45 -11.02
CA PHE C 376 -26.18 -10.07 -10.79
C PHE C 376 -25.92 -9.19 -12.02
N GLY C 377 -25.11 -9.67 -12.96
CA GLY C 377 -24.79 -8.92 -14.16
C GLY C 377 -24.08 -7.59 -13.85
N PHE C 378 -23.21 -7.62 -12.85
CA PHE C 378 -22.47 -6.40 -12.43
C PHE C 378 -21.35 -5.96 -13.40
N VAL C 379 -20.65 -6.86 -14.05
CA VAL C 379 -19.57 -6.56 -14.99
C VAL C 379 -20.13 -5.76 -16.16
N LYS C 380 -21.25 -6.28 -16.68
CA LYS C 380 -21.94 -5.66 -17.82
C LYS C 380 -22.33 -4.22 -17.48
N LEU C 381 -22.86 -4.01 -16.29
CA LEU C 381 -23.26 -2.68 -15.80
C LEU C 381 -21.98 -1.83 -15.76
N ASN C 382 -20.91 -2.39 -15.23
CA ASN C 382 -19.63 -1.67 -15.13
C ASN C 382 -19.12 -1.26 -16.53
N GLN C 383 -19.16 -2.19 -17.47
CA GLN C 383 -18.73 -1.95 -18.85
C GLN C 383 -19.56 -0.82 -19.45
N LEU C 384 -20.86 -0.71 -19.23
CA LEU C 384 -21.63 0.41 -19.82
C LEU C 384 -21.17 1.76 -19.27
N ALA C 385 -20.83 1.75 -17.97
CA ALA C 385 -20.37 2.98 -17.28
C ALA C 385 -19.05 3.44 -17.90
N ILE C 386 -18.09 2.52 -18.04
CA ILE C 386 -16.81 2.88 -18.62
C ILE C 386 -16.96 3.38 -20.05
N GLU C 387 -17.83 2.75 -20.83
CA GLU C 387 -18.09 3.19 -22.22
C GLU C 387 -18.72 4.57 -22.23
N HIS C 388 -19.50 4.95 -21.23
CA HIS C 388 -20.04 6.30 -21.19
C HIS C 388 -18.86 7.24 -20.91
N LEU C 389 -17.98 6.84 -20.00
CA LEU C 389 -16.79 7.63 -19.62
C LEU C 389 -15.87 7.92 -20.80
N LEU C 390 -15.66 6.95 -21.65
CA LEU C 390 -14.80 7.07 -22.82
C LEU C 390 -15.51 7.75 -24.00
N GLY C 391 -16.75 8.15 -23.85
CA GLY C 391 -17.51 8.76 -24.94
C GLY C 391 -17.71 7.75 -26.06
N ALA C 392 -17.76 6.47 -25.76
CA ALA C 392 -17.94 5.37 -26.71
C ALA C 392 -19.42 5.12 -27.00
N ARG C 393 -20.23 5.82 -26.22
CA ARG C 393 -21.69 5.78 -26.31
C ARG C 393 -22.17 7.17 -25.86
N VAL D 2 26.91 -3.16 24.12
CA VAL D 2 28.09 -3.29 23.24
C VAL D 2 28.53 -1.90 22.74
N GLN D 3 29.74 -1.93 22.18
CA GLN D 3 30.39 -0.71 21.63
C GLN D 3 30.81 -0.98 20.17
N ALA D 4 30.64 0.08 19.38
CA ALA D 4 31.03 -0.03 17.96
C ALA D 4 32.54 0.12 17.88
N THR D 5 33.14 -0.61 16.98
CA THR D 5 34.56 -0.58 16.66
C THR D 5 34.63 -0.22 15.16
N ARG D 6 35.79 0.26 14.76
CA ARG D 6 36.00 0.66 13.36
C ARG D 6 35.80 -0.52 12.44
N GLU D 7 35.92 -1.71 12.99
CA GLU D 7 35.74 -2.95 12.22
C GLU D 7 34.27 -3.15 11.88
N ASP D 8 33.39 -2.47 12.60
CA ASP D 8 31.95 -2.55 12.39
C ASP D 8 31.59 -1.78 11.11
N LYS D 9 32.44 -0.81 10.79
CA LYS D 9 32.28 0.04 9.62
C LYS D 9 30.94 0.77 9.49
N PHE D 10 30.61 1.45 10.56
CA PHE D 10 29.38 2.26 10.64
C PHE D 10 29.72 3.63 10.02
N SER D 11 28.93 4.07 9.05
CA SER D 11 29.14 5.38 8.41
C SER D 11 27.79 6.10 8.35
N PHE D 12 27.86 7.40 8.28
CA PHE D 12 26.70 8.29 8.24
C PHE D 12 26.93 9.36 7.17
N GLY D 13 25.85 9.81 6.57
CA GLY D 13 25.94 10.86 5.55
C GLY D 13 25.87 12.15 6.39
N LEU D 14 26.55 13.15 5.88
CA LEU D 14 26.57 14.47 6.51
C LEU D 14 25.16 15.02 6.52
N TRP D 15 24.37 14.65 5.53
CA TRP D 15 22.98 15.11 5.38
C TRP D 15 22.01 14.42 6.34
N THR D 16 22.44 13.42 7.10
CA THR D 16 21.57 12.69 8.05
C THR D 16 21.50 13.52 9.32
N VAL D 17 22.54 13.45 10.13
CA VAL D 17 22.63 14.25 11.36
C VAL D 17 22.55 15.75 11.06
N GLY D 18 22.73 16.18 9.82
CA GLY D 18 22.69 17.58 9.45
C GLY D 18 21.32 17.97 8.93
N TRP D 19 20.35 17.08 8.85
CA TRP D 19 19.03 17.48 8.32
C TRP D 19 18.45 18.50 9.30
N GLN D 20 18.16 19.67 8.80
CA GLN D 20 17.58 20.77 9.58
C GLN D 20 16.07 20.65 9.88
N ALA D 21 15.49 19.62 9.30
CA ALA D 21 14.11 19.25 9.50
C ALA D 21 13.08 20.17 8.87
N ARG D 22 13.35 20.66 7.69
CA ARG D 22 12.38 21.47 6.93
C ARG D 22 11.62 20.38 6.16
N ASP D 23 10.37 20.09 6.39
CA ASP D 23 9.75 19.00 5.60
C ASP D 23 8.86 19.68 4.54
N ALA D 24 7.97 18.86 3.97
CA ALA D 24 7.03 19.34 2.93
C ALA D 24 5.99 20.30 3.52
N PHE D 25 5.71 20.15 4.84
CA PHE D 25 4.70 21.05 5.40
C PHE D 25 5.32 22.01 6.40
N GLY D 26 6.65 22.09 6.55
CA GLY D 26 7.07 23.07 7.58
C GLY D 26 8.49 23.52 7.49
N ASP D 27 8.77 24.50 8.32
CA ASP D 27 10.11 25.11 8.39
C ASP D 27 11.06 24.23 9.22
N ALA D 28 12.32 24.56 9.03
CA ALA D 28 13.39 23.82 9.74
C ALA D 28 13.21 24.05 11.22
N THR D 29 13.50 23.08 12.03
CA THR D 29 13.37 23.18 13.49
C THR D 29 14.75 23.18 14.12
N ARG D 30 15.75 22.99 13.25
CA ARG D 30 17.13 22.97 13.77
C ARG D 30 17.99 23.88 12.91
N THR D 31 19.04 24.35 13.52
CA THR D 31 20.01 25.21 12.81
C THR D 31 20.99 24.27 12.10
N ALA D 32 21.71 24.84 11.14
CA ALA D 32 22.71 24.11 10.37
C ALA D 32 23.86 23.56 11.19
N LEU D 33 24.30 22.37 10.85
CA LEU D 33 25.41 21.68 11.51
C LEU D 33 26.71 21.93 10.74
N ASP D 34 27.72 22.38 11.45
CA ASP D 34 29.04 22.57 10.77
C ASP D 34 29.66 21.22 10.43
N PRO D 35 30.11 21.05 9.20
CA PRO D 35 30.74 19.80 8.76
C PRO D 35 31.86 19.28 9.64
N VAL D 36 32.70 20.16 10.15
CA VAL D 36 33.86 19.82 11.00
C VAL D 36 33.38 19.27 12.33
N GLU D 37 32.38 19.93 12.87
CA GLU D 37 31.70 19.52 14.10
C GLU D 37 31.03 18.15 13.96
N ALA D 38 30.43 17.95 12.78
CA ALA D 38 29.77 16.68 12.43
C ALA D 38 30.82 15.58 12.42
N VAL D 39 32.02 15.83 11.93
CA VAL D 39 33.12 14.85 11.86
C VAL D 39 33.53 14.39 13.28
N HIS D 40 33.71 15.34 14.16
CA HIS D 40 34.09 15.16 15.56
C HIS D 40 33.07 14.38 16.35
N LYS D 41 31.81 14.75 16.27
CA LYS D 41 30.68 14.09 16.92
C LYS D 41 30.52 12.66 16.43
N LEU D 42 30.61 12.46 15.12
CA LEU D 42 30.47 11.10 14.56
C LEU D 42 31.59 10.20 15.06
N ALA D 43 32.80 10.74 15.02
CA ALA D 43 33.99 9.98 15.47
C ALA D 43 33.79 9.54 16.93
N GLU D 44 33.25 10.47 17.69
CA GLU D 44 33.01 10.25 19.11
C GLU D 44 31.98 9.18 19.39
N ILE D 45 31.01 8.95 18.49
CA ILE D 45 30.00 7.92 18.77
C ILE D 45 30.43 6.60 18.16
N GLY D 46 31.57 6.57 17.47
CA GLY D 46 32.03 5.31 16.92
C GLY D 46 31.92 5.11 15.44
N ALA D 47 31.55 6.14 14.68
CA ALA D 47 31.46 5.96 13.22
C ALA D 47 32.87 5.80 12.70
N TYR D 48 33.06 5.09 11.61
CA TYR D 48 34.38 4.89 10.98
C TYR D 48 34.50 5.80 9.77
N GLY D 49 33.38 6.24 9.20
CA GLY D 49 33.40 7.09 8.02
C GLY D 49 32.21 8.03 7.95
N ILE D 50 32.35 9.00 7.06
CA ILE D 50 31.36 10.03 6.76
C ILE D 50 31.23 10.12 5.23
N THR D 51 30.04 10.40 4.75
CA THR D 51 29.86 10.50 3.30
C THR D 51 29.18 11.84 3.01
N PHE D 52 29.05 12.26 1.78
CA PHE D 52 28.34 13.56 1.59
C PHE D 52 28.06 13.75 0.12
N HIS D 53 27.16 14.64 -0.17
CA HIS D 53 26.76 15.09 -1.49
C HIS D 53 27.67 16.34 -1.62
N ASP D 54 28.05 16.65 -2.82
CA ASP D 54 28.89 17.81 -3.11
C ASP D 54 28.29 19.03 -2.42
N ASP D 55 27.00 19.27 -2.64
CA ASP D 55 26.28 20.40 -2.09
C ASP D 55 26.07 20.39 -0.59
N ASP D 56 26.33 19.33 0.11
CA ASP D 56 26.20 19.28 1.56
C ASP D 56 27.46 19.95 2.16
N LEU D 57 28.61 19.69 1.56
CA LEU D 57 29.88 20.24 2.06
C LEU D 57 30.16 21.65 1.55
N VAL D 58 30.07 21.78 0.24
CA VAL D 58 30.31 23.09 -0.40
C VAL D 58 28.99 23.62 -0.96
N PRO D 59 28.53 24.72 -0.40
CA PRO D 59 27.28 25.35 -0.84
C PRO D 59 27.35 25.54 -2.35
N PHE D 60 26.23 25.24 -2.94
CA PHE D 60 26.02 25.35 -4.40
C PHE D 60 26.44 26.79 -4.77
N GLY D 61 27.29 26.82 -5.77
CA GLY D 61 27.82 28.03 -6.34
C GLY D 61 28.93 28.74 -5.58
N SER D 62 29.63 28.05 -4.72
CA SER D 62 30.73 28.67 -3.97
C SER D 62 31.86 28.93 -4.97
N ASP D 63 32.57 30.03 -4.82
CA ASP D 63 33.72 30.33 -5.69
C ASP D 63 34.79 29.30 -5.28
N ALA D 64 35.78 29.21 -6.15
CA ALA D 64 36.88 28.27 -5.95
C ALA D 64 37.65 28.51 -4.67
N GLN D 65 37.78 29.76 -4.28
CA GLN D 65 38.55 30.03 -3.04
C GLN D 65 37.79 29.47 -1.85
N THR D 66 36.50 29.70 -1.88
CA THR D 66 35.61 29.23 -0.80
C THR D 66 35.61 27.70 -0.72
N ARG D 67 35.41 27.11 -1.90
CA ARG D 67 35.33 25.64 -2.00
C ARG D 67 36.59 25.00 -1.47
N ASP D 68 37.71 25.54 -1.88
CA ASP D 68 39.06 25.06 -1.52
C ASP D 68 39.30 25.15 -0.02
N GLY D 69 38.78 26.20 0.57
CA GLY D 69 38.90 26.49 2.01
C GLY D 69 38.13 25.44 2.80
N ILE D 70 36.90 25.19 2.31
CA ILE D 70 36.01 24.22 2.94
C ILE D 70 36.68 22.85 2.86
N ILE D 71 37.10 22.48 1.66
CA ILE D 71 37.73 21.16 1.52
C ILE D 71 38.90 20.95 2.45
N ALA D 72 39.75 21.94 2.58
CA ALA D 72 40.95 21.86 3.43
C ALA D 72 40.66 21.69 4.91
N GLY D 73 39.68 22.43 5.40
CA GLY D 73 39.26 22.34 6.82
C GLY D 73 38.64 20.96 7.07
N PHE D 74 37.93 20.47 6.04
CA PHE D 74 37.29 19.17 6.10
C PHE D 74 38.33 18.07 6.28
N LYS D 75 39.33 18.18 5.42
CA LYS D 75 40.43 17.19 5.41
C LYS D 75 41.18 17.15 6.75
N LYS D 76 41.34 18.33 7.34
CA LYS D 76 42.02 18.39 8.65
C LYS D 76 41.26 17.66 9.73
N ALA D 77 39.94 17.80 9.78
CA ALA D 77 39.05 17.15 10.74
C ALA D 77 39.18 15.64 10.54
N LEU D 78 39.18 15.25 9.28
CA LEU D 78 39.26 13.81 8.97
C LEU D 78 40.54 13.21 9.52
N ASP D 79 41.56 14.00 9.29
CA ASP D 79 42.93 13.66 9.69
C ASP D 79 43.07 13.52 11.21
N GLU D 80 42.57 14.54 11.86
CA GLU D 80 42.58 14.62 13.31
C GLU D 80 41.73 13.56 13.97
N THR D 81 40.62 13.18 13.35
CA THR D 81 39.74 12.19 13.99
C THR D 81 40.03 10.80 13.50
N GLY D 82 40.61 10.67 12.33
CA GLY D 82 40.87 9.32 11.78
C GLY D 82 39.64 8.77 11.04
N LEU D 83 38.61 9.56 10.78
CA LEU D 83 37.42 9.10 10.05
C LEU D 83 37.83 9.02 8.60
N ILE D 84 37.16 8.20 7.82
CA ILE D 84 37.44 8.12 6.38
C ILE D 84 36.15 8.50 5.64
N VAL D 85 36.24 8.63 4.35
CA VAL D 85 35.19 8.95 3.42
C VAL D 85 35.14 7.74 2.48
N PRO D 86 34.30 6.77 2.80
CA PRO D 86 34.19 5.58 1.97
C PRO D 86 33.36 5.71 0.70
N MET D 87 32.51 6.71 0.60
CA MET D 87 31.60 6.93 -0.53
C MET D 87 31.30 8.42 -0.61
N VAL D 88 31.08 8.88 -1.81
CA VAL D 88 30.69 10.28 -2.05
C VAL D 88 29.49 10.17 -3.03
N THR D 89 28.72 11.26 -3.11
CA THR D 89 27.57 11.31 -4.00
C THR D 89 27.37 12.73 -4.48
N THR D 90 26.56 12.98 -5.50
CA THR D 90 26.25 14.27 -6.08
C THR D 90 24.78 14.63 -5.97
N ASN D 91 24.54 15.88 -5.65
CA ASN D 91 23.13 16.33 -5.55
C ASN D 91 22.65 16.69 -6.96
N LEU D 92 21.78 15.87 -7.52
CA LEU D 92 21.20 16.13 -8.84
C LEU D 92 19.69 16.22 -8.62
N PHE D 93 19.27 16.78 -7.49
CA PHE D 93 17.81 16.80 -7.24
C PHE D 93 17.31 18.11 -6.67
N THR D 94 18.12 18.82 -5.94
CA THR D 94 17.68 20.05 -5.28
C THR D 94 17.41 21.28 -6.12
N HIS D 95 18.40 21.66 -6.89
CA HIS D 95 18.29 22.87 -7.71
C HIS D 95 17.16 22.71 -8.70
N PRO D 96 16.42 23.79 -8.90
CA PRO D 96 15.30 23.83 -9.83
C PRO D 96 15.65 23.31 -11.23
N VAL D 97 16.92 23.44 -11.61
CA VAL D 97 17.32 23.02 -12.97
C VAL D 97 17.10 21.53 -13.16
N PHE D 98 17.08 20.77 -12.08
CA PHE D 98 16.91 19.33 -12.09
C PHE D 98 15.49 18.83 -11.89
N LYS D 99 14.53 19.74 -12.02
CA LYS D 99 13.11 19.40 -11.85
C LYS D 99 12.64 18.26 -12.72
N ASP D 100 13.25 17.98 -13.87
CA ASP D 100 12.80 16.85 -14.71
C ASP D 100 13.89 15.78 -14.74
N GLY D 101 14.81 15.92 -13.85
CA GLY D 101 15.94 14.98 -13.71
C GLY D 101 17.28 15.59 -14.07
N GLY D 102 18.32 14.80 -13.91
CA GLY D 102 19.73 15.16 -14.20
C GLY D 102 20.10 14.52 -15.54
N PHE D 103 20.55 13.28 -15.53
CA PHE D 103 20.94 12.52 -16.70
C PHE D 103 19.78 12.29 -17.67
N THR D 104 18.53 12.34 -17.17
CA THR D 104 17.41 12.06 -18.05
C THR D 104 16.44 13.20 -18.24
N SER D 105 16.81 14.43 -17.97
CA SER D 105 15.94 15.60 -18.18
C SER D 105 15.54 15.61 -19.63
N ASN D 106 14.36 16.05 -20.03
CA ASN D 106 13.99 16.07 -21.47
C ASN D 106 14.91 17.10 -22.17
N ASP D 107 15.37 18.10 -21.40
CA ASP D 107 16.24 19.19 -21.85
C ASP D 107 17.71 18.76 -21.92
N ARG D 108 18.24 18.78 -23.12
CA ARG D 108 19.61 18.38 -23.42
C ARG D 108 20.73 19.06 -22.64
N SER D 109 20.61 20.34 -22.51
CA SER D 109 21.62 21.12 -21.80
C SER D 109 21.66 20.74 -20.35
N VAL D 110 20.55 20.32 -19.76
CA VAL D 110 20.54 19.89 -18.35
C VAL D 110 21.31 18.59 -18.26
N ARG D 111 21.14 17.72 -19.24
CA ARG D 111 21.84 16.42 -19.21
C ARG D 111 23.35 16.63 -19.23
N ARG D 112 23.74 17.59 -20.08
CA ARG D 112 25.20 17.91 -20.19
C ARG D 112 25.73 18.45 -18.88
N TYR D 113 25.05 19.36 -18.22
CA TYR D 113 25.41 19.91 -16.92
C TYR D 113 25.44 18.88 -15.81
N ALA D 114 24.47 17.94 -15.81
CA ALA D 114 24.41 16.90 -14.80
C ALA D 114 25.70 16.09 -14.83
N ILE D 115 26.15 15.71 -16.02
CA ILE D 115 27.39 14.91 -16.14
C ILE D 115 28.61 15.69 -15.60
N ARG D 116 28.75 16.96 -15.96
CA ARG D 116 29.88 17.75 -15.46
C ARG D 116 29.82 17.88 -13.94
N LYS D 117 28.65 18.01 -13.33
CA LYS D 117 28.55 18.16 -11.87
C LYS D 117 29.06 16.91 -11.18
N VAL D 118 28.78 15.74 -11.75
CA VAL D 118 29.22 14.44 -11.25
C VAL D 118 30.72 14.25 -11.48
N LEU D 119 31.25 14.60 -12.65
CA LEU D 119 32.69 14.45 -12.92
C LEU D 119 33.48 15.25 -11.87
N ARG D 120 33.02 16.44 -11.59
CA ARG D 120 33.68 17.28 -10.59
C ARG D 120 33.65 16.61 -9.23
N GLN D 121 32.59 15.92 -8.86
CA GLN D 121 32.49 15.24 -7.56
C GLN D 121 33.36 13.99 -7.54
N MET D 122 33.53 13.34 -8.68
CA MET D 122 34.35 12.13 -8.76
C MET D 122 35.79 12.53 -8.42
N ASP D 123 36.19 13.69 -8.93
CA ASP D 123 37.56 14.17 -8.66
C ASP D 123 37.78 14.34 -7.16
N LEU D 124 36.90 15.07 -6.50
CA LEU D 124 36.98 15.30 -5.06
C LEU D 124 36.87 13.95 -4.36
N GLY D 125 36.01 13.06 -4.83
CA GLY D 125 35.88 11.73 -4.21
C GLY D 125 37.23 11.03 -4.21
N ALA D 126 37.79 10.92 -5.39
CA ALA D 126 39.09 10.26 -5.61
C ALA D 126 40.17 10.88 -4.73
N GLU D 127 40.19 12.18 -4.54
CA GLU D 127 41.17 12.86 -3.71
C GLU D 127 40.97 12.59 -2.24
N LEU D 128 39.74 12.31 -1.79
CA LEU D 128 39.44 12.01 -0.39
C LEU D 128 39.60 10.49 -0.18
N GLY D 129 39.83 9.72 -1.22
CA GLY D 129 40.00 8.26 -1.07
C GLY D 129 38.74 7.41 -1.16
N ALA D 130 37.61 7.98 -1.54
CA ALA D 130 36.35 7.29 -1.67
C ALA D 130 36.51 6.17 -2.68
N LYS D 131 35.90 5.03 -2.41
CA LYS D 131 35.93 3.89 -3.32
C LYS D 131 34.61 3.72 -4.05
N THR D 132 33.54 4.31 -3.54
CA THR D 132 32.21 4.19 -4.16
C THR D 132 31.57 5.54 -4.45
N LEU D 133 30.97 5.57 -5.63
CA LEU D 133 30.22 6.74 -6.04
C LEU D 133 28.76 6.22 -6.04
N VAL D 134 27.89 6.77 -5.24
CA VAL D 134 26.48 6.39 -5.16
C VAL D 134 25.70 7.31 -6.15
N LEU D 135 24.80 6.71 -6.92
CA LEU D 135 24.00 7.52 -7.86
C LEU D 135 22.53 7.36 -7.48
N TRP D 136 21.87 8.38 -6.96
CA TRP D 136 20.45 8.34 -6.61
C TRP D 136 19.74 9.30 -7.57
N GLY D 137 19.08 8.74 -8.56
CA GLY D 137 18.40 9.60 -9.57
C GLY D 137 17.03 9.95 -9.07
N GLY D 138 16.96 10.75 -8.04
CA GLY D 138 15.69 11.11 -7.41
C GLY D 138 14.71 11.86 -8.30
N ARG D 139 15.22 12.58 -9.30
CA ARG D 139 14.40 13.35 -10.24
C ARG D 139 14.19 12.68 -11.61
N GLU D 140 14.76 11.50 -11.81
CA GLU D 140 14.62 10.78 -13.08
C GLU D 140 13.27 10.08 -13.07
N GLY D 141 12.31 10.54 -13.88
CA GLY D 141 11.00 9.88 -13.88
C GLY D 141 9.89 10.76 -14.42
N ALA D 142 8.71 10.64 -13.83
CA ALA D 142 7.57 11.42 -14.31
C ALA D 142 6.39 11.43 -13.36
N GLU D 143 5.50 12.38 -13.62
CA GLU D 143 4.24 12.46 -12.89
C GLU D 143 3.18 11.97 -13.85
N TYR D 144 3.38 12.04 -15.15
CA TYR D 144 2.49 11.69 -16.23
C TYR D 144 3.19 10.79 -17.24
N ASP D 145 2.52 9.75 -17.71
CA ASP D 145 3.09 8.74 -18.60
C ASP D 145 3.57 9.30 -19.92
N SER D 146 2.84 10.23 -20.48
CA SER D 146 3.23 10.76 -21.80
C SER D 146 4.35 11.78 -21.77
N ALA D 147 4.78 12.19 -20.58
CA ALA D 147 5.83 13.22 -20.49
C ALA D 147 7.24 12.70 -20.65
N LYS D 148 7.39 11.41 -20.56
CA LYS D 148 8.68 10.75 -20.57
C LYS D 148 8.74 9.44 -21.34
N ASP D 149 9.69 9.51 -22.26
CA ASP D 149 9.99 8.32 -23.10
C ASP D 149 10.98 7.48 -22.27
N VAL D 150 10.53 6.39 -21.69
CA VAL D 150 11.40 5.56 -20.84
C VAL D 150 12.60 4.91 -21.51
N SER D 151 12.33 4.47 -22.73
CA SER D 151 13.35 3.83 -23.56
C SER D 151 14.45 4.86 -23.83
N ALA D 152 14.04 6.03 -24.28
CA ALA D 152 15.01 7.11 -24.53
C ALA D 152 15.71 7.43 -23.22
N ALA D 153 14.96 7.50 -22.15
CA ALA D 153 15.47 7.81 -20.82
C ALA D 153 16.51 6.79 -20.40
N LEU D 154 16.27 5.50 -20.59
CA LEU D 154 17.25 4.46 -20.21
C LEU D 154 18.48 4.56 -21.10
N ASP D 155 18.32 4.97 -22.34
CA ASP D 155 19.42 5.16 -23.27
C ASP D 155 20.33 6.29 -22.72
N ARG D 156 19.75 7.41 -22.34
CA ARG D 156 20.50 8.56 -21.84
C ARG D 156 21.20 8.28 -20.51
N TYR D 157 20.58 7.48 -19.67
CA TYR D 157 21.07 7.08 -18.35
C TYR D 157 22.37 6.30 -18.56
N ARG D 158 22.25 5.32 -19.47
CA ARG D 158 23.34 4.44 -19.84
C ARG D 158 24.45 5.25 -20.51
N GLU D 159 24.08 6.18 -21.35
CA GLU D 159 25.03 7.07 -22.02
C GLU D 159 25.84 7.83 -21.00
N ALA D 160 25.20 8.38 -19.97
CA ALA D 160 25.94 9.11 -18.92
C ALA D 160 26.81 8.18 -18.07
N LEU D 161 26.32 7.02 -17.67
CA LEU D 161 27.08 6.09 -16.81
C LEU D 161 28.30 5.54 -17.51
N ASN D 162 28.25 5.16 -18.77
CA ASN D 162 29.40 4.66 -19.54
C ASN D 162 30.56 5.69 -19.58
N LEU D 163 30.22 6.96 -19.64
CA LEU D 163 31.23 8.02 -19.72
C LEU D 163 31.95 8.11 -18.37
N LEU D 164 31.13 8.08 -17.32
CA LEU D 164 31.65 8.14 -15.97
C LEU D 164 32.62 6.96 -15.77
N ALA D 165 32.29 5.72 -16.12
CA ALA D 165 33.15 4.55 -15.95
C ALA D 165 34.47 4.80 -16.70
N GLN D 166 34.35 5.28 -17.92
CA GLN D 166 35.44 5.61 -18.83
C GLN D 166 36.45 6.58 -18.21
N TYR D 167 35.95 7.69 -17.72
CA TYR D 167 36.76 8.74 -17.09
C TYR D 167 37.47 8.15 -15.89
N SER D 168 36.70 7.47 -15.04
CA SER D 168 37.25 6.82 -13.85
C SER D 168 38.29 5.77 -14.36
N GLU D 169 38.08 4.96 -15.13
CA GLU D 169 38.99 4.04 -15.64
C GLU D 169 40.30 4.66 -16.10
N ASP D 170 40.15 5.68 -16.94
CA ASP D 170 41.27 6.41 -17.51
C ASP D 170 42.04 7.16 -16.44
N ARG D 171 41.37 7.72 -15.46
CA ARG D 171 42.14 8.46 -14.44
C ARG D 171 42.71 7.56 -13.35
N GLY D 172 42.43 6.29 -13.40
CA GLY D 172 42.89 5.35 -12.37
C GLY D 172 42.24 5.59 -11.01
N TYR D 173 41.03 6.14 -10.96
CA TYR D 173 40.33 6.37 -9.69
C TYR D 173 39.93 5.11 -8.96
N GLY D 174 39.73 4.02 -9.68
CA GLY D 174 39.30 2.74 -9.10
C GLY D 174 37.94 2.76 -8.40
N LEU D 175 37.04 3.66 -8.78
CA LEU D 175 35.72 3.74 -8.18
C LEU D 175 34.86 2.60 -8.72
N ARG D 176 33.88 2.24 -7.94
CA ARG D 176 32.82 1.26 -8.18
C ARG D 176 31.58 2.20 -8.13
N PHE D 177 30.60 1.94 -8.97
CA PHE D 177 29.38 2.80 -9.02
C PHE D 177 28.18 2.03 -8.49
N ALA D 178 27.38 2.65 -7.66
CA ALA D 178 26.22 2.00 -7.04
C ALA D 178 24.97 2.82 -7.30
N ILE D 179 24.04 2.34 -8.10
CA ILE D 179 22.79 3.00 -8.42
C ILE D 179 21.85 2.69 -7.24
N GLU D 180 21.21 3.74 -6.77
CA GLU D 180 20.24 3.60 -5.67
C GLU D 180 18.80 3.68 -6.18
N PRO D 181 18.05 2.59 -6.09
CA PRO D 181 16.65 2.55 -6.50
C PRO D 181 15.76 3.21 -5.45
N LYS D 182 14.60 3.66 -5.88
CA LYS D 182 13.53 4.31 -5.13
C LYS D 182 12.30 4.33 -6.04
N PRO D 183 11.14 3.91 -5.53
CA PRO D 183 9.92 3.83 -6.32
C PRO D 183 9.25 5.13 -6.69
N ASN D 184 9.29 6.06 -5.76
CA ASN D 184 8.65 7.38 -5.96
C ASN D 184 9.18 8.37 -4.92
N GLN D 185 8.86 9.64 -5.07
CA GLN D 185 9.25 10.71 -4.12
C GLN D 185 10.72 11.08 -4.25
N PRO D 186 11.00 12.22 -4.85
CA PRO D 186 10.05 13.22 -5.33
C PRO D 186 9.28 13.09 -6.59
N ARG D 187 9.51 12.25 -7.54
CA ARG D 187 8.68 12.15 -8.77
C ARG D 187 7.52 11.21 -8.43
N GLY D 188 6.42 11.30 -9.17
CA GLY D 188 5.28 10.40 -8.97
C GLY D 188 5.78 8.97 -9.11
N ASP D 189 6.58 8.69 -10.12
CA ASP D 189 7.19 7.36 -10.37
C ASP D 189 8.64 7.65 -10.73
N ILE D 190 9.58 6.96 -10.12
CA ILE D 190 11.02 7.11 -10.41
C ILE D 190 11.52 5.96 -11.29
N LEU D 191 12.45 6.21 -12.24
CA LEU D 191 12.98 5.13 -13.11
C LEU D 191 13.82 4.22 -12.23
N LEU D 192 13.89 2.94 -12.52
CA LEU D 192 14.66 1.96 -11.71
C LEU D 192 14.05 1.97 -10.31
N PRO D 193 12.77 1.60 -10.20
CA PRO D 193 12.03 1.63 -8.94
C PRO D 193 12.39 0.70 -7.80
N THR D 194 12.93 -0.47 -8.02
CA THR D 194 13.29 -1.45 -6.98
C THR D 194 14.70 -1.98 -7.22
N ALA D 195 15.25 -2.68 -6.24
CA ALA D 195 16.61 -3.24 -6.46
C ALA D 195 16.65 -4.08 -7.73
N GLY D 196 15.57 -4.77 -8.06
CA GLY D 196 15.54 -5.63 -9.24
C GLY D 196 15.75 -4.86 -10.53
N HIS D 197 14.99 -3.79 -10.64
CA HIS D 197 15.05 -2.96 -11.86
C HIS D 197 16.46 -2.39 -12.01
N ALA D 198 17.09 -1.98 -10.92
CA ALA D 198 18.45 -1.39 -11.01
C ALA D 198 19.48 -2.42 -11.48
N ILE D 199 19.40 -3.63 -10.94
CA ILE D 199 20.33 -4.72 -11.28
C ILE D 199 20.13 -5.04 -12.76
N ALA D 200 18.92 -5.28 -13.22
CA ALA D 200 18.69 -5.61 -14.63
C ALA D 200 19.29 -4.51 -15.52
N PHE D 201 19.19 -3.27 -15.10
CA PHE D 201 19.72 -2.13 -15.85
C PHE D 201 21.26 -2.15 -15.97
N VAL D 202 21.90 -2.29 -14.83
CA VAL D 202 23.35 -2.33 -14.62
C VAL D 202 24.00 -3.34 -15.55
N GLN D 203 23.36 -4.44 -15.79
CA GLN D 203 23.77 -5.57 -16.63
C GLN D 203 23.84 -5.12 -18.09
N GLU D 204 23.31 -3.97 -18.45
CA GLU D 204 23.35 -3.52 -19.84
C GLU D 204 24.39 -2.45 -20.17
N LEU D 205 25.19 -2.05 -19.21
CA LEU D 205 26.19 -1.01 -19.40
C LEU D 205 27.41 -1.60 -20.12
N GLU D 206 28.29 -0.70 -20.52
CA GLU D 206 29.52 -1.09 -21.22
C GLU D 206 30.43 -1.90 -20.32
N ARG D 207 30.57 -1.58 -19.07
CA ARG D 207 31.38 -2.40 -18.15
C ARG D 207 30.60 -2.73 -16.88
N PRO D 208 29.72 -3.70 -16.96
CA PRO D 208 28.84 -4.08 -15.83
C PRO D 208 29.62 -4.33 -14.57
N GLU D 209 30.84 -4.79 -14.69
CA GLU D 209 31.63 -5.15 -13.52
C GLU D 209 31.93 -4.01 -12.57
N LEU D 210 31.87 -2.80 -13.04
CA LEU D 210 32.14 -1.64 -12.18
C LEU D 210 30.84 -1.12 -11.55
N PHE D 211 29.72 -1.69 -11.90
CA PHE D 211 28.38 -1.32 -11.43
C PHE D 211 27.58 -2.32 -10.59
N GLY D 212 27.04 -1.78 -9.49
CA GLY D 212 26.18 -2.58 -8.59
C GLY D 212 25.08 -1.67 -8.08
N ILE D 213 24.46 -1.99 -6.97
CA ILE D 213 23.38 -1.14 -6.43
C ILE D 213 23.66 -0.70 -5.00
N ASN D 214 22.95 0.32 -4.57
CA ASN D 214 22.98 0.87 -3.22
C ASN D 214 21.51 0.85 -2.75
N PRO D 215 20.97 -0.28 -2.39
CA PRO D 215 19.57 -0.40 -1.96
C PRO D 215 19.33 0.21 -0.60
N GLU D 216 18.15 0.75 -0.34
CA GLU D 216 17.89 1.37 0.99
C GLU D 216 16.73 0.68 1.66
N THR D 217 16.79 0.36 2.94
CA THR D 217 15.66 -0.33 3.60
C THR D 217 14.33 0.34 3.33
N GLY D 218 14.07 1.57 3.69
CA GLY D 218 12.77 2.14 3.43
C GLY D 218 12.36 2.18 2.00
N HIS D 219 13.23 2.25 1.04
CA HIS D 219 12.84 2.36 -0.39
C HIS D 219 12.15 1.10 -0.87
N GLU D 220 12.69 -0.05 -0.44
CA GLU D 220 11.98 -1.27 -0.90
C GLU D 220 10.69 -1.43 -0.13
N GLN D 221 10.69 -1.07 1.15
CA GLN D 221 9.48 -1.12 2.00
C GLN D 221 8.40 -0.13 1.55
N MET D 222 8.73 0.92 0.83
CA MET D 222 7.77 1.87 0.29
C MET D 222 6.87 1.15 -0.74
N SER D 223 7.34 0.05 -1.28
CA SER D 223 6.55 -0.74 -2.23
C SER D 223 6.03 -2.00 -1.53
N ASN D 224 6.26 -2.11 -0.23
CA ASN D 224 5.88 -3.22 0.62
C ASN D 224 6.51 -4.55 0.21
N LEU D 225 7.78 -4.50 -0.21
CA LEU D 225 8.61 -5.62 -0.62
C LEU D 225 9.45 -6.05 0.60
N ASN D 226 9.94 -7.28 0.49
CA ASN D 226 10.77 -7.85 1.57
C ASN D 226 12.22 -7.41 1.32
N PHE D 227 12.70 -6.49 2.13
CA PHE D 227 14.06 -5.96 1.99
C PHE D 227 15.11 -7.06 2.11
N THR D 228 15.06 -7.87 3.15
CA THR D 228 16.04 -8.95 3.31
C THR D 228 16.10 -9.85 2.09
N GLN D 229 14.94 -10.24 1.59
CA GLN D 229 14.89 -11.12 0.42
C GLN D 229 15.46 -10.45 -0.82
N GLY D 230 15.30 -9.16 -0.99
CA GLY D 230 15.85 -8.43 -2.16
C GLY D 230 17.36 -8.29 -2.00
N ILE D 231 17.84 -8.16 -0.78
CA ILE D 231 19.28 -8.07 -0.50
C ILE D 231 19.89 -9.44 -0.80
N ALA D 232 19.19 -10.51 -0.45
CA ALA D 232 19.64 -11.86 -0.68
C ALA D 232 19.84 -12.08 -2.20
N GLN D 233 18.94 -11.57 -3.00
CA GLN D 233 19.02 -11.64 -4.45
C GLN D 233 20.20 -10.75 -4.92
N ALA D 234 20.38 -9.57 -4.36
CA ALA D 234 21.48 -8.70 -4.76
C ALA D 234 22.82 -9.40 -4.50
N LEU D 235 22.94 -10.09 -3.39
CA LEU D 235 24.14 -10.83 -2.99
C LEU D 235 24.31 -11.99 -3.98
N TRP D 236 23.26 -12.64 -4.40
CA TRP D 236 23.35 -13.77 -5.33
C TRP D 236 24.00 -13.31 -6.65
N HIS D 237 23.68 -12.10 -7.08
CA HIS D 237 24.15 -11.46 -8.29
C HIS D 237 25.53 -10.84 -8.09
N LYS D 238 25.91 -10.65 -6.84
CA LYS D 238 27.18 -10.03 -6.47
C LYS D 238 27.13 -8.55 -6.85
N LYS D 239 26.00 -7.94 -6.58
CA LYS D 239 25.83 -6.53 -6.90
C LYS D 239 25.55 -5.66 -5.70
N LEU D 240 25.75 -6.13 -4.51
CA LEU D 240 25.50 -5.31 -3.31
C LEU D 240 26.81 -4.52 -3.12
N PHE D 241 26.95 -3.36 -3.71
CA PHE D 241 28.18 -2.56 -3.58
C PHE D 241 28.21 -1.68 -2.34
N HIS D 242 27.02 -1.38 -1.83
CA HIS D 242 26.89 -0.50 -0.65
C HIS D 242 25.46 -0.72 -0.15
N ILE D 243 25.10 -0.21 1.01
CA ILE D 243 23.77 -0.36 1.55
C ILE D 243 23.44 0.84 2.42
N ASP D 244 22.21 1.30 2.38
CA ASP D 244 21.62 2.38 3.16
C ASP D 244 20.64 1.71 4.15
N LEU D 245 20.89 1.87 5.45
CA LEU D 245 20.04 1.29 6.50
C LEU D 245 19.18 2.34 7.18
N ASN D 246 17.89 2.06 7.32
CA ASN D 246 16.96 3.00 7.95
C ASN D 246 15.69 2.19 8.30
N GLY D 247 14.66 2.94 8.71
CA GLY D 247 13.35 2.38 9.10
C GLY D 247 12.23 3.06 8.32
N GLN D 248 11.20 2.27 8.10
CA GLN D 248 10.02 2.74 7.34
C GLN D 248 8.81 1.93 7.77
N HIS D 249 7.62 2.54 7.67
CA HIS D 249 6.37 1.82 8.00
C HIS D 249 5.59 1.58 6.70
N GLY D 250 6.01 0.70 5.85
CA GLY D 250 5.31 0.35 4.62
C GLY D 250 5.14 1.48 3.65
N PRO D 251 4.16 1.32 2.75
CA PRO D 251 3.88 2.32 1.71
C PRO D 251 3.36 3.67 2.11
N LYS D 252 4.16 4.68 2.31
CA LYS D 252 3.75 6.05 2.67
C LYS D 252 5.00 6.86 2.34
N PHE D 253 5.01 8.14 2.57
CA PHE D 253 6.22 8.96 2.30
C PHE D 253 7.40 8.26 2.96
N ASP D 254 8.56 8.65 2.52
CA ASP D 254 9.88 8.16 2.97
C ASP D 254 10.22 8.70 4.35
N GLN D 255 10.10 7.88 5.36
CA GLN D 255 10.29 8.27 6.76
C GLN D 255 11.75 8.39 7.21
N ASP D 256 12.60 7.49 6.69
CA ASP D 256 14.00 7.52 7.10
C ASP D 256 14.16 7.49 8.62
N LEU D 257 13.52 6.55 9.28
CA LEU D 257 13.66 6.43 10.75
C LEU D 257 15.00 5.74 11.01
N VAL D 258 15.43 5.68 12.27
CA VAL D 258 16.62 4.95 12.69
C VAL D 258 16.46 3.50 12.25
N PHE D 259 17.54 2.85 11.88
CA PHE D 259 17.51 1.44 11.47
C PHE D 259 16.84 0.60 12.58
N GLY D 260 15.90 -0.26 12.27
CA GLY D 260 15.20 -1.08 13.25
C GLY D 260 13.94 -0.54 13.89
N HIS D 261 13.63 0.74 13.67
CA HIS D 261 12.45 1.42 14.19
C HIS D 261 11.20 1.32 13.33
N GLY D 262 11.32 0.68 12.19
CA GLY D 262 10.25 0.44 11.21
C GLY D 262 9.84 -1.02 11.34
N ASP D 263 10.28 -1.85 10.41
CA ASP D 263 9.97 -3.30 10.38
C ASP D 263 11.08 -3.99 11.17
N LEU D 264 10.89 -4.15 12.48
CA LEU D 264 11.85 -4.76 13.35
C LEU D 264 12.16 -6.19 12.92
N LEU D 265 11.17 -6.99 12.59
CA LEU D 265 11.42 -8.39 12.23
C LEU D 265 12.28 -8.44 10.96
N ASN D 266 12.11 -7.59 9.98
CA ASN D 266 12.90 -7.63 8.74
C ASN D 266 14.32 -7.11 8.98
N ALA D 267 14.47 -6.25 9.96
CA ALA D 267 15.77 -5.67 10.35
C ALA D 267 16.60 -6.81 10.95
N PHE D 268 15.97 -7.66 11.73
CA PHE D 268 16.58 -8.79 12.39
C PHE D 268 17.08 -9.83 11.38
N SER D 269 16.21 -10.21 10.47
CA SER D 269 16.61 -11.18 9.44
C SER D 269 17.65 -10.50 8.51
N LEU D 270 17.71 -9.18 8.38
CA LEU D 270 18.69 -8.52 7.53
C LEU D 270 20.08 -8.61 8.19
N VAL D 271 20.18 -8.30 9.47
CA VAL D 271 21.43 -8.42 10.20
C VAL D 271 21.89 -9.88 10.17
N ASP D 272 21.01 -10.85 10.30
CA ASP D 272 21.38 -12.28 10.25
C ASP D 272 22.04 -12.60 8.90
N LEU D 273 21.46 -12.19 7.79
CA LEU D 273 21.94 -12.38 6.44
C LEU D 273 23.31 -11.74 6.19
N LEU D 274 23.51 -10.51 6.63
CA LEU D 274 24.76 -9.80 6.43
C LEU D 274 25.90 -10.36 7.27
N GLU D 275 25.68 -10.66 8.51
CA GLU D 275 26.76 -11.13 9.38
C GLU D 275 26.97 -12.61 9.47
N ASN D 276 25.95 -13.40 9.39
CA ASN D 276 26.07 -14.86 9.52
C ASN D 276 26.13 -15.36 8.08
N GLY D 277 27.14 -14.85 7.40
CA GLY D 277 27.29 -15.27 5.99
C GLY D 277 27.91 -16.66 5.97
N PRO D 278 28.16 -17.10 4.74
CA PRO D 278 28.79 -18.42 4.51
C PRO D 278 30.26 -18.39 4.96
N ASP D 279 30.55 -19.44 5.73
CA ASP D 279 31.86 -19.74 6.31
C ASP D 279 32.19 -18.90 7.53
N GLY D 280 31.24 -18.76 8.44
CA GLY D 280 31.44 -17.97 9.67
C GLY D 280 31.32 -16.47 9.49
N ALA D 281 32.06 -15.99 8.50
CA ALA D 281 32.11 -14.57 8.15
C ALA D 281 30.88 -13.96 7.49
N PRO D 282 30.86 -12.64 7.54
CA PRO D 282 29.79 -11.84 6.95
C PRO D 282 29.68 -12.11 5.46
N ALA D 283 28.49 -11.98 4.95
CA ALA D 283 28.21 -12.17 3.53
C ALA D 283 28.51 -10.85 2.81
N TYR D 284 28.60 -9.77 3.53
CA TYR D 284 28.85 -8.42 2.99
C TYR D 284 29.87 -7.68 3.85
N ASP D 285 30.81 -7.08 3.11
CA ASP D 285 31.88 -6.36 3.78
C ASP D 285 31.95 -4.86 3.54
N GLY D 286 31.02 -4.21 2.89
CA GLY D 286 31.17 -2.75 2.69
C GLY D 286 30.70 -2.07 3.96
N PRO D 287 30.61 -0.75 3.86
CA PRO D 287 30.13 0.06 4.97
C PRO D 287 28.67 -0.27 5.34
N ARG D 288 28.37 -0.06 6.59
CA ARG D 288 27.01 -0.23 7.15
C ARG D 288 26.64 1.26 7.26
N HIS D 289 26.07 1.75 6.19
CA HIS D 289 25.72 3.19 6.12
C HIS D 289 24.34 3.55 6.57
N PHE D 290 24.16 4.51 7.45
CA PHE D 290 22.83 4.94 7.89
C PHE D 290 22.43 6.24 7.15
N ASP D 291 21.41 6.07 6.32
CA ASP D 291 20.77 7.13 5.54
C ASP D 291 19.37 7.29 6.22
N TYR D 292 19.36 8.08 7.28
CA TYR D 292 18.21 8.35 8.10
C TYR D 292 18.14 9.85 8.45
N LYS D 293 17.07 10.20 9.14
CA LYS D 293 16.89 11.60 9.55
C LYS D 293 16.38 11.66 10.97
N PRO D 294 17.02 12.45 11.78
CA PRO D 294 16.55 12.62 13.20
C PRO D 294 15.16 13.24 13.07
N SER D 295 14.16 12.76 13.78
CA SER D 295 12.80 13.31 13.70
C SER D 295 12.77 14.82 13.93
N ARG D 296 11.82 15.43 13.25
CA ARG D 296 11.61 16.89 13.29
C ARG D 296 11.33 17.39 14.71
N THR D 297 10.85 16.52 15.59
CA THR D 297 10.56 16.91 16.97
C THR D 297 11.80 17.05 17.83
N GLU D 298 12.94 16.62 17.34
CA GLU D 298 14.17 16.67 18.15
C GLU D 298 15.10 17.84 18.00
N ASP D 299 15.89 18.08 19.05
CA ASP D 299 16.90 19.15 19.04
C ASP D 299 18.26 18.44 18.86
N TYR D 300 19.37 19.19 18.96
CA TYR D 300 20.69 18.55 18.75
C TYR D 300 20.93 17.45 19.75
N ASP D 301 20.37 17.43 20.94
CA ASP D 301 20.55 16.29 21.85
C ASP D 301 19.88 15.07 21.21
N GLY D 302 18.67 15.21 20.70
CA GLY D 302 17.94 14.13 20.07
C GLY D 302 18.66 13.66 18.82
N VAL D 303 19.34 14.57 18.15
CA VAL D 303 20.14 14.23 16.95
C VAL D 303 21.26 13.24 17.29
N TRP D 304 22.07 13.46 18.30
CA TRP D 304 23.15 12.50 18.64
C TRP D 304 22.63 11.21 19.25
N GLU D 305 21.53 11.31 19.97
CA GLU D 305 20.84 10.17 20.56
C GLU D 305 20.42 9.24 19.41
N SER D 306 19.80 9.86 18.42
CA SER D 306 19.33 9.09 17.26
C SER D 306 20.51 8.51 16.48
N ALA D 307 21.67 9.18 16.38
CA ALA D 307 22.84 8.69 15.66
C ALA D 307 23.30 7.45 16.42
N LYS D 308 23.41 7.58 17.73
CA LYS D 308 23.79 6.39 18.54
C LYS D 308 22.75 5.28 18.47
N ALA D 309 21.46 5.52 18.41
CA ALA D 309 20.41 4.50 18.33
C ALA D 309 20.61 3.59 17.12
N ASN D 310 21.09 4.13 16.01
CA ASN D 310 21.32 3.32 14.79
C ASN D 310 22.32 2.20 15.05
N ILE D 311 23.43 2.58 15.68
CA ILE D 311 24.51 1.65 16.01
C ILE D 311 24.08 0.64 17.06
N ARG D 312 23.43 1.11 18.08
CA ARG D 312 22.94 0.27 19.18
C ARG D 312 22.03 -0.77 18.53
N MET D 313 21.08 -0.32 17.74
CA MET D 313 20.11 -1.20 17.07
C MET D 313 20.86 -2.28 16.28
N TYR D 314 21.85 -1.87 15.49
CA TYR D 314 22.57 -2.91 14.70
C TYR D 314 23.27 -3.94 15.57
N LEU D 315 23.95 -3.45 16.62
CA LEU D 315 24.70 -4.36 17.52
C LEU D 315 23.82 -5.30 18.31
N LEU D 316 22.72 -4.86 18.87
CA LEU D 316 21.74 -5.67 19.59
C LEU D 316 21.18 -6.77 18.67
N LEU D 317 20.73 -6.47 17.47
CA LEU D 317 20.20 -7.44 16.53
C LEU D 317 21.34 -8.41 16.15
N LYS D 318 22.55 -7.91 16.02
CA LYS D 318 23.68 -8.78 15.65
C LYS D 318 23.95 -9.89 16.69
N GLU D 319 23.93 -9.43 17.92
CA GLU D 319 24.10 -10.28 19.11
C GLU D 319 23.03 -11.35 19.13
N ARG D 320 21.77 -10.98 18.95
CA ARG D 320 20.62 -11.91 18.92
C ARG D 320 20.67 -12.82 17.70
N ALA D 321 21.15 -12.37 16.56
CA ALA D 321 21.24 -13.21 15.37
C ALA D 321 22.29 -14.30 15.62
N LYS D 322 23.36 -13.87 16.28
CA LYS D 322 24.45 -14.82 16.60
C LYS D 322 23.95 -15.93 17.53
N ALA D 323 23.25 -15.54 18.57
CA ALA D 323 22.72 -16.48 19.58
C ALA D 323 21.69 -17.40 18.92
N PHE D 324 20.96 -16.80 17.98
CA PHE D 324 19.91 -17.61 17.30
C PHE D 324 20.51 -18.85 16.66
N ARG D 325 21.54 -18.65 15.87
CA ARG D 325 22.24 -19.67 15.09
C ARG D 325 23.06 -20.64 15.95
N ALA D 326 23.54 -20.23 17.09
CA ALA D 326 24.33 -21.10 17.96
C ALA D 326 23.42 -21.93 18.87
N ASP D 327 22.14 -21.87 18.68
CA ASP D 327 21.16 -22.59 19.51
C ASP D 327 20.83 -23.93 18.88
N PRO D 328 21.20 -24.95 19.65
CA PRO D 328 21.00 -26.35 19.24
C PRO D 328 19.53 -26.58 18.95
N GLU D 329 18.65 -25.87 19.63
CA GLU D 329 17.22 -26.07 19.29
C GLU D 329 16.87 -25.47 17.93
N VAL D 330 17.47 -24.32 17.68
CA VAL D 330 17.23 -23.63 16.39
C VAL D 330 17.76 -24.55 15.29
N GLN D 331 18.98 -25.09 15.56
CA GLN D 331 19.60 -26.00 14.57
C GLN D 331 18.70 -27.19 14.29
N GLU D 332 18.13 -27.74 15.37
CA GLU D 332 17.21 -28.88 15.23
C GLU D 332 15.98 -28.49 14.43
N ALA D 333 15.47 -27.28 14.59
CA ALA D 333 14.29 -26.80 13.87
C ALA D 333 14.65 -26.59 12.40
N LEU D 334 15.85 -26.02 12.16
CA LEU D 334 16.31 -25.84 10.76
C LEU D 334 16.37 -27.15 10.01
N ALA D 335 16.85 -28.21 10.67
CA ALA D 335 16.96 -29.53 10.04
C ALA D 335 15.57 -30.07 9.73
N ALA D 336 14.65 -29.92 10.71
CA ALA D 336 13.27 -30.39 10.51
C ALA D 336 12.59 -29.61 9.39
N SER D 337 12.90 -28.32 9.24
CA SER D 337 12.30 -27.48 8.18
C SER D 337 12.97 -27.65 6.82
N LYS D 338 14.05 -28.44 6.84
CA LYS D 338 14.84 -28.73 5.64
C LYS D 338 15.42 -27.53 4.91
N VAL D 339 15.84 -26.52 5.65
CA VAL D 339 16.38 -25.32 5.05
C VAL D 339 17.60 -25.59 4.19
N ALA D 340 18.55 -26.32 4.75
CA ALA D 340 19.81 -26.65 4.13
C ALA D 340 19.67 -27.54 2.93
N GLU D 341 18.62 -28.31 2.89
CA GLU D 341 18.39 -29.26 1.79
C GLU D 341 18.15 -28.51 0.49
N LEU D 342 17.91 -27.22 0.57
CA LEU D 342 17.68 -26.45 -0.68
C LEU D 342 19.04 -26.27 -1.36
N LYS D 343 20.08 -26.31 -0.55
CA LYS D 343 21.46 -26.16 -1.02
C LYS D 343 22.03 -27.34 -1.80
N THR D 344 21.37 -28.48 -1.75
CA THR D 344 21.78 -29.68 -2.46
C THR D 344 21.13 -29.63 -3.84
N PRO D 345 21.91 -29.77 -4.88
CA PRO D 345 21.41 -29.73 -6.26
C PRO D 345 20.22 -30.65 -6.39
N THR D 346 19.31 -30.34 -7.31
CA THR D 346 18.12 -31.15 -7.53
C THR D 346 18.46 -32.43 -8.28
N LEU D 347 19.39 -32.24 -9.20
CA LEU D 347 19.88 -33.33 -10.05
C LEU D 347 21.10 -33.95 -9.35
N ASN D 348 21.23 -35.24 -9.61
CA ASN D 348 22.39 -35.98 -9.08
C ASN D 348 23.55 -35.57 -10.00
N PRO D 349 24.72 -35.72 -9.46
CA PRO D 349 25.95 -35.42 -10.21
C PRO D 349 25.91 -36.24 -11.51
N GLY D 350 26.12 -35.53 -12.60
CA GLY D 350 26.11 -36.15 -13.91
C GLY D 350 24.73 -36.48 -14.41
N GLU D 351 23.66 -36.33 -13.65
CA GLU D 351 22.30 -36.64 -14.15
C GLU D 351 21.81 -35.52 -15.06
N GLY D 352 21.17 -35.90 -16.14
CA GLY D 352 20.64 -34.94 -17.14
C GLY D 352 19.14 -35.27 -17.27
N TYR D 353 18.53 -34.68 -18.26
CA TYR D 353 17.09 -34.92 -18.45
C TYR D 353 16.76 -36.35 -18.81
N ALA D 354 17.69 -36.93 -19.53
CA ALA D 354 17.54 -38.33 -19.98
C ALA D 354 17.44 -39.23 -18.76
N GLU D 355 18.38 -39.03 -17.83
CA GLU D 355 18.37 -39.82 -16.59
C GLU D 355 17.14 -39.45 -15.77
N LEU D 356 16.83 -38.16 -15.66
CA LEU D 356 15.68 -37.70 -14.86
C LEU D 356 14.40 -38.32 -15.42
N LEU D 357 14.34 -38.28 -16.75
CA LEU D 357 13.14 -38.88 -17.39
C LEU D 357 12.97 -40.37 -17.13
N ALA D 358 14.08 -41.03 -16.84
CA ALA D 358 14.11 -42.46 -16.56
C ALA D 358 13.81 -42.84 -15.12
N ASP D 359 13.85 -41.88 -14.22
CA ASP D 359 13.61 -42.10 -12.78
C ASP D 359 12.11 -42.05 -12.48
N ARG D 360 11.53 -43.23 -12.31
CA ARG D 360 10.09 -43.41 -12.05
C ARG D 360 9.74 -42.91 -10.65
N SER D 361 10.76 -42.75 -9.85
CA SER D 361 10.59 -42.27 -8.49
C SER D 361 10.39 -40.74 -8.53
N ALA D 362 10.73 -40.13 -9.66
CA ALA D 362 10.54 -38.68 -9.80
C ALA D 362 9.13 -38.41 -10.36
N PHE D 363 8.39 -39.43 -10.71
CA PHE D 363 7.07 -39.17 -11.27
C PHE D 363 6.11 -40.34 -11.24
N GLU D 364 6.40 -41.33 -12.06
CA GLU D 364 5.53 -42.51 -12.17
C GLU D 364 5.24 -43.10 -10.81
N ASP D 365 6.22 -43.32 -9.99
CA ASP D 365 5.99 -43.89 -8.65
C ASP D 365 6.12 -42.88 -7.52
N TYR D 366 5.93 -41.61 -7.83
CA TYR D 366 6.03 -40.58 -6.80
C TYR D 366 4.70 -40.48 -6.06
N ASP D 367 4.78 -40.58 -4.75
CA ASP D 367 3.54 -40.42 -3.95
C ASP D 367 3.41 -38.96 -3.50
N ALA D 368 2.84 -38.15 -4.37
CA ALA D 368 2.63 -36.72 -4.13
C ALA D 368 1.81 -36.46 -2.88
N ASP D 369 0.76 -37.23 -2.75
CA ASP D 369 -0.19 -37.20 -1.65
C ASP D 369 0.48 -37.46 -0.32
N ALA D 370 1.42 -38.36 -0.23
CA ALA D 370 2.11 -38.61 1.05
C ALA D 370 3.04 -37.48 1.44
N VAL D 371 3.80 -37.01 0.47
CA VAL D 371 4.74 -35.89 0.69
C VAL D 371 3.92 -34.64 1.02
N GLY D 372 2.90 -34.36 0.25
CA GLY D 372 1.99 -33.25 0.45
C GLY D 372 1.43 -33.11 1.87
N ALA D 373 1.35 -34.19 2.61
CA ALA D 373 0.84 -34.18 3.98
C ALA D 373 1.89 -33.92 5.06
N LYS D 374 3.17 -33.96 4.81
CA LYS D 374 4.19 -33.70 5.83
C LYS D 374 4.29 -32.19 6.04
N GLY D 375 4.38 -31.77 7.27
CA GLY D 375 4.46 -30.37 7.67
C GLY D 375 5.95 -29.96 7.61
N PHE D 376 6.17 -28.68 7.37
CA PHE D 376 7.56 -28.19 7.33
C PHE D 376 8.02 -27.65 8.65
N GLY D 377 7.21 -27.41 9.63
CA GLY D 377 7.65 -26.87 10.92
C GLY D 377 8.10 -25.41 10.82
N PHE D 378 7.65 -24.66 9.85
CA PHE D 378 8.05 -23.26 9.69
C PHE D 378 7.61 -22.36 10.81
N VAL D 379 6.41 -22.51 11.35
CA VAL D 379 5.93 -21.64 12.44
C VAL D 379 6.78 -21.73 13.68
N LYS D 380 7.08 -22.96 13.99
CA LYS D 380 7.90 -23.24 15.18
C LYS D 380 9.27 -22.59 15.01
N LEU D 381 9.86 -22.72 13.82
CA LEU D 381 11.17 -22.10 13.55
C LEU D 381 11.09 -20.58 13.69
N ASN D 382 10.01 -19.98 13.21
CA ASN D 382 9.76 -18.52 13.27
C ASN D 382 9.59 -18.10 14.72
N GLN D 383 8.94 -18.93 15.50
CA GLN D 383 8.76 -18.63 16.94
C GLN D 383 10.09 -18.60 17.67
N LEU D 384 11.02 -19.51 17.41
CA LEU D 384 12.33 -19.54 18.09
C LEU D 384 13.18 -18.31 17.74
N ALA D 385 13.06 -17.90 16.48
CA ALA D 385 13.75 -16.71 15.96
C ALA D 385 13.26 -15.49 16.73
N ILE D 386 11.96 -15.33 16.83
CA ILE D 386 11.38 -14.19 17.57
C ILE D 386 11.73 -14.31 19.04
N GLU D 387 11.78 -15.50 19.61
CA GLU D 387 12.14 -15.62 21.04
C GLU D 387 13.55 -15.20 21.25
N HIS D 388 14.42 -15.42 20.29
CA HIS D 388 15.83 -14.93 20.41
C HIS D 388 15.90 -13.40 20.37
N LEU D 389 15.20 -12.81 19.40
CA LEU D 389 15.14 -11.36 19.22
C LEU D 389 14.60 -10.73 20.51
N LEU D 390 13.60 -11.33 21.14
CA LEU D 390 12.99 -10.85 22.37
C LEU D 390 13.89 -11.08 23.59
N GLY D 391 14.97 -11.79 23.44
CA GLY D 391 15.87 -12.07 24.58
C GLY D 391 15.16 -13.00 25.55
N ALA D 392 14.23 -13.80 25.07
CA ALA D 392 13.45 -14.72 25.87
C ALA D 392 14.12 -16.09 25.87
N ARG D 393 15.15 -16.22 25.09
CA ARG D 393 15.93 -17.46 24.95
C ARG D 393 17.41 -17.02 25.05
C1 XLS E . -12.30 -13.00 8.30
C2 XLS E . -12.85 -12.44 9.58
C3 XLS E . -13.69 -13.55 10.24
C4 XLS E . -14.56 -13.13 11.40
C5 XLS E . -15.65 -14.09 11.77
O1 XLS E . -11.55 -12.04 7.55
O2 XLS E . -11.85 -11.92 10.46
O3 XLS E . -12.85 -14.59 10.72
O4 XLS E . -13.95 -12.50 12.52
O5 XLS E . -16.63 -14.05 10.76
MN MN F . -11.76 -11.52 12.60
MN MN G . -8.21 -11.41 8.93
C1 XLS H . -1.98 -16.39 -11.00
C2 XLS H . -1.10 -16.31 -12.23
C3 XLS H . -1.37 -17.46 -13.22
C4 XLS H . -0.28 -17.62 -14.27
C5 XLS H . -0.36 -18.95 -14.96
O1 XLS H . -1.83 -15.21 -10.22
O2 XLS H . -1.28 -15.04 -12.87
O3 XLS H . -2.61 -17.24 -13.88
O4 XLS H . -0.18 -16.58 -15.22
O5 XLS H . 0.14 -19.93 -14.08
MN MN I . -0.91 -14.34 -14.97
MN MN J . -3.20 -12.20 -11.07
C1 XLS K . -2.77 19.35 3.31
C2 XLS K . -4.20 19.67 3.63
C3 XLS K . -4.45 21.17 3.78
C4 XLS K . -5.87 21.48 4.27
C5 XLS K . -6.00 22.93 4.69
O1 XLS K . -2.44 17.98 3.27
O2 XLS K . -5.08 19.10 2.64
O3 XLS K . -4.27 21.89 2.58
O4 XLS K . -6.90 21.10 3.37
O5 XLS K . -5.01 23.12 5.70
MN MN L . -7.09 19.32 1.87
MN MN M . -3.39 16.41 0.14
C1 XLS N . 16.96 10.18 -0.77
C2 XLS N . 18.11 9.24 -1.06
C3 XLS N . 19.49 9.92 -0.86
C4 XLS N . 20.64 9.08 -1.45
C5 XLS N . 21.88 9.87 -1.80
O1 XLS N . 15.73 9.49 -0.56
O2 XLS N . 18.00 8.07 -0.23
O3 XLS N . 19.77 10.11 0.53
O4 XLS N . 20.95 7.91 -0.67
O5 XLS N . 21.59 11.03 -2.59
MN MN O . 19.64 6.53 0.60
MN MN P . 14.93 7.24 2.08
#